data_2K3V
#
_entry.id   2K3V
#
_cell.length_a   1.000
_cell.length_b   1.000
_cell.length_c   1.000
_cell.angle_alpha   90.00
_cell.angle_beta   90.00
_cell.angle_gamma   90.00
#
_symmetry.space_group_name_H-M   'P 1'
#
loop_
_entity.id
_entity.type
_entity.pdbx_description
1 polymer 'Tetraheme cytochrome c-type'
2 non-polymer 'HEME C'
#
_entity_poly.entity_id   1
_entity_poly.type   'polypeptide(L)'
_entity_poly.pdbx_seq_one_letter_code
;ADETLAEFHVEMGGCENCHADGEPSKDGAYEFEQCQSCHGSLAEMDDNHKPHDGLLMCADCHAPHEAKVGEKPTCDTCHD
DGRTAK
;
_entity_poly.pdbx_strand_id   A
#
# COMPACT_ATOMS: atom_id res chain seq x y z
N ALA A 1 -18.89 -2.60 -7.98
CA ALA A 1 -19.07 -1.79 -6.79
C ALA A 1 -18.04 -2.19 -5.74
N ASP A 2 -16.78 -1.92 -6.07
CA ASP A 2 -15.69 -2.24 -5.16
C ASP A 2 -15.31 -0.99 -4.35
N GLU A 3 -14.93 -1.22 -3.11
CA GLU A 3 -14.55 -0.13 -2.23
C GLU A 3 -13.04 0.02 -2.21
N THR A 4 -12.59 1.27 -2.15
CA THR A 4 -11.16 1.56 -2.12
C THR A 4 -10.50 0.88 -0.93
N LEU A 5 -9.19 0.75 -1.01
CA LEU A 5 -8.43 0.11 0.04
C LEU A 5 -8.50 0.97 1.31
N ALA A 6 -8.37 2.27 1.10
CA ALA A 6 -8.42 3.22 2.21
C ALA A 6 -9.77 3.06 2.95
N GLU A 7 -10.78 2.65 2.18
CA GLU A 7 -12.10 2.46 2.75
C GLU A 7 -12.14 1.19 3.59
N PHE A 8 -11.81 0.08 2.95
CA PHE A 8 -11.80 -1.21 3.63
C PHE A 8 -11.11 -1.11 4.99
N HIS A 9 -10.05 -0.32 5.02
CA HIS A 9 -9.30 -0.13 6.25
C HIS A 9 -10.08 0.78 7.20
N VAL A 10 -10.74 1.77 6.62
CA VAL A 10 -11.53 2.71 7.40
C VAL A 10 -12.57 1.93 8.21
N GLU A 11 -13.38 1.17 7.50
CA GLU A 11 -14.41 0.37 8.14
C GLU A 11 -13.82 -0.48 9.26
N MET A 12 -12.51 -0.67 9.18
CA MET A 12 -11.81 -1.45 10.18
C MET A 12 -11.07 -0.55 11.17
N GLY A 13 -11.47 0.70 11.19
CA GLY A 13 -10.86 1.67 12.08
C GLY A 13 -11.39 3.08 11.81
N GLY A 14 -10.88 3.67 10.74
CA GLY A 14 -11.30 5.01 10.36
C GLY A 14 -10.26 5.68 9.46
N CYS A 15 -10.43 6.98 9.27
CA CYS A 15 -9.51 7.74 8.45
C CYS A 15 -8.19 7.90 9.22
N GLU A 16 -8.27 7.68 10.51
CA GLU A 16 -7.09 7.79 11.36
C GLU A 16 -6.28 6.50 11.32
N ASN A 17 -6.63 5.64 10.37
CA ASN A 17 -5.95 4.37 10.21
C ASN A 17 -4.55 4.62 9.63
N CYS A 18 -4.43 5.74 8.93
CA CYS A 18 -3.17 6.11 8.31
C CYS A 18 -3.05 7.63 8.30
N HIS A 19 -3.77 8.25 9.23
CA HIS A 19 -3.76 9.69 9.35
C HIS A 19 -3.85 10.09 10.82
N ALA A 20 -3.04 11.08 11.18
CA ALA A 20 -3.02 11.57 12.55
C ALA A 20 -3.85 12.85 12.64
N ASP A 21 -4.87 12.81 13.49
CA ASP A 21 -5.74 13.95 13.68
C ASP A 21 -6.06 14.57 12.32
N GLY A 22 -6.23 13.70 11.34
CA GLY A 22 -6.54 14.15 9.99
C GLY A 22 -5.47 15.11 9.46
N GLU A 23 -4.24 14.61 9.42
CA GLU A 23 -3.13 15.42 8.94
C GLU A 23 -2.12 14.53 8.20
N PRO A 24 -2.49 14.17 6.97
CA PRO A 24 -1.69 13.33 6.09
C PRO A 24 -0.27 13.86 6.06
N SER A 25 0.70 12.97 6.19
CA SER A 25 2.09 13.35 6.18
C SER A 25 2.43 14.05 4.85
N LYS A 26 3.53 14.79 4.87
CA LYS A 26 3.97 15.50 3.68
C LYS A 26 5.25 14.86 3.14
N ASP A 27 5.29 13.53 3.21
CA ASP A 27 6.44 12.80 2.74
C ASP A 27 6.00 11.44 2.20
N GLY A 28 5.42 10.65 3.11
CA GLY A 28 4.95 9.33 2.74
C GLY A 28 5.51 8.27 3.68
N ALA A 29 6.67 8.57 4.24
CA ALA A 29 7.33 7.66 5.16
C ALA A 29 6.46 7.47 6.40
N TYR A 30 6.07 8.60 6.99
CA TYR A 30 5.24 8.60 8.18
C TYR A 30 4.09 7.62 8.00
N GLU A 31 3.44 7.66 6.85
CA GLU A 31 2.32 6.77 6.57
C GLU A 31 2.82 5.34 6.42
N PHE A 32 3.83 5.18 5.57
CA PHE A 32 4.40 3.88 5.32
C PHE A 32 4.64 3.12 6.63
N GLU A 33 4.78 3.88 7.70
CA GLU A 33 5.01 3.29 9.02
C GLU A 33 3.74 2.60 9.51
N GLN A 34 2.62 3.28 9.33
CA GLN A 34 1.34 2.74 9.75
C GLN A 34 1.15 1.33 9.19
N CYS A 35 1.69 1.12 8.00
CA CYS A 35 1.59 -0.17 7.34
C CYS A 35 2.76 -1.04 7.81
N GLN A 36 2.96 -1.06 9.11
CA GLN A 36 4.02 -1.84 9.70
C GLN A 36 3.63 -2.31 11.11
N SER A 37 2.59 -3.10 11.17
CA SER A 37 2.11 -3.63 12.44
C SER A 37 1.17 -4.80 12.20
N CYS A 38 -0.03 -4.48 11.73
CA CYS A 38 -1.03 -5.50 11.46
C CYS A 38 -0.54 -6.33 10.27
N HIS A 39 0.50 -5.85 9.62
CA HIS A 39 1.06 -6.53 8.47
C HIS A 39 2.50 -6.94 8.78
N GLY A 40 3.42 -6.03 8.49
CA GLY A 40 4.83 -6.29 8.72
C GLY A 40 5.70 -5.48 7.76
N SER A 41 6.88 -6.02 7.48
CA SER A 41 7.82 -5.36 6.59
C SER A 41 7.94 -6.14 5.29
N LEU A 42 8.21 -5.42 4.22
CA LEU A 42 8.35 -6.03 2.91
C LEU A 42 9.45 -7.09 2.97
N ALA A 43 10.46 -6.80 3.78
CA ALA A 43 11.58 -7.71 3.93
C ALA A 43 11.11 -8.97 4.64
N GLU A 44 9.86 -8.92 5.11
CA GLU A 44 9.28 -10.05 5.81
C GLU A 44 8.08 -10.59 5.04
N MET A 45 8.08 -10.33 3.73
CA MET A 45 7.00 -10.77 2.88
C MET A 45 7.52 -11.73 1.80
N ASP A 46 6.63 -12.07 0.88
CA ASP A 46 6.98 -12.97 -0.20
C ASP A 46 8.28 -12.47 -0.87
N ASP A 47 8.73 -13.24 -1.86
CA ASP A 47 9.95 -12.91 -2.57
C ASP A 47 9.63 -11.86 -3.64
N ASN A 48 8.40 -11.38 -3.61
CA ASN A 48 7.95 -10.38 -4.57
C ASN A 48 7.96 -9.00 -3.90
N HIS A 49 7.63 -9.00 -2.62
CA HIS A 49 7.59 -7.77 -1.85
C HIS A 49 9.00 -7.41 -1.37
N LYS A 50 9.80 -8.45 -1.14
CA LYS A 50 11.16 -8.26 -0.69
C LYS A 50 11.91 -7.37 -1.68
N PRO A 51 12.12 -7.92 -2.88
CA PRO A 51 12.81 -7.24 -3.96
C PRO A 51 12.58 -5.75 -3.87
N HIS A 52 11.35 -5.35 -3.59
CA HIS A 52 11.02 -3.93 -3.48
C HIS A 52 11.44 -3.43 -2.10
N ASP A 53 11.03 -4.16 -1.08
CA ASP A 53 11.36 -3.79 0.29
C ASP A 53 12.54 -2.83 0.29
N GLY A 54 12.24 -1.57 0.55
CA GLY A 54 13.28 -0.54 0.59
C GLY A 54 13.43 0.11 -0.78
N LEU A 55 12.30 0.59 -1.31
CA LEU A 55 12.31 1.24 -2.60
C LEU A 55 11.06 2.12 -2.72
N LEU A 56 9.91 1.48 -2.75
CA LEU A 56 8.65 2.19 -2.85
C LEU A 56 7.73 1.76 -1.70
N MET A 57 6.88 2.70 -1.30
CA MET A 57 5.95 2.44 -0.22
C MET A 57 4.80 1.54 -0.69
N CYS A 58 4.01 1.11 0.29
CA CYS A 58 2.88 0.23 0.00
C CYS A 58 1.93 0.98 -0.93
N ALA A 59 1.28 2.00 -0.38
CA ALA A 59 0.35 2.80 -1.15
C ALA A 59 0.90 3.01 -2.57
N ASP A 60 2.13 3.50 -2.62
CA ASP A 60 2.77 3.75 -3.89
C ASP A 60 2.39 2.65 -4.88
N CYS A 61 2.17 1.46 -4.35
CA CYS A 61 1.79 0.32 -5.16
C CYS A 61 0.31 0.03 -4.92
N HIS A 62 -0.04 -0.08 -3.65
CA HIS A 62 -1.42 -0.36 -3.27
C HIS A 62 -2.18 0.94 -3.15
N ALA A 63 -2.16 1.72 -4.23
CA ALA A 63 -2.84 3.00 -4.25
C ALA A 63 -4.17 2.87 -3.51
N PRO A 64 -4.15 3.27 -2.23
CA PRO A 64 -5.29 3.24 -1.34
C PRO A 64 -6.37 4.17 -1.87
N HIS A 65 -6.02 5.44 -2.04
CA HIS A 65 -6.98 6.42 -2.54
C HIS A 65 -7.08 6.31 -4.06
N GLU A 66 -7.44 5.13 -4.52
CA GLU A 66 -7.58 4.88 -5.95
C GLU A 66 -7.90 3.41 -6.21
N ALA A 67 -6.98 2.55 -5.79
CA ALA A 67 -7.16 1.12 -5.97
C ALA A 67 -8.40 0.67 -5.19
N LYS A 68 -8.79 -0.58 -5.45
CA LYS A 68 -9.94 -1.14 -4.79
C LYS A 68 -9.62 -2.57 -4.33
N VAL A 69 -9.99 -2.86 -3.09
CA VAL A 69 -9.74 -4.18 -2.52
C VAL A 69 -9.97 -5.24 -3.61
N GLY A 70 -9.01 -6.13 -3.73
CA GLY A 70 -9.10 -7.20 -4.71
C GLY A 70 -8.62 -6.72 -6.09
N GLU A 71 -7.60 -5.88 -6.06
CA GLU A 71 -7.04 -5.35 -7.29
C GLU A 71 -5.51 -5.39 -7.25
N LYS A 72 -4.95 -6.41 -7.87
CA LYS A 72 -3.51 -6.57 -7.91
C LYS A 72 -2.91 -5.58 -8.91
N PRO A 73 -2.12 -4.65 -8.38
CA PRO A 73 -1.44 -3.62 -9.14
C PRO A 73 -0.81 -4.22 -10.37
N THR A 74 -0.60 -3.41 -11.40
CA THR A 74 0.01 -3.89 -12.63
C THR A 74 1.47 -3.46 -12.71
N CYS A 75 2.31 -4.41 -13.09
CA CYS A 75 3.74 -4.14 -13.21
C CYS A 75 3.95 -3.16 -14.37
N ASP A 76 2.97 -3.14 -15.27
CA ASP A 76 3.03 -2.26 -16.42
C ASP A 76 2.94 -0.81 -15.95
N THR A 77 2.63 -0.65 -14.67
CA THR A 77 2.51 0.67 -14.09
C THR A 77 3.87 1.15 -13.56
N CYS A 78 4.91 0.45 -13.97
CA CYS A 78 6.26 0.78 -13.56
C CYS A 78 7.24 0.05 -14.47
N HIS A 79 7.10 -1.27 -14.50
CA HIS A 79 7.96 -2.09 -15.32
C HIS A 79 7.36 -2.23 -16.72
N ASP A 80 8.24 -2.11 -17.72
CA ASP A 80 7.81 -2.22 -19.10
C ASP A 80 8.66 -3.27 -19.81
N ASP A 81 8.94 -4.35 -19.08
CA ASP A 81 9.73 -5.44 -19.62
C ASP A 81 8.90 -6.72 -19.62
N GLY A 82 7.60 -6.53 -19.65
CA GLY A 82 6.68 -7.66 -19.65
C GLY A 82 6.43 -8.17 -18.22
N ARG A 83 7.19 -7.61 -17.29
CA ARG A 83 7.05 -7.99 -15.89
C ARG A 83 5.61 -8.34 -15.57
N THR A 84 5.42 -9.53 -15.01
CA THR A 84 4.10 -10.00 -14.66
C THR A 84 4.05 -10.37 -13.17
N ALA A 85 2.83 -10.36 -12.63
CA ALA A 85 2.64 -10.68 -11.24
C ALA A 85 2.72 -12.20 -11.05
N LYS A 86 3.20 -12.61 -9.89
CA LYS A 86 3.33 -14.02 -9.58
C LYS A 86 2.47 -14.35 -8.36
N ALA A 1 -17.19 -3.12 -8.67
CA ALA A 1 -17.89 -2.34 -7.67
C ALA A 1 -17.33 -2.67 -6.29
N ASP A 2 -16.04 -2.39 -6.12
CA ASP A 2 -15.38 -2.64 -4.86
C ASP A 2 -14.93 -1.32 -4.24
N GLU A 3 -15.02 -1.26 -2.93
CA GLU A 3 -14.63 -0.05 -2.21
C GLU A 3 -13.10 0.08 -2.20
N THR A 4 -12.65 1.32 -2.11
CA THR A 4 -11.22 1.60 -2.08
C THR A 4 -10.56 0.90 -0.89
N LEU A 5 -9.26 0.67 -1.02
CA LEU A 5 -8.51 0.02 0.03
C LEU A 5 -8.57 0.88 1.31
N ALA A 6 -8.44 2.18 1.11
CA ALA A 6 -8.48 3.11 2.22
C ALA A 6 -9.79 2.92 2.99
N GLU A 7 -10.87 2.77 2.24
CA GLU A 7 -12.18 2.58 2.83
C GLU A 7 -12.21 1.29 3.66
N PHE A 8 -11.94 0.18 2.98
CA PHE A 8 -11.92 -1.11 3.64
C PHE A 8 -11.21 -1.03 4.99
N HIS A 9 -10.15 -0.23 5.02
CA HIS A 9 -9.37 -0.06 6.24
C HIS A 9 -10.14 0.82 7.22
N VAL A 10 -10.79 1.83 6.66
CA VAL A 10 -11.57 2.76 7.47
C VAL A 10 -12.60 1.97 8.28
N GLU A 11 -13.39 1.19 7.58
CA GLU A 11 -14.42 0.38 8.22
C GLU A 11 -13.80 -0.45 9.35
N MET A 12 -12.50 -0.62 9.27
CA MET A 12 -11.78 -1.39 10.28
C MET A 12 -11.03 -0.47 11.25
N GLY A 13 -11.45 0.78 11.26
CA GLY A 13 -10.83 1.77 12.13
C GLY A 13 -11.38 3.18 11.84
N GLY A 14 -10.85 3.77 10.78
CA GLY A 14 -11.26 5.09 10.38
C GLY A 14 -10.22 5.74 9.47
N CYS A 15 -10.37 7.05 9.28
CA CYS A 15 -9.46 7.80 8.44
C CYS A 15 -8.14 7.96 9.19
N GLU A 16 -8.20 7.73 10.50
CA GLU A 16 -7.02 7.85 11.34
C GLU A 16 -6.21 6.55 11.28
N ASN A 17 -6.56 5.71 10.33
CA ASN A 17 -5.87 4.44 10.16
C ASN A 17 -4.49 4.69 9.56
N CYS A 18 -4.38 5.81 8.84
CA CYS A 18 -3.12 6.18 8.21
C CYS A 18 -3.04 7.70 8.18
N HIS A 19 -3.70 8.32 9.14
CA HIS A 19 -3.69 9.77 9.23
C HIS A 19 -3.75 10.19 10.70
N ALA A 20 -2.74 10.95 11.10
CA ALA A 20 -2.66 11.42 12.47
C ALA A 20 -3.53 12.68 12.63
N ASP A 21 -4.54 12.55 13.47
CA ASP A 21 -5.44 13.67 13.72
C ASP A 21 -5.86 14.28 12.38
N GLY A 22 -6.07 13.41 11.40
CA GLY A 22 -6.47 13.86 10.08
C GLY A 22 -5.49 14.91 9.53
N GLU A 23 -4.21 14.53 9.52
CA GLU A 23 -3.17 15.41 9.04
C GLU A 23 -2.11 14.62 8.28
N PRO A 24 -2.46 14.24 7.05
CA PRO A 24 -1.60 13.47 6.16
C PRO A 24 -0.17 13.99 6.26
N SER A 25 0.76 13.11 6.58
CA SER A 25 2.15 13.50 6.70
C SER A 25 2.59 14.27 5.46
N LYS A 26 3.69 14.98 5.60
CA LYS A 26 4.22 15.77 4.50
C LYS A 26 5.55 15.15 4.04
N ASP A 27 5.57 13.84 4.00
CA ASP A 27 6.77 13.11 3.59
C ASP A 27 6.36 11.83 2.85
N GLY A 28 5.68 10.96 3.59
CA GLY A 28 5.23 9.70 3.04
C GLY A 28 5.78 8.52 3.84
N ALA A 29 6.81 8.80 4.62
CA ALA A 29 7.44 7.77 5.44
C ALA A 29 6.61 7.57 6.71
N TYR A 30 6.51 8.65 7.48
CA TYR A 30 5.77 8.63 8.73
C TYR A 30 4.48 7.83 8.56
N GLU A 31 3.76 8.10 7.48
CA GLU A 31 2.52 7.40 7.21
C GLU A 31 2.81 5.94 6.85
N PHE A 32 3.72 5.76 5.90
CA PHE A 32 4.09 4.43 5.46
C PHE A 32 4.32 3.50 6.64
N GLU A 33 4.75 4.10 7.75
CA GLU A 33 5.01 3.34 8.96
C GLU A 33 3.74 2.66 9.45
N GLN A 34 2.63 3.39 9.33
CA GLN A 34 1.35 2.87 9.76
C GLN A 34 1.15 1.45 9.23
N CYS A 35 1.63 1.23 8.02
CA CYS A 35 1.52 -0.07 7.38
C CYS A 35 2.68 -0.95 7.85
N GLN A 36 2.87 -0.97 9.17
CA GLN A 36 3.94 -1.75 9.75
C GLN A 36 3.55 -2.21 11.16
N SER A 37 2.53 -3.05 11.21
CA SER A 37 2.06 -3.58 12.48
C SER A 37 1.10 -4.74 12.25
N CYS A 38 -0.09 -4.40 11.76
CA CYS A 38 -1.11 -5.41 11.49
C CYS A 38 -0.63 -6.25 10.30
N HIS A 39 0.42 -5.77 9.65
CA HIS A 39 0.97 -6.46 8.50
C HIS A 39 2.41 -6.89 8.80
N GLY A 40 3.34 -5.99 8.51
CA GLY A 40 4.75 -6.26 8.74
C GLY A 40 5.62 -5.47 7.78
N SER A 41 6.78 -6.04 7.48
CA SER A 41 7.73 -5.40 6.58
C SER A 41 7.83 -6.20 5.27
N LEU A 42 8.11 -5.49 4.19
CA LEU A 42 8.23 -6.11 2.89
C LEU A 42 9.32 -7.20 2.96
N ALA A 43 10.38 -6.89 3.68
CA ALA A 43 11.49 -7.81 3.84
C ALA A 43 10.99 -9.07 4.56
N GLU A 44 9.80 -8.97 5.13
CA GLU A 44 9.20 -10.07 5.85
C GLU A 44 8.05 -10.67 5.03
N MET A 45 8.03 -10.33 3.75
CA MET A 45 6.98 -10.82 2.87
C MET A 45 7.58 -11.76 1.81
N ASP A 46 6.73 -12.14 0.86
CA ASP A 46 7.15 -13.03 -0.20
C ASP A 46 8.43 -12.48 -0.85
N ASP A 47 8.92 -13.22 -1.84
CA ASP A 47 10.13 -12.82 -2.53
C ASP A 47 9.76 -11.82 -3.63
N ASN A 48 8.51 -11.37 -3.58
CA ASN A 48 8.04 -10.40 -4.56
C ASN A 48 7.97 -9.01 -3.91
N HIS A 49 7.66 -9.01 -2.63
CA HIS A 49 7.57 -7.76 -1.89
C HIS A 49 8.95 -7.35 -1.39
N LYS A 50 9.76 -8.36 -1.08
CA LYS A 50 11.11 -8.12 -0.60
C LYS A 50 11.87 -7.26 -1.63
N PRO A 51 11.95 -7.79 -2.84
CA PRO A 51 12.62 -7.16 -3.96
C PRO A 51 12.41 -5.65 -3.89
N HIS A 52 11.23 -5.23 -3.48
CA HIS A 52 10.92 -3.81 -3.39
C HIS A 52 11.31 -3.31 -1.99
N ASP A 53 11.03 -4.13 -1.00
CA ASP A 53 11.34 -3.78 0.37
C ASP A 53 12.48 -2.76 0.39
N GLY A 54 12.11 -1.51 0.51
CA GLY A 54 13.09 -0.44 0.54
C GLY A 54 13.26 0.19 -0.85
N LEU A 55 12.15 0.63 -1.40
CA LEU A 55 12.15 1.26 -2.71
C LEU A 55 10.90 2.13 -2.87
N LEU A 56 9.75 1.46 -2.88
CA LEU A 56 8.49 2.16 -3.03
C LEU A 56 7.55 1.73 -1.89
N MET A 57 6.81 2.70 -1.38
CA MET A 57 5.88 2.45 -0.30
C MET A 57 4.75 1.52 -0.76
N CYS A 58 3.96 1.08 0.20
CA CYS A 58 2.84 0.20 -0.09
C CYS A 58 1.88 0.93 -1.02
N ALA A 59 1.20 1.92 -0.47
CA ALA A 59 0.25 2.70 -1.23
C ALA A 59 0.79 2.90 -2.65
N ASP A 60 2.02 3.37 -2.72
CA ASP A 60 2.66 3.61 -4.01
C ASP A 60 2.24 2.52 -4.99
N CYS A 61 2.01 1.32 -4.45
CA CYS A 61 1.60 0.21 -5.28
C CYS A 61 0.11 -0.07 -5.00
N HIS A 62 -0.20 -0.22 -3.73
CA HIS A 62 -1.57 -0.49 -3.33
C HIS A 62 -2.33 0.84 -3.18
N ALA A 63 -2.31 1.62 -4.26
CA ALA A 63 -2.98 2.91 -4.26
C ALA A 63 -4.31 2.78 -3.50
N PRO A 64 -4.26 3.19 -2.23
CA PRO A 64 -5.40 3.16 -1.33
C PRO A 64 -6.48 4.10 -1.86
N HIS A 65 -6.13 5.36 -2.07
CA HIS A 65 -7.08 6.34 -2.56
C HIS A 65 -7.20 6.22 -4.08
N GLU A 66 -7.52 5.01 -4.52
CA GLU A 66 -7.67 4.75 -5.95
C GLU A 66 -8.10 3.30 -6.18
N ALA A 67 -7.14 2.39 -5.99
CA ALA A 67 -7.40 0.98 -6.17
C ALA A 67 -8.54 0.55 -5.24
N LYS A 68 -9.06 -0.63 -5.52
CA LYS A 68 -10.16 -1.17 -4.71
C LYS A 68 -9.80 -2.60 -4.27
N VAL A 69 -10.12 -2.88 -3.02
CA VAL A 69 -9.85 -4.19 -2.45
C VAL A 69 -10.06 -5.26 -3.53
N GLY A 70 -9.10 -6.18 -3.61
CA GLY A 70 -9.17 -7.25 -4.58
C GLY A 70 -8.61 -6.79 -5.93
N GLU A 71 -7.54 -6.02 -5.87
CA GLU A 71 -6.90 -5.51 -7.07
C GLU A 71 -5.46 -5.98 -7.14
N LYS A 72 -5.05 -6.37 -8.34
CA LYS A 72 -3.70 -6.86 -8.56
C LYS A 72 -2.96 -5.88 -9.49
N PRO A 73 -2.25 -4.94 -8.87
CA PRO A 73 -1.47 -3.92 -9.54
C PRO A 73 -0.80 -4.52 -10.77
N THR A 74 -0.46 -3.68 -11.74
CA THR A 74 0.18 -4.16 -12.95
C THR A 74 1.63 -3.65 -13.01
N CYS A 75 2.53 -4.60 -13.25
CA CYS A 75 3.95 -4.26 -13.34
C CYS A 75 4.16 -3.37 -14.56
N ASP A 76 3.49 -3.73 -15.64
CA ASP A 76 3.59 -2.98 -16.88
C ASP A 76 3.51 -1.48 -16.57
N THR A 77 2.87 -1.18 -15.45
CA THR A 77 2.72 0.20 -15.03
C THR A 77 4.08 0.83 -14.78
N CYS A 78 4.96 0.06 -14.15
CA CYS A 78 6.30 0.54 -13.84
C CYS A 78 7.29 -0.24 -14.72
N HIS A 79 7.18 -1.56 -14.67
CA HIS A 79 8.04 -2.42 -15.45
C HIS A 79 7.37 -2.76 -16.78
N ASP A 80 7.69 -1.97 -17.79
CA ASP A 80 7.12 -2.18 -19.11
C ASP A 80 8.04 -3.11 -19.92
N ASP A 81 8.64 -4.05 -19.21
CA ASP A 81 9.54 -5.00 -19.83
C ASP A 81 8.86 -6.38 -19.88
N GLY A 82 7.55 -6.36 -19.73
CA GLY A 82 6.78 -7.60 -19.75
C GLY A 82 6.59 -8.16 -18.34
N ARG A 83 7.34 -7.58 -17.40
CA ARG A 83 7.27 -8.00 -16.01
C ARG A 83 5.84 -8.40 -15.66
N THR A 84 5.71 -9.59 -15.09
CA THR A 84 4.41 -10.11 -14.70
C THR A 84 4.42 -10.51 -13.22
N ALA A 85 3.22 -10.52 -12.64
CA ALA A 85 3.09 -10.88 -11.24
C ALA A 85 3.31 -12.38 -11.07
N LYS A 86 3.78 -12.76 -9.89
CA LYS A 86 4.04 -14.15 -9.60
C LYS A 86 2.95 -14.69 -8.67
N ALA A 1 -16.67 -4.67 -0.12
CA ALA A 1 -17.95 -4.54 -0.79
C ALA A 1 -17.90 -3.37 -1.77
N ASP A 2 -17.07 -3.53 -2.78
CA ASP A 2 -16.92 -2.49 -3.80
C ASP A 2 -16.55 -1.17 -3.12
N GLU A 3 -15.25 -0.92 -3.03
CA GLU A 3 -14.76 0.30 -2.41
C GLU A 3 -13.23 0.35 -2.48
N THR A 4 -12.69 1.49 -2.09
CA THR A 4 -11.25 1.69 -2.10
C THR A 4 -10.61 0.98 -0.91
N LEU A 5 -9.31 0.77 -1.01
CA LEU A 5 -8.57 0.12 0.05
C LEU A 5 -8.62 0.97 1.31
N ALA A 6 -8.43 2.27 1.13
CA ALA A 6 -8.44 3.21 2.23
C ALA A 6 -9.78 3.07 2.99
N GLU A 7 -10.80 2.69 2.23
CA GLU A 7 -12.12 2.52 2.81
C GLU A 7 -12.18 1.24 3.65
N PHE A 8 -11.92 0.13 2.98
CA PHE A 8 -11.95 -1.16 3.65
C PHE A 8 -11.24 -1.08 5.00
N HIS A 9 -10.18 -0.29 5.03
CA HIS A 9 -9.40 -0.11 6.26
C HIS A 9 -10.18 0.75 7.23
N VAL A 10 -10.83 1.78 6.69
CA VAL A 10 -11.61 2.69 7.51
C VAL A 10 -12.65 1.90 8.30
N GLU A 11 -13.44 1.12 7.56
CA GLU A 11 -14.47 0.31 8.18
C GLU A 11 -13.88 -0.54 9.31
N MET A 12 -12.58 -0.71 9.25
CA MET A 12 -11.87 -1.50 10.25
C MET A 12 -11.11 -0.59 11.22
N GLY A 13 -11.52 0.67 11.25
CA GLY A 13 -10.89 1.64 12.12
C GLY A 13 -11.44 3.04 11.86
N GLY A 14 -10.88 3.66 10.83
CA GLY A 14 -11.29 5.01 10.47
C GLY A 14 -10.28 5.65 9.52
N CYS A 15 -10.43 6.97 9.36
CA CYS A 15 -9.53 7.71 8.49
C CYS A 15 -8.20 7.90 9.23
N GLU A 16 -8.24 7.66 10.52
CA GLU A 16 -7.05 7.79 11.36
C GLU A 16 -6.22 6.51 11.30
N ASN A 17 -6.55 5.66 10.34
CA ASN A 17 -5.85 4.39 10.18
C ASN A 17 -4.48 4.67 9.57
N CYS A 18 -4.39 5.79 8.86
CA CYS A 18 -3.13 6.17 8.23
C CYS A 18 -3.05 7.70 8.21
N HIS A 19 -3.74 8.30 9.16
CA HIS A 19 -3.76 9.75 9.27
C HIS A 19 -3.83 10.16 10.75
N ALA A 20 -2.94 11.07 11.12
CA ALA A 20 -2.90 11.55 12.48
C ALA A 20 -3.75 12.82 12.61
N ASP A 21 -4.75 12.73 13.48
CA ASP A 21 -5.64 13.87 13.70
C ASP A 21 -5.96 14.52 12.36
N GLY A 22 -6.16 13.69 11.35
CA GLY A 22 -6.47 14.18 10.02
C GLY A 22 -5.36 15.10 9.50
N GLU A 23 -4.14 14.57 9.50
CA GLU A 23 -2.99 15.33 9.04
C GLU A 23 -2.08 14.43 8.19
N PRO A 24 -2.48 14.25 6.94
CA PRO A 24 -1.77 13.45 5.96
C PRO A 24 -0.29 13.84 5.96
N SER A 25 0.58 12.87 6.19
CA SER A 25 2.00 13.14 6.22
C SER A 25 2.41 13.95 4.98
N LYS A 26 3.57 14.58 5.07
CA LYS A 26 4.08 15.38 3.98
C LYS A 26 5.39 14.78 3.47
N ASP A 27 5.43 13.46 3.46
CA ASP A 27 6.61 12.74 3.01
C ASP A 27 6.22 11.36 2.50
N GLY A 28 5.65 10.57 3.40
CA GLY A 28 5.21 9.23 3.07
C GLY A 28 5.80 8.20 4.04
N ALA A 29 6.98 8.53 4.55
CA ALA A 29 7.65 7.65 5.49
C ALA A 29 6.75 7.42 6.71
N TYR A 30 6.29 8.54 7.29
CA TYR A 30 5.44 8.49 8.45
C TYR A 30 4.27 7.54 8.20
N GLU A 31 3.66 7.66 7.03
CA GLU A 31 2.54 6.80 6.69
C GLU A 31 3.01 5.36 6.51
N PHE A 32 4.07 5.20 5.74
CA PHE A 32 4.62 3.88 5.48
C PHE A 32 4.76 3.09 6.78
N GLU A 33 4.91 3.81 7.87
CA GLU A 33 5.05 3.18 9.17
C GLU A 33 3.73 2.55 9.60
N GLN A 34 2.64 3.29 9.35
CA GLN A 34 1.32 2.81 9.71
C GLN A 34 1.10 1.40 9.16
N CYS A 35 1.64 1.18 7.97
CA CYS A 35 1.50 -0.12 7.32
C CYS A 35 2.67 -1.01 7.78
N GLN A 36 2.89 -1.01 9.08
CA GLN A 36 3.95 -1.81 9.66
C GLN A 36 3.57 -2.27 11.07
N SER A 37 2.52 -3.07 11.12
CA SER A 37 2.04 -3.59 12.40
C SER A 37 1.09 -4.77 12.17
N CYS A 38 -0.10 -4.44 11.69
CA CYS A 38 -1.10 -5.45 11.42
C CYS A 38 -0.64 -6.29 10.22
N HIS A 39 0.42 -5.79 9.58
CA HIS A 39 0.97 -6.49 8.42
C HIS A 39 2.41 -6.91 8.72
N GLY A 40 3.34 -6.01 8.45
CA GLY A 40 4.74 -6.28 8.69
C GLY A 40 5.63 -5.45 7.76
N SER A 41 6.83 -5.94 7.53
CA SER A 41 7.77 -5.25 6.67
C SER A 41 7.95 -6.02 5.36
N LEU A 42 8.19 -5.26 4.29
CA LEU A 42 8.37 -5.86 2.98
C LEU A 42 9.51 -6.89 3.05
N ALA A 43 10.47 -6.60 3.90
CA ALA A 43 11.60 -7.49 4.08
C ALA A 43 11.16 -8.76 4.80
N GLU A 44 9.89 -8.75 5.21
CA GLU A 44 9.33 -9.89 5.91
C GLU A 44 8.11 -10.42 5.16
N MET A 45 8.09 -10.16 3.86
CA MET A 45 6.99 -10.60 3.02
C MET A 45 7.49 -11.60 1.96
N ASP A 46 6.58 -11.93 1.05
CA ASP A 46 6.90 -12.86 -0.02
C ASP A 46 8.19 -12.41 -0.71
N ASP A 47 8.61 -13.19 -1.70
CA ASP A 47 9.80 -12.89 -2.44
C ASP A 47 9.48 -11.87 -3.54
N ASN A 48 8.24 -11.38 -3.49
CA ASN A 48 7.79 -10.41 -4.47
C ASN A 48 7.82 -9.01 -3.84
N HIS A 49 7.66 -8.98 -2.53
CA HIS A 49 7.67 -7.72 -1.80
C HIS A 49 9.09 -7.40 -1.36
N LYS A 50 9.80 -8.44 -0.93
CA LYS A 50 11.17 -8.29 -0.47
C LYS A 50 11.94 -7.44 -1.48
N PRO A 51 12.13 -8.01 -2.67
CA PRO A 51 12.83 -7.40 -3.77
C PRO A 51 12.66 -5.88 -3.71
N HIS A 52 11.43 -5.44 -3.50
CA HIS A 52 11.15 -4.01 -3.42
C HIS A 52 11.60 -3.48 -2.06
N ASP A 53 11.22 -4.20 -1.02
CA ASP A 53 11.57 -3.81 0.33
C ASP A 53 12.70 -2.78 0.28
N GLY A 54 12.33 -1.53 0.50
CA GLY A 54 13.29 -0.44 0.48
C GLY A 54 13.41 0.16 -0.92
N LEU A 55 12.27 0.55 -1.47
CA LEU A 55 12.24 1.13 -2.79
C LEU A 55 11.02 2.04 -2.92
N LEU A 56 9.85 1.40 -2.92
CA LEU A 56 8.60 2.14 -3.04
C LEU A 56 7.69 1.75 -1.87
N MET A 57 6.83 2.69 -1.50
CA MET A 57 5.89 2.46 -0.41
C MET A 57 4.76 1.52 -0.85
N CYS A 58 3.94 1.16 0.13
CA CYS A 58 2.82 0.26 -0.13
C CYS A 58 1.86 0.97 -1.09
N ALA A 59 1.20 2.00 -0.57
CA ALA A 59 0.26 2.77 -1.36
C ALA A 59 0.80 2.94 -2.78
N ASP A 60 2.03 3.41 -2.85
CA ASP A 60 2.68 3.62 -4.14
C ASP A 60 2.26 2.51 -5.11
N CYS A 61 2.03 1.33 -4.53
CA CYS A 61 1.63 0.18 -5.33
C CYS A 61 0.15 -0.09 -5.05
N HIS A 62 -0.18 -0.22 -3.78
CA HIS A 62 -1.54 -0.48 -3.38
C HIS A 62 -2.30 0.84 -3.23
N ALA A 63 -2.33 1.59 -4.33
CA ALA A 63 -3.02 2.86 -4.35
C ALA A 63 -4.32 2.75 -3.56
N PRO A 64 -4.25 3.19 -2.30
CA PRO A 64 -5.37 3.18 -1.38
C PRO A 64 -6.46 4.11 -1.88
N HIS A 65 -6.10 5.38 -2.07
CA HIS A 65 -7.07 6.36 -2.54
C HIS A 65 -7.19 6.26 -4.07
N GLU A 66 -7.51 5.06 -4.52
CA GLU A 66 -7.67 4.81 -5.95
C GLU A 66 -8.04 3.35 -6.20
N ALA A 67 -7.13 2.47 -5.79
CA ALA A 67 -7.34 1.04 -5.97
C ALA A 67 -8.55 0.61 -5.14
N LYS A 68 -9.00 -0.61 -5.40
CA LYS A 68 -10.14 -1.16 -4.68
C LYS A 68 -9.80 -2.56 -4.17
N VAL A 69 -10.19 -2.81 -2.93
CA VAL A 69 -9.93 -4.10 -2.31
C VAL A 69 -10.04 -5.20 -3.37
N GLY A 70 -9.03 -6.06 -3.39
CA GLY A 70 -9.01 -7.16 -4.34
C GLY A 70 -8.45 -6.71 -5.69
N GLU A 71 -7.46 -5.81 -5.62
CA GLU A 71 -6.83 -5.29 -6.82
C GLU A 71 -5.42 -5.85 -6.96
N LYS A 72 -5.08 -6.23 -8.18
CA LYS A 72 -3.76 -6.78 -8.47
C LYS A 72 -3.00 -5.82 -9.38
N PRO A 73 -2.27 -4.89 -8.75
CA PRO A 73 -1.48 -3.89 -9.42
C PRO A 73 -0.77 -4.50 -10.61
N THR A 74 -0.43 -3.68 -11.59
CA THR A 74 0.24 -4.17 -12.78
C THR A 74 1.69 -3.66 -12.82
N CYS A 75 2.58 -4.55 -13.21
CA CYS A 75 3.99 -4.22 -13.29
C CYS A 75 4.18 -3.21 -14.44
N ASP A 76 3.49 -3.50 -15.54
CA ASP A 76 3.58 -2.63 -16.71
C ASP A 76 3.56 -1.17 -16.26
N THR A 77 2.91 -0.94 -15.13
CA THR A 77 2.81 0.40 -14.58
C THR A 77 4.21 1.01 -14.42
N CYS A 78 5.13 0.20 -13.92
CA CYS A 78 6.48 0.64 -13.70
C CYS A 78 7.40 -0.17 -14.62
N HIS A 79 7.23 -1.48 -14.58
CA HIS A 79 8.03 -2.38 -15.39
C HIS A 79 7.29 -2.67 -16.70
N ASP A 80 7.57 -1.85 -17.70
CA ASP A 80 6.94 -2.02 -19.00
C ASP A 80 7.82 -2.91 -19.88
N ASP A 81 8.43 -3.90 -19.23
CA ASP A 81 9.30 -4.82 -19.93
C ASP A 81 8.64 -6.20 -19.97
N GLY A 82 7.33 -6.21 -19.77
CA GLY A 82 6.56 -7.44 -19.78
C GLY A 82 6.40 -7.99 -18.37
N ARG A 83 7.19 -7.44 -17.45
CA ARG A 83 7.14 -7.88 -16.07
C ARG A 83 5.71 -8.24 -15.68
N THR A 84 5.58 -9.40 -15.08
CA THR A 84 4.27 -9.88 -14.64
C THR A 84 4.33 -10.33 -13.18
N ALA A 85 3.16 -10.33 -12.55
CA ALA A 85 3.06 -10.73 -11.16
C ALA A 85 3.43 -12.21 -11.03
N LYS A 86 3.82 -12.58 -9.82
CA LYS A 86 4.21 -13.96 -9.56
C LYS A 86 3.47 -14.46 -8.31
N ALA A 1 -16.18 -6.41 -5.34
CA ALA A 1 -16.80 -5.38 -4.52
C ALA A 1 -16.41 -4.00 -5.05
N ASP A 2 -16.99 -2.98 -4.43
CA ASP A 2 -16.71 -1.61 -4.83
C ASP A 2 -16.40 -0.77 -3.60
N GLU A 3 -15.13 -0.73 -3.25
CA GLU A 3 -14.69 0.02 -2.09
C GLU A 3 -13.16 0.14 -2.08
N THR A 4 -12.69 1.39 -2.05
CA THR A 4 -11.27 1.65 -2.03
C THR A 4 -10.61 0.94 -0.85
N LEU A 5 -9.29 0.81 -0.94
CA LEU A 5 -8.53 0.15 0.11
C LEU A 5 -8.59 1.00 1.39
N ALA A 6 -8.42 2.30 1.20
CA ALA A 6 -8.46 3.22 2.32
C ALA A 6 -9.76 3.04 3.09
N GLU A 7 -10.83 2.80 2.34
CA GLU A 7 -12.14 2.61 2.94
C GLU A 7 -12.16 1.30 3.74
N PHE A 8 -11.89 0.20 3.04
CA PHE A 8 -11.88 -1.10 3.67
C PHE A 8 -11.16 -1.05 5.03
N HIS A 9 -10.12 -0.24 5.07
CA HIS A 9 -9.34 -0.09 6.29
C HIS A 9 -10.11 0.78 7.29
N VAL A 10 -10.77 1.79 6.76
CA VAL A 10 -11.54 2.71 7.59
C VAL A 10 -12.56 1.91 8.39
N GLU A 11 -13.36 1.13 7.68
CA GLU A 11 -14.38 0.31 8.31
C GLU A 11 -13.76 -0.56 9.41
N MET A 12 -12.45 -0.73 9.32
CA MET A 12 -11.73 -1.52 10.29
C MET A 12 -10.97 -0.63 11.28
N GLY A 13 -11.37 0.63 11.32
CA GLY A 13 -10.75 1.59 12.21
C GLY A 13 -11.29 3.00 11.97
N GLY A 14 -10.80 3.62 10.91
CA GLY A 14 -11.22 4.96 10.57
C GLY A 14 -10.21 5.64 9.64
N CYS A 15 -10.37 6.95 9.50
CA CYS A 15 -9.48 7.71 8.65
C CYS A 15 -8.14 7.90 9.38
N GLU A 16 -8.20 7.70 10.68
CA GLU A 16 -7.01 7.84 11.51
C GLU A 16 -6.18 6.54 11.48
N ASN A 17 -6.55 5.67 10.55
CA ASN A 17 -5.86 4.40 10.42
C ASN A 17 -4.48 4.64 9.82
N CYS A 18 -4.36 5.72 9.07
CA CYS A 18 -3.10 6.07 8.44
C CYS A 18 -2.98 7.60 8.42
N HIS A 19 -3.72 8.23 9.32
CA HIS A 19 -3.71 9.67 9.42
C HIS A 19 -3.75 10.09 10.89
N ALA A 20 -2.89 11.04 11.23
CA ALA A 20 -2.82 11.53 12.59
C ALA A 20 -3.69 12.78 12.72
N ASP A 21 -4.64 12.70 13.65
CA ASP A 21 -5.55 13.81 13.89
C ASP A 21 -6.00 14.40 12.55
N GLY A 22 -6.13 13.52 11.56
CA GLY A 22 -6.54 13.94 10.24
C GLY A 22 -5.55 14.94 9.65
N GLU A 23 -4.30 14.53 9.58
CA GLU A 23 -3.25 15.38 9.05
C GLU A 23 -2.26 14.55 8.23
N PRO A 24 -2.68 14.21 7.01
CA PRO A 24 -1.91 13.43 6.06
C PRO A 24 -0.47 13.91 6.06
N SER A 25 0.47 13.01 6.31
CA SER A 25 1.88 13.37 6.33
C SER A 25 2.23 14.16 5.08
N LYS A 26 3.27 14.98 5.20
CA LYS A 26 3.72 15.80 4.09
C LYS A 26 5.01 15.20 3.52
N ASP A 27 5.12 13.88 3.64
CA ASP A 27 6.29 13.18 3.12
C ASP A 27 5.85 11.84 2.53
N GLY A 28 5.30 10.99 3.38
CA GLY A 28 4.83 9.69 2.96
C GLY A 28 5.40 8.59 3.85
N ALA A 29 6.67 8.73 4.18
CA ALA A 29 7.35 7.76 5.03
C ALA A 29 6.52 7.54 6.30
N TYR A 30 6.13 8.65 6.92
CA TYR A 30 5.34 8.61 8.14
C TYR A 30 4.19 7.64 7.98
N GLU A 31 3.50 7.72 6.84
CA GLU A 31 2.38 6.82 6.58
C GLU A 31 2.88 5.38 6.40
N PHE A 32 3.88 5.25 5.53
CA PHE A 32 4.44 3.94 5.26
C PHE A 32 4.69 3.16 6.56
N GLU A 33 4.88 3.91 7.63
CA GLU A 33 5.12 3.32 8.94
C GLU A 33 3.84 2.65 9.46
N GLN A 34 2.73 3.34 9.28
CA GLN A 34 1.45 2.83 9.73
C GLN A 34 1.22 1.42 9.18
N CYS A 35 1.72 1.19 7.97
CA CYS A 35 1.58 -0.11 7.34
C CYS A 35 2.73 -1.00 7.80
N GLN A 36 2.93 -1.03 9.11
CA GLN A 36 3.99 -1.83 9.69
C GLN A 36 3.60 -2.29 11.10
N SER A 37 2.53 -3.09 11.15
CA SER A 37 2.05 -3.60 12.42
C SER A 37 1.11 -4.78 12.18
N CYS A 38 -0.09 -4.45 11.70
CA CYS A 38 -1.09 -5.47 11.43
C CYS A 38 -0.61 -6.30 10.25
N HIS A 39 0.44 -5.82 9.61
CA HIS A 39 1.00 -6.51 8.46
C HIS A 39 2.43 -6.94 8.77
N GLY A 40 3.36 -6.03 8.49
CA GLY A 40 4.77 -6.31 8.74
C GLY A 40 5.67 -5.47 7.81
N SER A 41 6.78 -6.06 7.44
CA SER A 41 7.73 -5.38 6.56
C SER A 41 7.88 -6.16 5.25
N LEU A 42 8.11 -5.40 4.19
CA LEU A 42 8.27 -6.00 2.87
C LEU A 42 9.38 -7.06 2.92
N ALA A 43 10.38 -6.77 3.74
CA ALA A 43 11.50 -7.68 3.90
C ALA A 43 11.03 -8.95 4.62
N GLU A 44 9.80 -8.90 5.08
CA GLU A 44 9.22 -10.04 5.78
C GLU A 44 8.01 -10.57 5.01
N MET A 45 7.99 -10.28 3.72
CA MET A 45 6.91 -10.73 2.86
C MET A 45 7.42 -11.70 1.79
N ASP A 46 6.53 -12.03 0.87
CA ASP A 46 6.87 -12.94 -0.21
C ASP A 46 8.17 -12.48 -0.87
N ASP A 47 8.62 -13.25 -1.85
CA ASP A 47 9.84 -12.93 -2.55
C ASP A 47 9.54 -11.89 -3.63
N ASN A 48 8.31 -11.39 -3.62
CA ASN A 48 7.88 -10.39 -4.58
C ASN A 48 7.90 -9.01 -3.92
N HIS A 49 7.57 -9.01 -2.64
CA HIS A 49 7.53 -7.77 -1.88
C HIS A 49 8.95 -7.42 -1.40
N LYS A 50 9.74 -8.46 -1.18
CA LYS A 50 11.11 -8.27 -0.73
C LYS A 50 11.85 -7.38 -1.72
N PRO A 51 12.08 -7.94 -2.92
CA PRO A 51 12.76 -7.26 -4.00
C PRO A 51 12.53 -5.76 -3.91
N HIS A 52 11.30 -5.37 -3.61
CA HIS A 52 10.97 -3.96 -3.50
C HIS A 52 11.39 -3.44 -2.12
N ASP A 53 10.96 -4.16 -1.09
CA ASP A 53 11.28 -3.79 0.27
C ASP A 53 12.46 -2.82 0.27
N GLY A 54 12.15 -1.55 0.45
CA GLY A 54 13.16 -0.51 0.47
C GLY A 54 13.35 0.10 -0.92
N LEU A 55 12.23 0.56 -1.47
CA LEU A 55 12.25 1.18 -2.78
C LEU A 55 11.01 2.05 -2.96
N LEU A 56 9.85 1.39 -2.91
CA LEU A 56 8.59 2.09 -3.05
C LEU A 56 7.68 1.74 -1.88
N MET A 57 6.80 2.67 -1.54
CA MET A 57 5.87 2.47 -0.44
C MET A 57 4.71 1.57 -0.87
N CYS A 58 3.94 1.14 0.12
CA CYS A 58 2.80 0.27 -0.13
C CYS A 58 1.85 1.00 -1.06
N ALA A 59 1.24 2.06 -0.53
CA ALA A 59 0.29 2.84 -1.30
C ALA A 59 0.82 3.01 -2.72
N ASP A 60 2.05 3.49 -2.82
CA ASP A 60 2.67 3.69 -4.12
C ASP A 60 2.24 2.57 -5.07
N CYS A 61 2.02 1.40 -4.50
CA CYS A 61 1.60 0.25 -5.28
C CYS A 61 0.12 -0.01 -5.00
N HIS A 62 -0.19 -0.13 -3.71
CA HIS A 62 -1.56 -0.39 -3.29
C HIS A 62 -2.29 0.94 -3.13
N ALA A 63 -2.31 1.71 -4.20
CA ALA A 63 -2.98 3.01 -4.19
C ALA A 63 -4.29 2.88 -3.42
N PRO A 64 -4.25 3.30 -2.15
CA PRO A 64 -5.38 3.27 -1.25
C PRO A 64 -6.45 4.21 -1.76
N HIS A 65 -6.10 5.48 -1.94
CA HIS A 65 -7.06 6.46 -2.42
C HIS A 65 -7.17 6.36 -3.95
N GLU A 66 -7.54 5.18 -4.40
CA GLU A 66 -7.69 4.94 -5.83
C GLU A 66 -8.01 3.47 -6.10
N ALA A 67 -7.08 2.61 -5.71
CA ALA A 67 -7.26 1.18 -5.88
C ALA A 67 -8.47 0.71 -5.08
N LYS A 68 -8.93 -0.49 -5.42
CA LYS A 68 -10.08 -1.06 -4.74
C LYS A 68 -9.72 -2.45 -4.23
N VAL A 69 -10.08 -2.70 -2.97
CA VAL A 69 -9.80 -3.98 -2.35
C VAL A 69 -9.89 -5.08 -3.40
N GLY A 70 -8.85 -5.90 -3.44
CA GLY A 70 -8.81 -7.00 -4.40
C GLY A 70 -8.27 -6.53 -5.76
N GLU A 71 -7.33 -5.61 -5.70
CA GLU A 71 -6.72 -5.06 -6.90
C GLU A 71 -5.32 -5.65 -7.11
N LYS A 72 -5.02 -5.96 -8.36
CA LYS A 72 -3.72 -6.52 -8.70
C LYS A 72 -2.97 -5.53 -9.60
N PRO A 73 -2.13 -4.73 -8.96
CA PRO A 73 -1.31 -3.73 -9.60
C PRO A 73 -0.59 -4.34 -10.79
N THR A 74 -0.59 -3.64 -11.91
CA THR A 74 0.06 -4.13 -13.12
C THR A 74 1.52 -3.69 -13.15
N CYS A 75 2.39 -4.66 -13.39
CA CYS A 75 3.81 -4.39 -13.46
C CYS A 75 4.07 -3.45 -14.62
N ASP A 76 3.16 -3.46 -15.58
CA ASP A 76 3.28 -2.61 -16.76
C ASP A 76 3.15 -1.16 -16.32
N THR A 77 2.75 -0.97 -15.07
CA THR A 77 2.58 0.36 -14.53
C THR A 77 3.90 0.88 -13.95
N CYS A 78 4.97 0.17 -14.28
CA CYS A 78 6.29 0.54 -13.80
C CYS A 78 7.33 -0.19 -14.64
N HIS A 79 7.20 -1.51 -14.67
CA HIS A 79 8.13 -2.34 -15.43
C HIS A 79 7.60 -2.51 -16.86
N ASP A 80 8.50 -2.35 -17.81
CA ASP A 80 8.14 -2.49 -19.21
C ASP A 80 9.07 -3.51 -19.87
N ASP A 81 9.38 -4.56 -19.12
CA ASP A 81 10.26 -5.61 -19.62
C ASP A 81 9.51 -6.95 -19.58
N GLY A 82 8.19 -6.86 -19.69
CA GLY A 82 7.36 -8.05 -19.67
C GLY A 82 7.00 -8.44 -18.24
N ARG A 83 7.72 -7.85 -17.30
CA ARG A 83 7.48 -8.13 -15.89
C ARG A 83 5.99 -8.37 -15.64
N THR A 84 5.70 -9.46 -14.95
CA THR A 84 4.32 -9.81 -14.63
C THR A 84 4.22 -10.31 -13.20
N ALA A 85 3.02 -10.21 -12.66
CA ALA A 85 2.77 -10.65 -11.29
C ALA A 85 2.94 -12.17 -11.21
N LYS A 86 3.37 -12.62 -10.04
CA LYS A 86 3.58 -14.04 -9.83
C LYS A 86 2.35 -14.63 -9.12
N ALA A 1 -18.76 -6.53 -3.30
CA ALA A 1 -17.60 -5.78 -2.87
C ALA A 1 -17.30 -4.67 -3.88
N ASP A 2 -16.85 -3.53 -3.36
CA ASP A 2 -16.53 -2.40 -4.20
C ASP A 2 -16.24 -1.18 -3.32
N GLU A 3 -14.96 -0.91 -3.15
CA GLU A 3 -14.54 0.22 -2.33
C GLU A 3 -13.01 0.33 -2.31
N THR A 4 -12.54 1.55 -2.19
CA THR A 4 -11.11 1.80 -2.15
C THR A 4 -10.47 1.08 -0.97
N LEU A 5 -9.16 0.87 -1.07
CA LEU A 5 -8.42 0.20 -0.01
C LEU A 5 -8.50 1.03 1.27
N ALA A 6 -8.32 2.32 1.11
CA ALA A 6 -8.36 3.24 2.24
C ALA A 6 -9.70 3.07 2.97
N GLU A 7 -10.71 2.72 2.20
CA GLU A 7 -12.05 2.52 2.75
C GLU A 7 -12.10 1.24 3.57
N PHE A 8 -11.81 0.13 2.90
CA PHE A 8 -11.82 -1.17 3.55
C PHE A 8 -11.13 -1.10 4.91
N HIS A 9 -10.08 -0.29 4.96
CA HIS A 9 -9.32 -0.13 6.20
C HIS A 9 -10.10 0.75 7.18
N VAL A 10 -10.77 1.75 6.61
CA VAL A 10 -11.57 2.66 7.42
C VAL A 10 -12.62 1.87 8.18
N GLU A 11 -13.41 1.13 7.44
CA GLU A 11 -14.47 0.32 8.04
C GLU A 11 -13.90 -0.56 9.16
N MET A 12 -12.59 -0.75 9.10
CA MET A 12 -11.91 -1.57 10.10
C MET A 12 -11.17 -0.69 11.10
N GLY A 13 -11.57 0.58 11.15
CA GLY A 13 -10.95 1.53 12.06
C GLY A 13 -11.48 2.94 11.81
N GLY A 14 -10.94 3.57 10.77
CA GLY A 14 -11.33 4.92 10.41
C GLY A 14 -10.29 5.58 9.51
N CYS A 15 -10.42 6.89 9.38
CA CYS A 15 -9.49 7.65 8.55
C CYS A 15 -8.17 7.80 9.31
N GLU A 16 -8.24 7.53 10.61
CA GLU A 16 -7.07 7.64 11.46
C GLU A 16 -6.25 6.34 11.39
N ASN A 17 -6.58 5.51 10.41
CA ASN A 17 -5.89 4.26 10.23
C ASN A 17 -4.50 4.52 9.66
N CYS A 18 -4.37 5.66 8.98
CA CYS A 18 -3.09 6.03 8.39
C CYS A 18 -2.99 7.56 8.40
N HIS A 19 -3.71 8.15 9.35
CA HIS A 19 -3.72 9.60 9.49
C HIS A 19 -3.81 9.97 10.97
N ALA A 20 -2.95 10.89 11.38
CA ALA A 20 -2.92 11.35 12.76
C ALA A 20 -3.81 12.58 12.89
N ASP A 21 -4.91 12.41 13.63
CA ASP A 21 -5.84 13.50 13.85
C ASP A 21 -6.00 14.30 12.54
N GLY A 22 -6.12 13.55 11.44
CA GLY A 22 -6.28 14.17 10.14
C GLY A 22 -5.10 15.10 9.82
N GLU A 23 -3.92 14.49 9.76
CA GLU A 23 -2.71 15.24 9.47
C GLU A 23 -1.75 14.40 8.63
N PRO A 24 -2.24 13.98 7.46
CA PRO A 24 -1.52 13.17 6.51
C PRO A 24 -0.13 13.75 6.30
N SER A 25 0.90 12.99 6.66
CA SER A 25 2.27 13.45 6.52
C SER A 25 2.46 14.09 5.14
N LYS A 26 3.43 14.98 5.06
CA LYS A 26 3.72 15.68 3.82
C LYS A 26 4.91 14.99 3.13
N ASP A 27 5.06 13.71 3.42
CA ASP A 27 6.14 12.93 2.84
C ASP A 27 5.62 11.55 2.45
N GLY A 28 5.20 10.80 3.45
CA GLY A 28 4.67 9.46 3.23
C GLY A 28 5.31 8.45 4.18
N ALA A 29 6.61 8.62 4.40
CA ALA A 29 7.35 7.74 5.29
C ALA A 29 6.55 7.54 6.58
N TYR A 30 6.18 8.67 7.18
CA TYR A 30 5.41 8.65 8.42
C TYR A 30 4.23 7.71 8.29
N GLU A 31 3.51 7.81 7.17
CA GLU A 31 2.36 6.96 6.95
C GLU A 31 2.80 5.52 6.70
N PHE A 32 3.76 5.38 5.78
CA PHE A 32 4.28 4.07 5.44
C PHE A 32 4.54 3.24 6.70
N GLU A 33 4.80 3.94 7.79
CA GLU A 33 5.08 3.29 9.06
C GLU A 33 3.82 2.60 9.58
N GLN A 34 2.68 3.27 9.40
CA GLN A 34 1.41 2.74 9.84
C GLN A 34 1.21 1.32 9.30
N CYS A 35 1.68 1.12 8.08
CA CYS A 35 1.56 -0.18 7.44
C CYS A 35 2.75 -1.04 7.87
N GLN A 36 2.97 -1.08 9.18
CA GLN A 36 4.06 -1.85 9.73
C GLN A 36 3.68 -2.41 11.11
N SER A 37 2.53 -3.08 11.14
CA SER A 37 2.05 -3.67 12.38
C SER A 37 1.13 -4.85 12.07
N CYS A 38 -0.08 -4.53 11.65
CA CYS A 38 -1.06 -5.54 11.32
C CYS A 38 -0.53 -6.35 10.13
N HIS A 39 0.49 -5.80 9.49
CA HIS A 39 1.09 -6.46 8.34
C HIS A 39 2.54 -6.81 8.66
N GLY A 40 3.42 -5.85 8.40
CA GLY A 40 4.83 -6.05 8.65
C GLY A 40 5.69 -5.27 7.64
N SER A 41 6.91 -5.75 7.46
CA SER A 41 7.83 -5.11 6.53
C SER A 41 7.93 -5.94 5.24
N LEU A 42 8.19 -5.24 4.15
CA LEU A 42 8.31 -5.89 2.86
C LEU A 42 9.38 -6.98 2.94
N ALA A 43 10.45 -6.66 3.68
CA ALA A 43 11.55 -7.60 3.84
C ALA A 43 11.05 -8.83 4.61
N GLU A 44 9.85 -8.70 5.15
CA GLU A 44 9.26 -9.80 5.91
C GLU A 44 8.11 -10.42 5.12
N MET A 45 8.08 -10.12 3.82
CA MET A 45 7.05 -10.64 2.96
C MET A 45 7.63 -11.61 1.92
N ASP A 46 6.78 -12.03 1.00
CA ASP A 46 7.20 -12.94 -0.05
C ASP A 46 8.46 -12.41 -0.72
N ASP A 47 8.93 -13.15 -1.70
CA ASP A 47 10.14 -12.76 -2.43
C ASP A 47 9.76 -11.77 -3.53
N ASN A 48 8.50 -11.33 -3.49
CA ASN A 48 8.00 -10.39 -4.47
C ASN A 48 7.97 -8.99 -3.85
N HIS A 49 7.65 -8.95 -2.56
CA HIS A 49 7.57 -7.69 -1.84
C HIS A 49 8.96 -7.29 -1.37
N LYS A 50 9.77 -8.31 -1.10
CA LYS A 50 11.14 -8.08 -0.63
C LYS A 50 11.88 -7.22 -1.65
N PRO A 51 12.03 -7.78 -2.85
CA PRO A 51 12.69 -7.14 -3.97
C PRO A 51 12.47 -5.64 -3.92
N HIS A 52 11.26 -5.23 -3.59
CA HIS A 52 10.93 -3.81 -3.51
C HIS A 52 11.34 -3.28 -2.14
N ASP A 53 11.05 -4.07 -1.12
CA ASP A 53 11.37 -3.68 0.25
C ASP A 53 12.56 -2.72 0.23
N GLY A 54 12.23 -1.44 0.38
CA GLY A 54 13.26 -0.41 0.39
C GLY A 54 13.40 0.23 -0.99
N LEU A 55 12.27 0.68 -1.52
CA LEU A 55 12.26 1.31 -2.83
C LEU A 55 11.02 2.21 -2.95
N LEU A 56 9.87 1.56 -2.96
CA LEU A 56 8.61 2.28 -3.07
C LEU A 56 7.70 1.88 -1.90
N MET A 57 6.85 2.81 -1.51
CA MET A 57 5.92 2.58 -0.42
C MET A 57 4.78 1.66 -0.86
N CYS A 58 3.99 1.23 0.13
CA CYS A 58 2.87 0.35 -0.14
C CYS A 58 1.90 1.08 -1.08
N ALA A 59 1.27 2.10 -0.52
CA ALA A 59 0.31 2.88 -1.29
C ALA A 59 0.83 3.07 -2.72
N ASP A 60 2.07 3.57 -2.79
CA ASP A 60 2.69 3.81 -4.08
C ASP A 60 2.30 2.69 -5.05
N CYS A 61 2.09 1.50 -4.49
CA CYS A 61 1.71 0.35 -5.28
C CYS A 61 0.23 0.06 -5.02
N HIS A 62 -0.10 -0.01 -3.74
CA HIS A 62 -1.48 -0.29 -3.34
C HIS A 62 -2.24 1.03 -3.21
N ALA A 63 -2.26 1.78 -4.29
CA ALA A 63 -2.96 3.05 -4.32
C ALA A 63 -4.25 2.94 -3.52
N PRO A 64 -4.18 3.36 -2.26
CA PRO A 64 -5.29 3.34 -1.32
C PRO A 64 -6.38 4.28 -1.80
N HIS A 65 -6.03 5.55 -1.99
CA HIS A 65 -6.99 6.53 -2.45
C HIS A 65 -7.13 6.47 -3.97
N GLU A 66 -7.43 5.27 -4.45
CA GLU A 66 -7.59 5.05 -5.87
C GLU A 66 -7.94 3.59 -6.16
N ALA A 67 -7.01 2.71 -5.80
CA ALA A 67 -7.21 1.29 -6.01
C ALA A 67 -8.42 0.82 -5.19
N LYS A 68 -8.95 -0.33 -5.59
CA LYS A 68 -10.10 -0.90 -4.92
C LYS A 68 -9.78 -2.33 -4.48
N VAL A 69 -10.09 -2.62 -3.23
CA VAL A 69 -9.85 -3.95 -2.69
C VAL A 69 -10.12 -5.00 -3.77
N GLY A 70 -9.18 -5.92 -3.90
CA GLY A 70 -9.29 -6.98 -4.89
C GLY A 70 -8.79 -6.51 -6.25
N GLU A 71 -7.73 -5.71 -6.22
CA GLU A 71 -7.14 -5.20 -7.44
C GLU A 71 -5.61 -5.29 -7.38
N LYS A 72 -5.09 -6.33 -8.01
CA LYS A 72 -3.65 -6.54 -8.04
C LYS A 72 -3.02 -5.61 -9.07
N PRO A 73 -2.18 -4.69 -8.56
CA PRO A 73 -1.47 -3.71 -9.35
C PRO A 73 -0.86 -4.40 -10.58
N THR A 74 -0.63 -3.62 -11.62
CA THR A 74 -0.04 -4.17 -12.84
C THR A 74 1.41 -3.74 -12.98
N CYS A 75 2.28 -4.72 -13.15
CA CYS A 75 3.70 -4.46 -13.30
C CYS A 75 3.89 -3.53 -14.50
N ASP A 76 2.93 -3.58 -15.41
CA ASP A 76 2.98 -2.75 -16.60
C ASP A 76 2.83 -1.29 -16.21
N THR A 77 2.50 -1.07 -14.94
CA THR A 77 2.33 0.27 -14.43
C THR A 77 3.66 0.82 -13.90
N CYS A 78 4.72 0.12 -14.26
CA CYS A 78 6.05 0.53 -13.82
C CYS A 78 7.08 -0.20 -14.69
N HIS A 79 6.99 -1.52 -14.69
CA HIS A 79 7.89 -2.33 -15.47
C HIS A 79 7.32 -2.56 -16.86
N ASP A 80 8.20 -2.49 -17.85
CA ASP A 80 7.78 -2.67 -19.23
C ASP A 80 8.71 -3.69 -19.90
N ASP A 81 9.05 -4.72 -19.14
CA ASP A 81 9.92 -5.77 -19.64
C ASP A 81 9.18 -7.12 -19.59
N GLY A 82 7.86 -7.02 -19.65
CA GLY A 82 7.03 -8.22 -19.63
C GLY A 82 6.78 -8.66 -18.18
N ARG A 83 7.48 -8.03 -17.26
CA ARG A 83 7.34 -8.35 -15.86
C ARG A 83 5.89 -8.73 -15.54
N THR A 84 5.74 -9.89 -14.93
CA THR A 84 4.42 -10.37 -14.58
C THR A 84 4.35 -10.69 -13.08
N ALA A 85 3.14 -10.66 -12.55
CA ALA A 85 2.94 -10.94 -11.14
C ALA A 85 3.00 -12.46 -10.91
N LYS A 86 3.45 -12.82 -9.71
CA LYS A 86 3.57 -14.23 -9.35
C LYS A 86 2.49 -14.57 -8.33
N ALA A 1 -20.39 -1.64 -2.60
CA ALA A 1 -19.76 -2.29 -3.73
C ALA A 1 -18.25 -2.12 -3.64
N ASP A 2 -17.56 -2.54 -4.68
CA ASP A 2 -16.11 -2.44 -4.73
C ASP A 2 -15.68 -1.09 -4.17
N GLU A 3 -15.21 -1.12 -2.93
CA GLU A 3 -14.75 0.10 -2.27
C GLU A 3 -13.23 0.22 -2.34
N THR A 4 -12.74 1.38 -1.94
CA THR A 4 -11.31 1.64 -1.97
C THR A 4 -10.63 0.94 -0.79
N LEU A 5 -9.32 0.77 -0.92
CA LEU A 5 -8.54 0.12 0.13
C LEU A 5 -8.60 0.98 1.39
N ALA A 6 -8.54 2.29 1.19
CA ALA A 6 -8.58 3.23 2.30
C ALA A 6 -9.90 3.04 3.06
N GLU A 7 -10.93 2.64 2.33
CA GLU A 7 -12.24 2.43 2.92
C GLU A 7 -12.23 1.16 3.78
N PHE A 8 -11.93 0.04 3.13
CA PHE A 8 -11.89 -1.23 3.83
C PHE A 8 -11.15 -1.11 5.16
N HIS A 9 -10.08 -0.33 5.14
CA HIS A 9 -9.29 -0.12 6.34
C HIS A 9 -10.06 0.77 7.32
N VAL A 10 -10.75 1.75 6.76
CA VAL A 10 -11.53 2.67 7.56
C VAL A 10 -12.55 1.89 8.39
N GLU A 11 -13.36 1.11 7.68
CA GLU A 11 -14.38 0.31 8.33
C GLU A 11 -13.77 -0.54 9.44
N MET A 12 -12.46 -0.71 9.35
CA MET A 12 -11.74 -1.50 10.34
C MET A 12 -10.99 -0.59 11.32
N GLY A 13 -11.41 0.66 11.35
CA GLY A 13 -10.80 1.63 12.24
C GLY A 13 -11.35 3.05 11.97
N GLY A 14 -10.83 3.65 10.89
CA GLY A 14 -11.25 4.99 10.52
C GLY A 14 -10.22 5.65 9.61
N CYS A 15 -10.41 6.95 9.39
CA CYS A 15 -9.51 7.70 8.54
C CYS A 15 -8.18 7.86 9.28
N GLU A 16 -8.23 7.63 10.59
CA GLU A 16 -7.05 7.74 11.42
C GLU A 16 -6.22 6.45 11.35
N ASN A 17 -6.58 5.60 10.40
CA ASN A 17 -5.89 4.34 10.21
C ASN A 17 -4.51 4.60 9.62
N CYS A 18 -4.41 5.72 8.91
CA CYS A 18 -3.16 6.10 8.28
C CYS A 18 -3.06 7.63 8.28
N HIS A 19 -3.75 8.23 9.24
CA HIS A 19 -3.75 9.68 9.35
C HIS A 19 -3.81 10.08 10.82
N ALA A 20 -2.94 11.00 11.18
CA ALA A 20 -2.88 11.48 12.56
C ALA A 20 -3.70 12.77 12.69
N ASP A 21 -4.77 12.68 13.46
CA ASP A 21 -5.65 13.81 13.67
C ASP A 21 -6.10 14.36 12.32
N GLY A 22 -6.16 13.46 11.35
CA GLY A 22 -6.57 13.84 10.01
C GLY A 22 -5.66 14.92 9.43
N GLU A 23 -4.38 14.58 9.34
CA GLU A 23 -3.40 15.51 8.81
C GLU A 23 -2.24 14.75 8.15
N PRO A 24 -2.58 14.03 7.08
CA PRO A 24 -1.66 13.23 6.31
C PRO A 24 -0.30 13.93 6.27
N SER A 25 0.77 13.18 6.47
CA SER A 25 2.11 13.75 6.45
C SER A 25 2.34 14.45 5.11
N LYS A 26 3.34 15.32 5.11
CA LYS A 26 3.68 16.07 3.91
C LYS A 26 4.87 15.39 3.21
N ASP A 27 4.96 14.09 3.42
CA ASP A 27 6.03 13.32 2.82
C ASP A 27 5.48 11.97 2.31
N GLY A 28 5.01 11.18 3.26
CA GLY A 28 4.44 9.89 2.93
C GLY A 28 5.03 8.78 3.82
N ALA A 29 6.33 8.90 4.06
CA ALA A 29 7.02 7.93 4.89
C ALA A 29 6.24 7.73 6.19
N TYR A 30 6.03 8.83 6.91
CA TYR A 30 5.32 8.81 8.17
C TYR A 30 4.12 7.88 8.06
N GLU A 31 3.40 7.96 6.94
CA GLU A 31 2.24 7.11 6.74
C GLU A 31 2.67 5.66 6.51
N PHE A 32 3.57 5.48 5.55
CA PHE A 32 4.07 4.16 5.23
C PHE A 32 4.36 3.36 6.51
N GLU A 33 4.66 4.09 7.57
CA GLU A 33 4.96 3.47 8.85
C GLU A 33 3.74 2.73 9.38
N GLN A 34 2.59 3.38 9.26
CA GLN A 34 1.34 2.79 9.72
C GLN A 34 1.16 1.39 9.13
N CYS A 35 1.69 1.21 7.93
CA CYS A 35 1.61 -0.07 7.26
C CYS A 35 2.77 -0.94 7.72
N GLN A 36 2.94 -1.00 9.04
CA GLN A 36 4.01 -1.79 9.62
C GLN A 36 3.63 -2.23 11.04
N SER A 37 2.64 -3.11 11.10
CA SER A 37 2.17 -3.62 12.38
C SER A 37 1.21 -4.80 12.16
N CYS A 38 0.03 -4.46 11.67
CA CYS A 38 -0.99 -5.48 11.42
C CYS A 38 -0.53 -6.30 10.21
N HIS A 39 0.52 -5.84 9.58
CA HIS A 39 1.07 -6.53 8.41
C HIS A 39 2.50 -6.98 8.70
N GLY A 40 3.44 -6.10 8.41
CA GLY A 40 4.84 -6.39 8.64
C GLY A 40 5.73 -5.56 7.70
N SER A 41 6.91 -6.11 7.43
CA SER A 41 7.85 -5.43 6.56
C SER A 41 7.97 -6.19 5.23
N LEU A 42 8.20 -5.43 4.17
CA LEU A 42 8.33 -6.01 2.84
C LEU A 42 9.42 -7.08 2.87
N ALA A 43 10.43 -6.83 3.69
CA ALA A 43 11.54 -7.76 3.80
C ALA A 43 11.07 -9.01 4.55
N GLU A 44 9.83 -8.95 5.02
CA GLU A 44 9.24 -10.07 5.75
C GLU A 44 7.98 -10.55 5.05
N MET A 45 7.91 -10.31 3.75
CA MET A 45 6.77 -10.70 2.96
C MET A 45 7.17 -11.75 1.91
N ASP A 46 6.21 -12.05 1.03
CA ASP A 46 6.45 -13.02 -0.03
C ASP A 46 7.75 -12.67 -0.75
N ASP A 47 8.09 -13.50 -1.72
CA ASP A 47 9.29 -13.30 -2.50
C ASP A 47 9.02 -12.29 -3.62
N ASN A 48 7.84 -11.68 -3.54
CA ASN A 48 7.45 -10.69 -4.54
C ASN A 48 7.58 -9.30 -3.94
N HIS A 49 7.41 -9.22 -2.62
CA HIS A 49 7.51 -7.95 -1.92
C HIS A 49 8.97 -7.71 -1.51
N LYS A 50 9.63 -8.80 -1.13
CA LYS A 50 11.02 -8.72 -0.71
C LYS A 50 11.83 -7.99 -1.78
N PRO A 51 11.86 -8.58 -2.98
CA PRO A 51 12.57 -8.06 -4.12
C PRO A 51 12.68 -6.55 -4.01
N HIS A 52 11.60 -5.90 -3.62
CA HIS A 52 11.60 -4.45 -3.49
C HIS A 52 12.22 -4.06 -2.14
N ASP A 53 11.57 -4.52 -1.08
CA ASP A 53 12.03 -4.24 0.26
C ASP A 53 12.95 -3.01 0.23
N GLY A 54 12.33 -1.85 0.39
CA GLY A 54 13.08 -0.60 0.38
C GLY A 54 13.29 -0.09 -1.05
N LEU A 55 12.18 0.20 -1.70
CA LEU A 55 12.22 0.69 -3.07
C LEU A 55 11.02 1.62 -3.32
N LEU A 56 9.87 1.16 -2.86
CA LEU A 56 8.64 1.93 -3.03
C LEU A 56 7.70 1.64 -1.86
N MET A 57 6.86 2.61 -1.57
CA MET A 57 5.89 2.48 -0.48
C MET A 57 4.74 1.56 -0.88
N CYS A 58 3.97 1.16 0.12
CA CYS A 58 2.84 0.28 -0.10
C CYS A 58 1.86 1.00 -1.04
N ALA A 59 1.22 2.03 -0.52
CA ALA A 59 0.26 2.79 -1.30
C ALA A 59 0.79 2.96 -2.72
N ASP A 60 2.01 3.48 -2.80
CA ASP A 60 2.64 3.71 -4.09
C ASP A 60 2.24 2.58 -5.05
N CYS A 61 2.05 1.40 -4.48
CA CYS A 61 1.68 0.23 -5.27
C CYS A 61 0.20 -0.08 -4.98
N HIS A 62 -0.14 -0.03 -3.71
CA HIS A 62 -1.50 -0.31 -3.29
C HIS A 62 -2.26 1.02 -3.11
N ALA A 63 -2.21 1.83 -4.15
CA ALA A 63 -2.88 3.12 -4.12
C ALA A 63 -4.24 2.96 -3.43
N PRO A 64 -4.27 3.32 -2.15
CA PRO A 64 -5.44 3.25 -1.31
C PRO A 64 -6.51 4.20 -1.85
N HIS A 65 -6.16 5.47 -1.99
CA HIS A 65 -7.10 6.44 -2.50
C HIS A 65 -7.19 6.34 -4.02
N GLU A 66 -7.61 5.18 -4.48
CA GLU A 66 -7.74 4.93 -5.91
C GLU A 66 -8.02 3.45 -6.17
N ALA A 67 -7.16 2.61 -5.63
CA ALA A 67 -7.30 1.17 -5.79
C ALA A 67 -8.52 0.69 -4.99
N LYS A 68 -8.89 -0.55 -5.24
CA LYS A 68 -10.03 -1.15 -4.54
C LYS A 68 -9.62 -2.52 -4.01
N VAL A 69 -10.05 -2.79 -2.79
CA VAL A 69 -9.75 -4.07 -2.15
C VAL A 69 -9.78 -5.18 -3.22
N GLY A 70 -8.71 -5.96 -3.23
CA GLY A 70 -8.60 -7.06 -4.18
C GLY A 70 -8.09 -6.57 -5.53
N GLU A 71 -7.16 -5.62 -5.46
CA GLU A 71 -6.57 -5.05 -6.66
C GLU A 71 -5.16 -5.61 -6.88
N LYS A 72 -4.87 -5.92 -8.13
CA LYS A 72 -3.57 -6.46 -8.48
C LYS A 72 -2.84 -5.47 -9.39
N PRO A 73 -1.97 -4.67 -8.76
CA PRO A 73 -1.17 -3.65 -9.42
C PRO A 73 -0.42 -4.27 -10.59
N THR A 74 -0.35 -3.56 -11.70
CA THR A 74 0.33 -4.07 -12.87
C THR A 74 1.79 -3.58 -12.88
N CYS A 75 2.69 -4.50 -13.20
CA CYS A 75 4.10 -4.18 -13.25
C CYS A 75 4.34 -3.19 -14.39
N ASP A 76 3.66 -3.45 -15.50
CA ASP A 76 3.78 -2.60 -16.67
C ASP A 76 3.79 -1.13 -16.22
N THR A 77 3.14 -0.88 -15.10
CA THR A 77 3.07 0.46 -14.56
C THR A 77 4.48 1.04 -14.37
N CYS A 78 5.36 0.20 -13.87
CA CYS A 78 6.74 0.60 -13.65
C CYS A 78 7.64 -0.22 -14.56
N HIS A 79 7.45 -1.54 -14.51
CA HIS A 79 8.23 -2.44 -15.32
C HIS A 79 7.49 -2.74 -16.62
N ASP A 80 7.78 -1.94 -17.64
CA ASP A 80 7.14 -2.10 -18.93
C ASP A 80 8.01 -3.01 -19.80
N ASP A 81 8.71 -3.92 -19.14
CA ASP A 81 9.57 -4.85 -19.84
C ASP A 81 8.87 -6.22 -19.94
N GLY A 82 7.57 -6.21 -19.68
CA GLY A 82 6.79 -7.42 -19.72
C GLY A 82 6.60 -8.00 -18.33
N ARG A 83 7.42 -7.53 -17.40
CA ARG A 83 7.34 -8.00 -16.02
C ARG A 83 5.89 -8.28 -15.64
N THR A 84 5.67 -9.45 -15.05
CA THR A 84 4.34 -9.85 -14.63
C THR A 84 4.36 -10.31 -13.18
N ALA A 85 3.20 -10.23 -12.55
CA ALA A 85 3.07 -10.63 -11.16
C ALA A 85 3.47 -12.10 -11.02
N LYS A 86 3.72 -12.50 -9.78
CA LYS A 86 4.12 -13.87 -9.50
C LYS A 86 3.19 -14.45 -8.43
N ALA A 1 -20.62 -2.50 -4.68
CA ALA A 1 -20.01 -1.86 -3.53
C ALA A 1 -18.74 -1.15 -3.96
N ASP A 2 -17.73 -1.94 -4.28
CA ASP A 2 -16.45 -1.39 -4.71
C ASP A 2 -16.01 -0.28 -3.76
N GLU A 3 -15.30 -0.69 -2.72
CA GLU A 3 -14.82 0.26 -1.72
C GLU A 3 -13.29 0.29 -1.71
N THR A 4 -12.75 1.45 -2.03
CA THR A 4 -11.31 1.63 -2.06
C THR A 4 -10.67 0.93 -0.86
N LEU A 5 -9.35 0.74 -0.95
CA LEU A 5 -8.61 0.10 0.12
C LEU A 5 -8.66 0.97 1.36
N ALA A 6 -8.54 2.27 1.15
CA ALA A 6 -8.56 3.22 2.26
C ALA A 6 -9.90 3.09 3.01
N GLU A 7 -10.92 2.70 2.26
CA GLU A 7 -12.24 2.53 2.84
C GLU A 7 -12.27 1.27 3.70
N PHE A 8 -11.97 0.15 3.07
CA PHE A 8 -11.96 -1.13 3.77
C PHE A 8 -11.23 -1.02 5.11
N HIS A 9 -10.16 -0.25 5.11
CA HIS A 9 -9.37 -0.06 6.31
C HIS A 9 -10.14 0.87 7.27
N VAL A 10 -10.80 1.86 6.69
CA VAL A 10 -11.56 2.80 7.48
C VAL A 10 -12.60 2.05 8.31
N GLU A 11 -13.43 1.29 7.61
CA GLU A 11 -14.47 0.51 8.26
C GLU A 11 -13.88 -0.33 9.39
N MET A 12 -12.57 -0.54 9.31
CA MET A 12 -11.87 -1.33 10.30
C MET A 12 -11.09 -0.42 11.26
N GLY A 13 -11.49 0.84 11.29
CA GLY A 13 -10.83 1.81 12.16
C GLY A 13 -11.35 3.22 11.87
N GLY A 14 -10.83 3.81 10.81
CA GLY A 14 -11.23 5.14 10.41
C GLY A 14 -10.19 5.79 9.50
N CYS A 15 -10.35 7.08 9.27
CA CYS A 15 -9.43 7.81 8.42
C CYS A 15 -8.11 7.97 9.16
N GLU A 16 -8.17 7.76 10.47
CA GLU A 16 -6.99 7.88 11.30
C GLU A 16 -6.18 6.58 11.26
N ASN A 17 -6.56 5.71 10.33
CA ASN A 17 -5.89 4.43 10.17
C ASN A 17 -4.50 4.67 9.57
N CYS A 18 -4.39 5.76 8.83
CA CYS A 18 -3.12 6.11 8.20
C CYS A 18 -3.01 7.64 8.17
N HIS A 19 -3.68 8.27 9.11
CA HIS A 19 -3.67 9.72 9.20
C HIS A 19 -3.73 10.14 10.67
N ALA A 20 -2.87 11.10 11.01
CA ALA A 20 -2.82 11.61 12.38
C ALA A 20 -3.65 12.88 12.48
N ASP A 21 -4.68 12.82 13.32
CA ASP A 21 -5.55 13.97 13.52
C ASP A 21 -5.92 14.56 12.16
N GLY A 22 -6.07 13.68 11.18
CA GLY A 22 -6.42 14.11 9.84
C GLY A 22 -5.38 15.09 9.29
N GLU A 23 -4.14 14.62 9.24
CA GLU A 23 -3.05 15.44 8.74
C GLU A 23 -2.06 14.59 7.94
N PRO A 24 -2.49 14.21 6.74
CA PRO A 24 -1.73 13.40 5.81
C PRO A 24 -0.27 13.85 5.83
N SER A 25 0.63 12.91 6.06
CA SER A 25 2.05 13.23 6.10
C SER A 25 2.44 14.02 4.85
N LYS A 26 3.40 14.92 5.02
CA LYS A 26 3.88 15.73 3.93
C LYS A 26 5.14 15.10 3.33
N ASP A 27 5.22 13.79 3.46
CA ASP A 27 6.35 13.04 2.94
C ASP A 27 5.87 11.72 2.33
N GLY A 28 5.32 10.88 3.19
CA GLY A 28 4.81 9.59 2.76
C GLY A 28 5.38 8.47 3.62
N ALA A 29 6.63 8.66 4.04
CA ALA A 29 7.30 7.67 4.86
C ALA A 29 6.49 7.45 6.15
N TYR A 30 6.07 8.55 6.75
CA TYR A 30 5.30 8.51 7.97
C TYR A 30 4.14 7.53 7.81
N GLU A 31 3.46 7.59 6.68
CA GLU A 31 2.34 6.70 6.42
C GLU A 31 2.83 5.25 6.27
N PHE A 32 3.83 5.10 5.41
CA PHE A 32 4.40 3.78 5.16
C PHE A 32 4.62 3.02 6.48
N GLU A 33 4.81 3.79 7.54
CA GLU A 33 5.04 3.22 8.85
C GLU A 33 3.76 2.57 9.38
N GLN A 34 2.65 3.27 9.19
CA GLN A 34 1.36 2.78 9.64
C GLN A 34 1.14 1.36 9.12
N CYS A 35 1.65 1.10 7.93
CA CYS A 35 1.51 -0.21 7.31
C CYS A 35 2.66 -1.10 7.80
N GLN A 36 2.87 -1.09 9.11
CA GLN A 36 3.93 -1.87 9.70
C GLN A 36 3.54 -2.31 11.12
N SER A 37 2.53 -3.17 11.17
CA SER A 37 2.05 -3.67 12.46
C SER A 37 1.08 -4.83 12.23
N CYS A 38 -0.11 -4.48 11.74
CA CYS A 38 -1.13 -5.48 11.48
C CYS A 38 -0.68 -6.33 10.29
N HIS A 39 0.38 -5.86 9.64
CA HIS A 39 0.92 -6.56 8.48
C HIS A 39 2.35 -7.01 8.77
N GLY A 40 3.29 -6.12 8.47
CA GLY A 40 4.70 -6.41 8.70
C GLY A 40 5.58 -5.55 7.78
N SER A 41 6.76 -6.10 7.48
CA SER A 41 7.70 -5.40 6.63
C SER A 41 7.89 -6.17 5.32
N LEU A 42 8.16 -5.43 4.26
CA LEU A 42 8.37 -6.03 2.95
C LEU A 42 9.49 -7.06 3.04
N ALA A 43 10.42 -6.80 3.95
CA ALA A 43 11.54 -7.70 4.14
C ALA A 43 11.07 -8.97 4.84
N GLU A 44 9.80 -8.97 5.21
CA GLU A 44 9.21 -10.11 5.88
C GLU A 44 8.02 -10.63 5.08
N MET A 45 8.06 -10.39 3.78
CA MET A 45 6.98 -10.83 2.91
C MET A 45 7.52 -11.78 1.84
N ASP A 46 6.65 -12.11 0.89
CA ASP A 46 7.01 -13.01 -0.20
C ASP A 46 8.27 -12.49 -0.88
N ASP A 47 8.74 -13.25 -1.85
CA ASP A 47 9.94 -12.88 -2.59
C ASP A 47 9.57 -11.85 -3.66
N ASN A 48 8.31 -11.44 -3.63
CA ASN A 48 7.82 -10.46 -4.58
C ASN A 48 7.79 -9.08 -3.93
N HIS A 49 7.71 -9.09 -2.61
CA HIS A 49 7.68 -7.85 -1.85
C HIS A 49 9.09 -7.50 -1.38
N LYS A 50 9.82 -8.52 -0.97
CA LYS A 50 11.18 -8.35 -0.49
C LYS A 50 11.94 -7.44 -1.48
N PRO A 51 12.21 -8.01 -2.66
CA PRO A 51 12.91 -7.34 -3.73
C PRO A 51 12.67 -5.84 -3.65
N HIS A 52 11.42 -5.44 -3.44
CA HIS A 52 11.08 -4.03 -3.36
C HIS A 52 11.51 -3.50 -1.99
N ASP A 53 11.07 -4.20 -0.95
CA ASP A 53 11.39 -3.81 0.41
C ASP A 53 12.61 -2.88 0.39
N GLY A 54 12.34 -1.60 0.67
CA GLY A 54 13.39 -0.61 0.69
C GLY A 54 13.52 0.07 -0.67
N LEU A 55 12.39 0.52 -1.19
CA LEU A 55 12.37 1.18 -2.48
C LEU A 55 11.10 2.05 -2.57
N LEU A 56 9.96 1.38 -2.60
CA LEU A 56 8.68 2.06 -2.69
C LEU A 56 7.77 1.56 -1.57
N MET A 57 6.93 2.47 -1.09
CA MET A 57 6.00 2.14 -0.02
C MET A 57 4.86 1.26 -0.55
N CYS A 58 3.97 0.91 0.36
CA CYS A 58 2.83 0.07 0.01
C CYS A 58 1.94 0.86 -0.95
N ALA A 59 1.25 1.84 -0.40
CA ALA A 59 0.36 2.67 -1.19
C ALA A 59 0.92 2.81 -2.61
N ASP A 60 2.16 3.28 -2.67
CA ASP A 60 2.82 3.46 -3.95
C ASP A 60 2.34 2.40 -4.93
N CYS A 61 2.15 1.19 -4.41
CA CYS A 61 1.68 0.09 -5.23
C CYS A 61 0.20 -0.12 -4.95
N HIS A 62 -0.10 -0.37 -3.68
CA HIS A 62 -1.48 -0.59 -3.27
C HIS A 62 -2.18 0.75 -3.07
N ALA A 63 -2.19 1.54 -4.14
CA ALA A 63 -2.82 2.85 -4.10
C ALA A 63 -4.18 2.73 -3.42
N PRO A 64 -4.21 3.15 -2.15
CA PRO A 64 -5.39 3.13 -1.31
C PRO A 64 -6.44 4.07 -1.88
N HIS A 65 -6.08 5.33 -2.04
CA HIS A 65 -7.01 6.32 -2.58
C HIS A 65 -7.07 6.17 -4.11
N GLU A 66 -7.48 4.99 -4.54
CA GLU A 66 -7.59 4.72 -5.96
C GLU A 66 -7.90 3.23 -6.19
N ALA A 67 -7.03 2.39 -5.66
CA ALA A 67 -7.20 0.95 -5.81
C ALA A 67 -8.38 0.50 -4.95
N LYS A 68 -8.93 -0.65 -5.33
CA LYS A 68 -10.07 -1.20 -4.61
C LYS A 68 -9.71 -2.60 -4.09
N VAL A 69 -10.10 -2.86 -2.85
CA VAL A 69 -9.83 -4.14 -2.23
C VAL A 69 -9.92 -5.24 -3.29
N GLY A 70 -8.90 -6.08 -3.31
CA GLY A 70 -8.86 -7.18 -4.27
C GLY A 70 -8.32 -6.71 -5.62
N GLU A 71 -7.34 -5.82 -5.56
CA GLU A 71 -6.75 -5.29 -6.77
C GLU A 71 -5.38 -5.94 -7.03
N LYS A 72 -5.09 -6.14 -8.30
CA LYS A 72 -3.83 -6.75 -8.69
C LYS A 72 -3.01 -5.75 -9.51
N PRO A 73 -2.19 -4.98 -8.79
CA PRO A 73 -1.33 -3.96 -9.35
C PRO A 73 -0.56 -4.53 -10.53
N THR A 74 -0.48 -3.79 -11.62
CA THR A 74 0.23 -4.25 -12.80
C THR A 74 1.65 -3.71 -12.81
N CYS A 75 2.58 -4.57 -13.22
CA CYS A 75 3.98 -4.20 -13.28
C CYS A 75 4.15 -3.15 -14.38
N ASP A 76 3.49 -3.41 -15.50
CA ASP A 76 3.55 -2.50 -16.63
C ASP A 76 3.49 -1.05 -16.13
N THR A 77 2.84 -0.88 -14.98
CA THR A 77 2.70 0.43 -14.38
C THR A 77 4.07 1.08 -14.18
N CYS A 78 5.01 0.26 -13.72
CA CYS A 78 6.36 0.73 -13.48
C CYS A 78 7.31 -0.01 -14.43
N HIS A 79 7.17 -1.33 -14.43
CA HIS A 79 8.00 -2.17 -15.27
C HIS A 79 7.28 -2.44 -16.60
N ASP A 80 7.55 -1.57 -17.56
CA ASP A 80 6.94 -1.71 -18.88
C ASP A 80 7.84 -2.56 -19.77
N ASP A 81 8.47 -3.55 -19.15
CA ASP A 81 9.35 -4.44 -19.87
C ASP A 81 8.70 -5.83 -19.98
N GLY A 82 7.39 -5.84 -19.80
CA GLY A 82 6.63 -7.08 -19.87
C GLY A 82 6.47 -7.70 -18.49
N ARG A 83 7.25 -7.19 -17.55
CA ARG A 83 7.20 -7.68 -16.18
C ARG A 83 5.76 -8.07 -15.81
N THR A 84 5.64 -9.25 -15.23
CA THR A 84 4.33 -9.74 -14.82
C THR A 84 4.37 -10.24 -13.37
N ALA A 85 3.20 -10.27 -12.75
CA ALA A 85 3.10 -10.71 -11.38
C ALA A 85 3.40 -12.22 -11.32
N LYS A 86 3.81 -12.65 -10.13
CA LYS A 86 4.14 -14.05 -9.93
C LYS A 86 2.93 -14.77 -9.31
N ALA A 1 -20.24 -3.40 -4.10
CA ALA A 1 -19.24 -4.42 -4.41
C ALA A 1 -18.04 -3.75 -5.07
N ASP A 2 -17.54 -2.71 -4.43
CA ASP A 2 -16.40 -1.98 -4.95
C ASP A 2 -16.07 -0.82 -4.01
N GLU A 3 -15.14 -1.10 -3.10
CA GLU A 3 -14.72 -0.10 -2.14
C GLU A 3 -13.21 0.04 -2.14
N THR A 4 -12.75 1.29 -2.06
CA THR A 4 -11.32 1.56 -2.04
C THR A 4 -10.65 0.86 -0.86
N LEU A 5 -9.33 0.75 -0.95
CA LEU A 5 -8.57 0.11 0.10
C LEU A 5 -8.62 0.98 1.36
N ALA A 6 -8.48 2.28 1.16
CA ALA A 6 -8.51 3.21 2.27
C ALA A 6 -9.85 3.10 2.99
N GLU A 7 -10.87 2.70 2.23
CA GLU A 7 -12.20 2.54 2.78
C GLU A 7 -12.28 1.28 3.63
N PHE A 8 -11.87 0.18 3.03
CA PHE A 8 -11.89 -1.11 3.70
C PHE A 8 -11.18 -1.02 5.06
N HIS A 9 -10.13 -0.23 5.09
CA HIS A 9 -9.36 -0.04 6.31
C HIS A 9 -10.12 0.88 7.27
N VAL A 10 -10.82 1.84 6.68
CA VAL A 10 -11.60 2.78 7.45
C VAL A 10 -12.63 2.02 8.29
N GLU A 11 -13.46 1.26 7.60
CA GLU A 11 -14.50 0.49 8.26
C GLU A 11 -13.88 -0.37 9.37
N MET A 12 -12.58 -0.58 9.26
CA MET A 12 -11.86 -1.38 10.24
C MET A 12 -11.11 -0.49 11.23
N GLY A 13 -11.51 0.78 11.26
CA GLY A 13 -10.89 1.73 12.15
C GLY A 13 -11.41 3.15 11.89
N GLY A 14 -10.91 3.74 10.81
CA GLY A 14 -11.32 5.09 10.44
C GLY A 14 -10.29 5.74 9.53
N CYS A 15 -10.44 7.04 9.35
CA CYS A 15 -9.53 7.79 8.50
C CYS A 15 -8.21 7.95 9.25
N GLU A 16 -8.28 7.80 10.56
CA GLU A 16 -7.10 7.91 11.40
C GLU A 16 -6.33 6.60 11.42
N ASN A 17 -6.69 5.72 10.50
CA ASN A 17 -6.05 4.42 10.40
C ASN A 17 -4.63 4.60 9.85
N CYS A 18 -4.46 5.66 9.07
CA CYS A 18 -3.18 5.95 8.48
C CYS A 18 -3.01 7.47 8.43
N HIS A 19 -3.77 8.15 9.27
CA HIS A 19 -3.73 9.60 9.33
C HIS A 19 -3.76 10.06 10.78
N ALA A 20 -2.80 10.91 11.12
CA ALA A 20 -2.70 11.43 12.48
C ALA A 20 -3.54 12.70 12.60
N ASP A 21 -4.49 12.67 13.51
CA ASP A 21 -5.36 13.81 13.73
C ASP A 21 -5.78 14.40 12.38
N GLY A 22 -6.04 13.50 11.43
CA GLY A 22 -6.44 13.91 10.10
C GLY A 22 -5.43 14.88 9.49
N GLU A 23 -4.19 14.44 9.46
CA GLU A 23 -3.12 15.26 8.91
C GLU A 23 -2.12 14.39 8.15
N PRO A 24 -2.50 14.01 6.93
CA PRO A 24 -1.71 13.19 6.03
C PRO A 24 -0.29 13.74 5.96
N SER A 25 0.70 12.87 6.14
CA SER A 25 2.08 13.29 6.09
C SER A 25 2.37 13.97 4.76
N LYS A 26 3.46 14.74 4.74
CA LYS A 26 3.85 15.45 3.54
C LYS A 26 5.15 14.86 3.01
N ASP A 27 5.28 13.55 3.16
CA ASP A 27 6.47 12.84 2.70
C ASP A 27 6.07 11.48 2.15
N GLY A 28 5.53 10.64 3.04
CA GLY A 28 5.11 9.32 2.65
C GLY A 28 5.66 8.27 3.62
N ALA A 29 6.92 8.43 3.96
CA ALA A 29 7.58 7.50 4.88
C ALA A 29 6.71 7.34 6.13
N TYR A 30 6.34 8.47 6.71
CA TYR A 30 5.51 8.47 7.91
C TYR A 30 4.34 7.52 7.73
N GLU A 31 3.72 7.55 6.56
CA GLU A 31 2.59 6.68 6.30
C GLU A 31 3.05 5.22 6.19
N PHE A 32 4.07 5.01 5.37
CA PHE A 32 4.62 3.68 5.19
C PHE A 32 4.79 2.96 6.53
N GLU A 33 4.97 3.77 7.57
CA GLU A 33 5.15 3.22 8.91
C GLU A 33 3.85 2.59 9.41
N GLN A 34 2.76 3.30 9.16
CA GLN A 34 1.45 2.82 9.58
C GLN A 34 1.22 1.39 9.09
N CYS A 35 1.72 1.13 7.90
CA CYS A 35 1.59 -0.20 7.30
C CYS A 35 2.73 -1.07 7.81
N GLN A 36 2.91 -1.07 9.12
CA GLN A 36 3.96 -1.85 9.74
C GLN A 36 3.56 -2.25 11.16
N SER A 37 2.54 -3.09 11.23
CA SER A 37 2.04 -3.56 12.51
C SER A 37 1.08 -4.74 12.32
N CYS A 38 -0.10 -4.42 11.80
CA CYS A 38 -1.11 -5.44 11.55
C CYS A 38 -0.65 -6.29 10.37
N HIS A 39 0.41 -5.81 9.71
CA HIS A 39 0.95 -6.52 8.56
C HIS A 39 2.38 -6.96 8.87
N GLY A 40 3.31 -6.07 8.56
CA GLY A 40 4.72 -6.36 8.79
C GLY A 40 5.60 -5.56 7.83
N SER A 41 6.83 -6.05 7.66
CA SER A 41 7.78 -5.39 6.78
C SER A 41 7.90 -6.17 5.47
N LEU A 42 8.12 -5.43 4.39
CA LEU A 42 8.25 -6.05 3.08
C LEU A 42 9.39 -7.08 3.11
N ALA A 43 10.38 -6.78 3.94
CA ALA A 43 11.52 -7.67 4.08
C ALA A 43 11.08 -8.97 4.75
N GLU A 44 9.83 -8.95 5.22
CA GLU A 44 9.28 -10.12 5.89
C GLU A 44 8.08 -10.67 5.09
N MET A 45 8.08 -10.36 3.81
CA MET A 45 7.01 -10.80 2.93
C MET A 45 7.56 -11.71 1.82
N ASP A 46 6.68 -12.04 0.88
CA ASP A 46 7.06 -12.89 -0.23
C ASP A 46 8.31 -12.32 -0.89
N ASP A 47 8.80 -13.06 -1.88
CA ASP A 47 10.00 -12.64 -2.61
C ASP A 47 9.62 -11.58 -3.63
N ASN A 48 8.34 -11.21 -3.61
CA ASN A 48 7.84 -10.21 -4.54
C ASN A 48 7.78 -8.85 -3.84
N HIS A 49 7.65 -8.91 -2.52
CA HIS A 49 7.58 -7.70 -1.71
C HIS A 49 8.98 -7.34 -1.19
N LYS A 50 9.80 -8.38 -1.04
CA LYS A 50 11.15 -8.19 -0.55
C LYS A 50 11.90 -7.24 -1.50
N PRO A 51 12.19 -7.75 -2.70
CA PRO A 51 12.89 -7.03 -3.73
C PRO A 51 12.59 -5.54 -3.62
N HIS A 52 11.32 -5.20 -3.41
CA HIS A 52 10.93 -3.81 -3.30
C HIS A 52 11.30 -3.30 -1.90
N ASP A 53 10.92 -4.08 -0.90
CA ASP A 53 11.21 -3.71 0.48
C ASP A 53 12.35 -2.70 0.52
N GLY A 54 11.99 -1.45 0.74
CA GLY A 54 12.97 -0.38 0.79
C GLY A 54 13.18 0.24 -0.58
N LEU A 55 12.07 0.64 -1.19
CA LEU A 55 12.12 1.25 -2.51
C LEU A 55 10.88 2.13 -2.71
N LEU A 56 9.73 1.47 -2.71
CA LEU A 56 8.47 2.17 -2.88
C LEU A 56 7.50 1.77 -1.77
N MET A 57 6.80 2.76 -1.25
CA MET A 57 5.84 2.52 -0.19
C MET A 57 4.71 1.60 -0.66
N CYS A 58 3.91 1.15 0.30
CA CYS A 58 2.80 0.25 0.00
C CYS A 58 1.86 0.98 -0.97
N ALA A 59 1.17 1.97 -0.45
CA ALA A 59 0.24 2.75 -1.25
C ALA A 59 0.82 2.92 -2.65
N ASP A 60 2.05 3.38 -2.70
CA ASP A 60 2.72 3.60 -3.97
C ASP A 60 2.32 2.50 -4.96
N CYS A 61 2.06 1.32 -4.40
CA CYS A 61 1.64 0.19 -5.22
C CYS A 61 0.16 -0.07 -4.98
N HIS A 62 -0.18 -0.23 -3.70
CA HIS A 62 -1.56 -0.48 -3.33
C HIS A 62 -2.30 0.85 -3.19
N ALA A 63 -2.29 1.61 -4.28
CA ALA A 63 -2.96 2.90 -4.29
C ALA A 63 -4.28 2.79 -3.54
N PRO A 64 -4.25 3.21 -2.27
CA PRO A 64 -5.38 3.19 -1.38
C PRO A 64 -6.45 4.15 -1.88
N HIS A 65 -6.08 5.41 -2.06
CA HIS A 65 -7.02 6.40 -2.54
C HIS A 65 -7.12 6.32 -4.06
N GLU A 66 -7.55 5.14 -4.53
CA GLU A 66 -7.69 4.91 -5.95
C GLU A 66 -8.04 3.45 -6.23
N ALA A 67 -7.13 2.58 -5.81
CA ALA A 67 -7.33 1.15 -6.00
C ALA A 67 -8.53 0.69 -5.17
N LYS A 68 -8.85 -0.59 -5.32
CA LYS A 68 -9.97 -1.17 -4.59
C LYS A 68 -9.60 -2.58 -4.13
N VAL A 69 -9.95 -2.86 -2.88
CA VAL A 69 -9.67 -4.17 -2.31
C VAL A 69 -9.80 -5.23 -3.39
N GLY A 70 -8.80 -6.09 -3.46
CA GLY A 70 -8.80 -7.17 -4.45
C GLY A 70 -8.25 -6.67 -5.79
N GLU A 71 -7.23 -5.84 -5.71
CA GLU A 71 -6.61 -5.29 -6.91
C GLU A 71 -5.18 -5.83 -7.05
N LYS A 72 -4.84 -6.17 -8.29
CA LYS A 72 -3.52 -6.69 -8.58
C LYS A 72 -2.76 -5.70 -9.48
N PRO A 73 -2.10 -4.74 -8.81
CA PRO A 73 -1.32 -3.71 -9.44
C PRO A 73 -0.55 -4.29 -10.63
N THR A 74 -0.55 -3.58 -11.74
CA THR A 74 0.15 -4.04 -12.93
C THR A 74 1.61 -3.58 -12.91
N CYS A 75 2.50 -4.48 -13.27
CA CYS A 75 3.91 -4.18 -13.30
C CYS A 75 4.17 -3.21 -14.45
N ASP A 76 3.51 -3.49 -15.57
CA ASP A 76 3.66 -2.65 -16.75
C ASP A 76 3.66 -1.18 -16.32
N THR A 77 2.99 -0.91 -15.22
CA THR A 77 2.91 0.45 -14.69
C THR A 77 4.32 1.01 -14.47
N CYS A 78 5.17 0.17 -13.91
CA CYS A 78 6.54 0.57 -13.63
C CYS A 78 7.48 -0.24 -14.53
N HIS A 79 7.27 -1.56 -14.50
CA HIS A 79 8.09 -2.45 -15.30
C HIS A 79 7.39 -2.72 -16.65
N ASP A 80 7.71 -1.87 -17.61
CA ASP A 80 7.12 -2.00 -18.93
C ASP A 80 8.02 -2.88 -19.80
N ASP A 81 8.62 -3.87 -19.15
CA ASP A 81 9.50 -4.79 -19.85
C ASP A 81 8.85 -6.17 -19.92
N GLY A 82 7.52 -6.18 -19.77
CA GLY A 82 6.77 -7.41 -19.81
C GLY A 82 6.49 -7.94 -18.41
N ARG A 83 7.30 -7.47 -17.47
CA ARG A 83 7.16 -7.88 -16.09
C ARG A 83 5.69 -8.11 -15.75
N THR A 84 5.42 -9.25 -15.11
CA THR A 84 4.07 -9.60 -14.73
C THR A 84 4.04 -10.16 -13.31
N ALA A 85 2.88 -10.06 -12.68
CA ALA A 85 2.71 -10.56 -11.33
C ALA A 85 2.96 -12.07 -11.31
N LYS A 86 3.43 -12.54 -10.16
CA LYS A 86 3.72 -13.95 -9.99
C LYS A 86 2.43 -14.69 -9.62
N ALA A 1 -18.11 -1.21 -7.92
CA ALA A 1 -17.33 -2.44 -8.04
C ALA A 1 -16.89 -2.89 -6.65
N ASP A 2 -16.01 -2.10 -6.05
CA ASP A 2 -15.50 -2.42 -4.73
C ASP A 2 -15.01 -1.13 -4.06
N GLU A 3 -15.11 -1.11 -2.74
CA GLU A 3 -14.67 0.05 -1.98
C GLU A 3 -13.15 0.11 -1.93
N THR A 4 -12.63 1.32 -2.16
CA THR A 4 -11.20 1.53 -2.15
C THR A 4 -10.55 0.82 -0.96
N LEU A 5 -9.25 0.65 -1.04
CA LEU A 5 -8.50 -0.01 0.02
C LEU A 5 -8.58 0.84 1.29
N ALA A 6 -8.49 2.14 1.10
CA ALA A 6 -8.54 3.07 2.21
C ALA A 6 -9.85 2.86 2.98
N GLU A 7 -10.92 2.73 2.24
CA GLU A 7 -12.23 2.52 2.83
C GLU A 7 -12.24 1.24 3.66
N PHE A 8 -11.95 0.14 3.01
CA PHE A 8 -11.91 -1.15 3.67
C PHE A 8 -11.20 -1.05 5.02
N HIS A 9 -10.11 -0.28 5.03
CA HIS A 9 -9.33 -0.09 6.24
C HIS A 9 -10.10 0.82 7.21
N VAL A 10 -10.75 1.82 6.64
CA VAL A 10 -11.51 2.76 7.43
C VAL A 10 -12.54 2.00 8.27
N GLU A 11 -13.37 1.22 7.57
CA GLU A 11 -14.39 0.44 8.23
C GLU A 11 -13.78 -0.41 9.35
N MET A 12 -12.47 -0.60 9.25
CA MET A 12 -11.75 -1.39 10.25
C MET A 12 -11.01 -0.48 11.22
N GLY A 13 -11.42 0.78 11.24
CA GLY A 13 -10.80 1.75 12.13
C GLY A 13 -11.33 3.16 11.84
N GLY A 14 -10.82 3.74 10.76
CA GLY A 14 -11.23 5.07 10.36
C GLY A 14 -10.19 5.72 9.44
N CYS A 15 -10.30 7.03 9.31
CA CYS A 15 -9.37 7.77 8.46
C CYS A 15 -8.05 7.91 9.21
N GLU A 16 -8.11 7.69 10.52
CA GLU A 16 -6.93 7.78 11.36
C GLU A 16 -6.12 6.47 11.29
N ASN A 17 -6.50 5.63 10.34
CA ASN A 17 -5.82 4.37 10.15
C ASN A 17 -4.44 4.61 9.54
N CYS A 18 -4.33 5.72 8.84
CA CYS A 18 -3.07 6.09 8.21
C CYS A 18 -2.96 7.61 8.18
N HIS A 19 -3.63 8.24 9.14
CA HIS A 19 -3.62 9.68 9.23
C HIS A 19 -3.68 10.10 10.70
N ALA A 20 -2.84 11.08 11.04
CA ALA A 20 -2.79 11.57 12.42
C ALA A 20 -3.66 12.83 12.53
N ASP A 21 -4.65 12.75 13.40
CA ASP A 21 -5.55 13.87 13.60
C ASP A 21 -5.88 14.52 12.26
N GLY A 22 -6.07 13.67 11.26
CA GLY A 22 -6.39 14.14 9.93
C GLY A 22 -5.32 15.11 9.41
N GLU A 23 -4.10 14.60 9.35
CA GLU A 23 -2.98 15.40 8.88
C GLU A 23 -2.03 14.55 8.04
N PRO A 24 -2.49 14.24 6.82
CA PRO A 24 -1.75 13.46 5.85
C PRO A 24 -0.30 13.91 5.81
N SER A 25 0.61 13.00 6.11
CA SER A 25 2.02 13.33 6.09
C SER A 25 2.38 14.07 4.81
N LYS A 26 3.36 14.96 4.92
CA LYS A 26 3.81 15.73 3.78
C LYS A 26 5.06 15.09 3.17
N ASP A 27 5.17 13.78 3.37
CA ASP A 27 6.31 13.05 2.85
C ASP A 27 5.82 11.71 2.29
N GLY A 28 5.27 10.88 3.17
CA GLY A 28 4.76 9.58 2.76
C GLY A 28 5.37 8.47 3.63
N ALA A 29 6.60 8.70 4.06
CA ALA A 29 7.29 7.73 4.89
C ALA A 29 6.51 7.52 6.19
N TYR A 30 6.05 8.65 6.76
CA TYR A 30 5.29 8.61 7.99
C TYR A 30 4.15 7.62 7.87
N GLU A 31 3.43 7.67 6.75
CA GLU A 31 2.32 6.78 6.54
C GLU A 31 2.82 5.34 6.37
N PHE A 32 3.81 5.20 5.50
CA PHE A 32 4.38 3.89 5.24
C PHE A 32 4.64 3.13 6.55
N GLU A 33 4.81 3.89 7.62
CA GLU A 33 5.06 3.31 8.92
C GLU A 33 3.78 2.64 9.46
N GLN A 34 2.67 3.31 9.26
CA GLN A 34 1.39 2.80 9.71
C GLN A 34 1.18 1.38 9.18
N CYS A 35 1.67 1.14 7.98
CA CYS A 35 1.54 -0.17 7.36
C CYS A 35 2.71 -1.04 7.84
N GLN A 36 2.89 -1.06 9.15
CA GLN A 36 3.95 -1.85 9.74
C GLN A 36 3.55 -2.31 11.14
N SER A 37 2.48 -3.08 11.19
CA SER A 37 1.98 -3.59 12.45
C SER A 37 1.04 -4.78 12.20
N CYS A 38 -0.16 -4.45 11.74
CA CYS A 38 -1.15 -5.48 11.46
C CYS A 38 -0.65 -6.32 10.28
N HIS A 39 0.39 -5.82 9.64
CA HIS A 39 0.98 -6.51 8.50
C HIS A 39 2.42 -6.91 8.83
N GLY A 40 3.33 -6.00 8.53
CA GLY A 40 4.74 -6.24 8.78
C GLY A 40 5.61 -5.44 7.81
N SER A 41 6.80 -5.97 7.56
CA SER A 41 7.74 -5.32 6.66
C SER A 41 7.87 -6.13 5.37
N LEU A 42 8.18 -5.43 4.29
CA LEU A 42 8.33 -6.06 3.00
C LEU A 42 9.44 -7.11 3.08
N ALA A 43 10.39 -6.86 3.98
CA ALA A 43 11.51 -7.77 4.15
C ALA A 43 11.01 -9.04 4.86
N GLU A 44 9.74 -9.01 5.22
CA GLU A 44 9.14 -10.15 5.90
C GLU A 44 7.93 -10.65 5.12
N MET A 45 7.96 -10.39 3.82
CA MET A 45 6.87 -10.81 2.94
C MET A 45 7.37 -11.77 1.86
N ASP A 46 6.47 -12.07 0.93
CA ASP A 46 6.81 -12.97 -0.16
C ASP A 46 8.10 -12.49 -0.83
N ASP A 47 8.53 -13.25 -1.82
CA ASP A 47 9.75 -12.92 -2.54
C ASP A 47 9.43 -11.87 -3.61
N ASN A 48 8.19 -11.41 -3.59
CA ASN A 48 7.76 -10.40 -4.55
C ASN A 48 7.75 -9.04 -3.87
N HIS A 49 7.65 -9.05 -2.55
CA HIS A 49 7.64 -7.82 -1.77
C HIS A 49 9.06 -7.50 -1.31
N LYS A 50 9.78 -8.54 -0.93
CA LYS A 50 11.14 -8.39 -0.47
C LYS A 50 11.92 -7.50 -1.45
N PRO A 51 12.16 -8.06 -2.64
CA PRO A 51 12.86 -7.42 -3.72
C PRO A 51 12.64 -5.91 -3.65
N HIS A 52 11.38 -5.51 -3.44
CA HIS A 52 11.06 -4.10 -3.35
C HIS A 52 11.49 -3.55 -1.99
N ASP A 53 11.09 -4.27 -0.95
CA ASP A 53 11.43 -3.86 0.40
C ASP A 53 12.60 -2.89 0.36
N GLY A 54 12.29 -1.63 0.63
CA GLY A 54 13.32 -0.59 0.63
C GLY A 54 13.46 0.04 -0.76
N LEU A 55 12.33 0.49 -1.28
CA LEU A 55 12.31 1.12 -2.60
C LEU A 55 11.08 2.02 -2.71
N LEU A 56 9.91 1.39 -2.68
CA LEU A 56 8.66 2.12 -2.77
C LEU A 56 7.74 1.70 -1.62
N MET A 57 6.87 2.62 -1.24
CA MET A 57 5.94 2.37 -0.16
C MET A 57 4.79 1.47 -0.63
N CYS A 58 3.99 1.03 0.33
CA CYS A 58 2.87 0.16 0.04
C CYS A 58 1.92 0.91 -0.91
N ALA A 59 1.30 1.95 -0.38
CA ALA A 59 0.37 2.75 -1.15
C ALA A 59 0.93 2.92 -2.58
N ASP A 60 2.17 3.39 -2.64
CA ASP A 60 2.82 3.60 -3.92
C ASP A 60 2.39 2.51 -4.90
N CYS A 61 2.15 1.32 -4.34
CA CYS A 61 1.73 0.19 -5.15
C CYS A 61 0.25 -0.07 -4.88
N HIS A 62 -0.07 -0.26 -3.61
CA HIS A 62 -1.44 -0.51 -3.21
C HIS A 62 -2.19 0.82 -3.05
N ALA A 63 -2.15 1.61 -4.12
CA ALA A 63 -2.83 2.90 -4.11
C ALA A 63 -4.18 2.77 -3.42
N PRO A 64 -4.20 3.17 -2.15
CA PRO A 64 -5.38 3.13 -1.31
C PRO A 64 -6.45 4.06 -1.87
N HIS A 65 -6.10 5.33 -2.03
CA HIS A 65 -7.04 6.31 -2.56
C HIS A 65 -7.11 6.17 -4.08
N GLU A 66 -7.48 4.97 -4.52
CA GLU A 66 -7.59 4.71 -5.94
C GLU A 66 -7.90 3.23 -6.18
N ALA A 67 -7.01 2.38 -5.69
CA ALA A 67 -7.17 0.94 -5.84
C ALA A 67 -8.42 0.49 -5.06
N LYS A 68 -8.83 -0.73 -5.35
CA LYS A 68 -9.99 -1.29 -4.67
C LYS A 68 -9.66 -2.69 -4.16
N VAL A 69 -10.08 -2.95 -2.93
CA VAL A 69 -9.83 -4.24 -2.31
C VAL A 69 -9.95 -5.34 -3.37
N GLY A 70 -8.94 -6.19 -3.40
CA GLY A 70 -8.93 -7.30 -4.35
C GLY A 70 -8.39 -6.84 -5.71
N GLU A 71 -7.40 -5.95 -5.65
CA GLU A 71 -6.80 -5.43 -6.87
C GLU A 71 -5.39 -6.00 -7.05
N LYS A 72 -5.06 -6.29 -8.30
CA LYS A 72 -3.75 -6.83 -8.63
C LYS A 72 -2.97 -5.81 -9.44
N PRO A 73 -2.23 -4.96 -8.73
CA PRO A 73 -1.40 -3.91 -9.29
C PRO A 73 -0.76 -4.41 -10.58
N THR A 74 -0.47 -3.49 -11.48
CA THR A 74 0.15 -3.85 -12.75
C THR A 74 1.60 -3.37 -12.80
N CYS A 75 2.49 -4.30 -13.12
CA CYS A 75 3.90 -3.99 -13.21
C CYS A 75 4.12 -3.07 -14.42
N ASP A 76 3.42 -3.40 -15.50
CA ASP A 76 3.54 -2.62 -16.72
C ASP A 76 3.52 -1.13 -16.37
N THR A 77 2.89 -0.82 -15.24
CA THR A 77 2.80 0.55 -14.78
C THR A 77 4.19 1.12 -14.50
N CYS A 78 5.01 0.29 -13.86
CA CYS A 78 6.36 0.68 -13.52
C CYS A 78 7.33 -0.06 -14.44
N HIS A 79 7.18 -1.39 -14.45
CA HIS A 79 8.02 -2.23 -15.27
C HIS A 79 7.35 -2.46 -16.63
N ASP A 80 7.72 -1.61 -17.58
CA ASP A 80 7.16 -1.70 -18.92
C ASP A 80 8.05 -2.62 -19.77
N ASP A 81 8.57 -3.65 -19.12
CA ASP A 81 9.43 -4.61 -19.81
C ASP A 81 8.73 -5.97 -19.87
N GLY A 82 7.41 -5.92 -19.75
CA GLY A 82 6.62 -7.14 -19.80
C GLY A 82 6.41 -7.71 -18.39
N ARG A 83 7.21 -7.22 -17.46
CA ARG A 83 7.13 -7.66 -16.07
C ARG A 83 5.66 -7.95 -15.71
N THR A 84 5.45 -9.14 -15.17
CA THR A 84 4.12 -9.55 -14.77
C THR A 84 4.15 -10.15 -13.36
N ALA A 85 2.98 -10.11 -12.71
CA ALA A 85 2.86 -10.64 -11.36
C ALA A 85 3.15 -12.14 -11.39
N LYS A 86 3.66 -12.62 -10.27
CA LYS A 86 3.98 -14.04 -10.15
C LYS A 86 3.25 -14.62 -8.93
N ALA A 1 -19.00 2.78 -5.67
CA ALA A 1 -19.21 1.56 -6.42
C ALA A 1 -18.31 0.46 -5.84
N ASP A 2 -17.04 0.82 -5.65
CA ASP A 2 -16.07 -0.12 -5.11
C ASP A 2 -15.59 0.39 -3.75
N GLU A 3 -15.22 -0.55 -2.90
CA GLU A 3 -14.74 -0.22 -1.56
C GLU A 3 -13.22 -0.08 -1.57
N THR A 4 -12.76 1.10 -1.95
CA THR A 4 -11.34 1.39 -2.00
C THR A 4 -10.62 0.73 -0.82
N LEU A 5 -9.33 0.53 -0.99
CA LEU A 5 -8.52 -0.09 0.06
C LEU A 5 -8.58 0.78 1.31
N ALA A 6 -8.49 2.08 1.11
CA ALA A 6 -8.54 3.02 2.21
C ALA A 6 -9.86 2.87 2.95
N GLU A 7 -10.94 2.79 2.17
CA GLU A 7 -12.26 2.64 2.73
C GLU A 7 -12.35 1.36 3.58
N PHE A 8 -11.90 0.27 2.98
CA PHE A 8 -11.92 -1.01 3.64
C PHE A 8 -11.23 -0.93 5.01
N HIS A 9 -10.14 -0.18 5.03
CA HIS A 9 -9.37 -0.01 6.27
C HIS A 9 -10.14 0.91 7.21
N VAL A 10 -10.81 1.89 6.63
CA VAL A 10 -11.58 2.84 7.41
C VAL A 10 -12.62 2.09 8.24
N GLU A 11 -13.46 1.33 7.54
CA GLU A 11 -14.49 0.56 8.21
C GLU A 11 -13.89 -0.29 9.33
N MET A 12 -12.58 -0.50 9.24
CA MET A 12 -11.88 -1.29 10.23
C MET A 12 -11.09 -0.38 11.19
N GLY A 13 -11.49 0.88 11.22
CA GLY A 13 -10.83 1.84 12.08
C GLY A 13 -11.34 3.26 11.79
N GLY A 14 -10.84 3.84 10.71
CA GLY A 14 -11.23 5.17 10.32
C GLY A 14 -10.18 5.81 9.41
N CYS A 15 -10.32 7.12 9.22
CA CYS A 15 -9.40 7.85 8.37
C CYS A 15 -8.08 8.00 9.11
N GLU A 16 -8.15 7.84 10.42
CA GLU A 16 -6.97 7.95 11.27
C GLU A 16 -6.17 6.64 11.24
N ASN A 17 -6.57 5.76 10.33
CA ASN A 17 -5.91 4.48 10.19
C ASN A 17 -4.51 4.69 9.59
N CYS A 18 -4.39 5.77 8.84
CA CYS A 18 -3.13 6.09 8.21
C CYS A 18 -3.01 7.62 8.13
N HIS A 19 -3.67 8.28 9.06
CA HIS A 19 -3.66 9.73 9.12
C HIS A 19 -3.70 10.19 10.57
N ALA A 20 -2.87 11.18 10.87
CA ALA A 20 -2.80 11.72 12.22
C ALA A 20 -3.62 13.01 12.29
N ASP A 21 -4.58 13.02 13.20
CA ASP A 21 -5.44 14.18 13.37
C ASP A 21 -5.80 14.74 12.00
N GLY A 22 -6.04 13.84 11.06
CA GLY A 22 -6.40 14.23 9.71
C GLY A 22 -5.33 15.16 9.11
N GLU A 23 -4.11 14.64 9.05
CA GLU A 23 -3.01 15.40 8.51
C GLU A 23 -2.03 14.48 7.78
N PRO A 24 -2.39 14.13 6.54
CA PRO A 24 -1.62 13.27 5.67
C PRO A 24 -0.16 13.67 5.73
N SER A 25 0.71 12.71 6.04
CA SER A 25 2.14 12.99 6.13
C SER A 25 2.60 13.71 4.87
N LYS A 26 3.53 14.63 5.06
CA LYS A 26 4.08 15.39 3.95
C LYS A 26 5.42 14.80 3.53
N ASP A 27 5.52 13.49 3.67
CA ASP A 27 6.74 12.79 3.32
C ASP A 27 6.38 11.43 2.68
N GLY A 28 5.74 10.59 3.49
CA GLY A 28 5.34 9.27 3.03
C GLY A 28 5.88 8.18 3.95
N ALA A 29 7.04 8.45 4.52
CA ALA A 29 7.68 7.50 5.43
C ALA A 29 6.78 7.30 6.65
N TYR A 30 6.37 8.42 7.24
CA TYR A 30 5.52 8.42 8.41
C TYR A 30 4.33 7.48 8.18
N GLU A 31 3.70 7.61 7.02
CA GLU A 31 2.56 6.77 6.69
C GLU A 31 3.01 5.32 6.50
N PHE A 32 4.04 5.15 5.69
CA PHE A 32 4.58 3.81 5.42
C PHE A 32 4.71 3.01 6.71
N GLU A 33 4.92 3.73 7.80
CA GLU A 33 5.07 3.08 9.10
C GLU A 33 3.74 2.47 9.54
N GLN A 34 2.67 3.21 9.30
CA GLN A 34 1.34 2.76 9.67
C GLN A 34 1.10 1.34 9.15
N CYS A 35 1.63 1.09 7.96
CA CYS A 35 1.49 -0.22 7.33
C CYS A 35 2.64 -1.11 7.81
N GLN A 36 2.87 -1.09 9.12
CA GLN A 36 3.93 -1.88 9.71
C GLN A 36 3.54 -2.32 11.12
N SER A 37 2.52 -3.16 11.18
CA SER A 37 2.04 -3.66 12.46
C SER A 37 1.07 -4.82 12.24
N CYS A 38 -0.12 -4.48 11.77
CA CYS A 38 -1.14 -5.48 11.51
C CYS A 38 -0.69 -6.32 10.31
N HIS A 39 0.37 -5.86 9.66
CA HIS A 39 0.91 -6.55 8.51
C HIS A 39 2.34 -7.00 8.79
N GLY A 40 3.27 -6.10 8.48
CA GLY A 40 4.69 -6.38 8.70
C GLY A 40 5.56 -5.53 7.78
N SER A 41 6.75 -6.04 7.52
CA SER A 41 7.69 -5.34 6.66
C SER A 41 7.87 -6.11 5.35
N LEU A 42 8.13 -5.35 4.29
CA LEU A 42 8.32 -5.95 2.97
C LEU A 42 9.46 -6.98 3.04
N ALA A 43 10.42 -6.69 3.91
CA ALA A 43 11.57 -7.57 4.09
C ALA A 43 11.11 -8.86 4.79
N GLU A 44 9.84 -8.86 5.19
CA GLU A 44 9.27 -10.02 5.85
C GLU A 44 8.07 -10.54 5.07
N MET A 45 8.09 -10.29 3.78
CA MET A 45 7.00 -10.72 2.91
C MET A 45 7.53 -11.69 1.84
N ASP A 46 6.64 -12.01 0.91
CA ASP A 46 6.99 -12.92 -0.17
C ASP A 46 8.25 -12.41 -0.86
N ASP A 47 8.70 -13.17 -1.86
CA ASP A 47 9.88 -12.81 -2.61
C ASP A 47 9.51 -11.78 -3.69
N ASN A 48 8.26 -11.34 -3.63
CA ASN A 48 7.76 -10.36 -4.59
C ASN A 48 7.76 -8.98 -3.93
N HIS A 49 7.69 -8.98 -2.61
CA HIS A 49 7.68 -7.74 -1.86
C HIS A 49 9.09 -7.39 -1.41
N LYS A 50 9.81 -8.42 -0.98
CA LYS A 50 11.18 -8.25 -0.52
C LYS A 50 11.93 -7.35 -1.52
N PRO A 51 12.17 -7.92 -2.71
CA PRO A 51 12.86 -7.26 -3.80
C PRO A 51 12.65 -5.75 -3.71
N HIS A 52 11.41 -5.35 -3.46
CA HIS A 52 11.09 -3.93 -3.37
C HIS A 52 11.50 -3.41 -1.98
N ASP A 53 11.07 -4.13 -0.96
CA ASP A 53 11.39 -3.76 0.40
C ASP A 53 12.56 -2.77 0.39
N GLY A 54 12.22 -1.50 0.64
CA GLY A 54 13.23 -0.46 0.67
C GLY A 54 13.38 0.19 -0.71
N LEU A 55 12.25 0.63 -1.24
CA LEU A 55 12.24 1.28 -2.54
C LEU A 55 11.00 2.16 -2.67
N LEU A 56 9.84 1.50 -2.68
CA LEU A 56 8.57 2.20 -2.80
C LEU A 56 7.66 1.77 -1.66
N MET A 57 6.77 2.68 -1.29
CA MET A 57 5.82 2.41 -0.22
C MET A 57 4.70 1.48 -0.68
N CYS A 58 3.88 1.06 0.27
CA CYS A 58 2.78 0.17 -0.03
C CYS A 58 1.83 0.88 -1.00
N ALA A 59 1.15 1.89 -0.46
CA ALA A 59 0.21 2.66 -1.26
C ALA A 59 0.77 2.85 -2.67
N ASP A 60 2.01 3.33 -2.72
CA ASP A 60 2.67 3.56 -3.99
C ASP A 60 2.26 2.47 -4.98
N CYS A 61 2.03 1.28 -4.43
CA CYS A 61 1.63 0.14 -5.26
C CYS A 61 0.15 -0.12 -5.01
N HIS A 62 -0.18 -0.32 -3.74
CA HIS A 62 -1.56 -0.59 -3.36
C HIS A 62 -2.32 0.74 -3.22
N ALA A 63 -2.32 1.50 -4.30
CA ALA A 63 -3.01 2.78 -4.32
C ALA A 63 -4.33 2.66 -3.55
N PRO A 64 -4.29 3.08 -2.29
CA PRO A 64 -5.42 3.06 -1.39
C PRO A 64 -6.51 3.97 -1.92
N HIS A 65 -6.16 5.24 -2.12
CA HIS A 65 -7.13 6.20 -2.63
C HIS A 65 -7.27 6.05 -4.15
N GLU A 66 -7.64 4.86 -4.57
CA GLU A 66 -7.80 4.58 -5.98
C GLU A 66 -8.11 3.10 -6.20
N ALA A 67 -7.20 2.26 -5.75
CA ALA A 67 -7.37 0.82 -5.88
C ALA A 67 -8.59 0.38 -5.10
N LYS A 68 -9.05 -0.84 -5.39
CA LYS A 68 -10.21 -1.39 -4.72
C LYS A 68 -9.87 -2.77 -4.17
N VAL A 69 -10.26 -2.98 -2.92
CA VAL A 69 -10.00 -4.25 -2.26
C VAL A 69 -10.11 -5.38 -3.29
N GLY A 70 -9.08 -6.22 -3.31
CA GLY A 70 -9.06 -7.34 -4.24
C GLY A 70 -8.53 -6.91 -5.60
N GLU A 71 -7.56 -6.01 -5.58
CA GLU A 71 -6.97 -5.50 -6.81
C GLU A 71 -5.50 -5.94 -6.91
N LYS A 72 -5.13 -6.36 -8.10
CA LYS A 72 -3.77 -6.80 -8.34
C LYS A 72 -3.06 -5.80 -9.26
N PRO A 73 -2.22 -4.96 -8.64
CA PRO A 73 -1.45 -3.93 -9.32
C PRO A 73 -0.75 -4.54 -10.52
N THR A 74 -0.43 -3.70 -11.50
CA THR A 74 0.25 -4.17 -12.70
C THR A 74 1.68 -3.64 -12.75
N CYS A 75 2.59 -4.52 -13.13
CA CYS A 75 3.99 -4.15 -13.22
C CYS A 75 4.15 -3.13 -14.35
N ASP A 76 3.46 -3.41 -15.46
CA ASP A 76 3.52 -2.55 -16.62
C ASP A 76 3.46 -1.08 -16.15
N THR A 77 2.83 -0.89 -15.01
CA THR A 77 2.69 0.45 -14.45
C THR A 77 4.06 1.09 -14.26
N CYS A 78 5.00 0.29 -13.78
CA CYS A 78 6.35 0.77 -13.56
C CYS A 78 7.29 0.01 -14.50
N HIS A 79 7.15 -1.31 -14.47
CA HIS A 79 7.99 -2.16 -15.31
C HIS A 79 7.26 -2.43 -16.64
N ASP A 80 7.53 -1.58 -17.61
CA ASP A 80 6.92 -1.71 -18.91
C ASP A 80 7.83 -2.57 -19.81
N ASP A 81 8.48 -3.53 -19.19
CA ASP A 81 9.37 -4.42 -19.91
C ASP A 81 8.74 -5.80 -20.01
N GLY A 82 7.43 -5.83 -19.80
CA GLY A 82 6.69 -7.09 -19.86
C GLY A 82 6.51 -7.69 -18.47
N ARG A 83 7.33 -7.21 -17.54
CA ARG A 83 7.27 -7.68 -16.17
C ARG A 83 5.82 -8.00 -15.78
N THR A 84 5.65 -9.16 -15.16
CA THR A 84 4.32 -9.59 -14.74
C THR A 84 4.38 -10.15 -13.32
N ALA A 85 3.23 -10.12 -12.66
CA ALA A 85 3.14 -10.62 -11.29
C ALA A 85 3.50 -12.11 -11.28
N LYS A 86 3.92 -12.56 -10.11
CA LYS A 86 4.30 -13.95 -9.94
C LYS A 86 3.34 -14.62 -8.95
N ALA A 1 -20.17 -0.49 -4.17
CA ALA A 1 -19.77 -1.51 -5.13
C ALA A 1 -18.29 -1.35 -5.46
N ASP A 2 -17.48 -2.15 -4.79
CA ASP A 2 -16.04 -2.11 -5.01
C ASP A 2 -15.47 -0.86 -4.35
N GLU A 3 -15.18 -0.98 -3.06
CA GLU A 3 -14.63 0.13 -2.30
C GLU A 3 -13.10 0.14 -2.41
N THR A 4 -12.53 1.31 -2.15
CA THR A 4 -11.09 1.47 -2.21
C THR A 4 -10.43 0.79 -1.01
N LEU A 5 -9.13 0.56 -1.15
CA LEU A 5 -8.36 -0.08 -0.09
C LEU A 5 -8.46 0.76 1.19
N ALA A 6 -8.35 2.06 1.00
CA ALA A 6 -8.42 2.99 2.12
C ALA A 6 -9.74 2.77 2.88
N GLU A 7 -10.81 2.66 2.10
CA GLU A 7 -12.12 2.45 2.68
C GLU A 7 -12.13 1.18 3.53
N PHE A 8 -11.86 0.06 2.88
CA PHE A 8 -11.84 -1.22 3.57
C PHE A 8 -11.13 -1.10 4.91
N HIS A 9 -10.07 -0.32 4.93
CA HIS A 9 -9.30 -0.12 6.14
C HIS A 9 -10.08 0.79 7.11
N VAL A 10 -10.73 1.79 6.53
CA VAL A 10 -11.52 2.73 7.31
C VAL A 10 -12.55 1.96 8.13
N GLU A 11 -13.34 1.17 7.42
CA GLU A 11 -14.38 0.38 8.07
C GLU A 11 -13.78 -0.45 9.21
N MET A 12 -12.47 -0.63 9.14
CA MET A 12 -11.77 -1.39 10.16
C MET A 12 -11.10 -0.46 11.17
N GLY A 13 -11.55 0.78 11.18
CA GLY A 13 -11.00 1.78 12.09
C GLY A 13 -11.53 3.17 11.76
N GLY A 14 -10.94 3.77 10.72
CA GLY A 14 -11.35 5.09 10.30
C GLY A 14 -10.28 5.72 9.38
N CYS A 15 -10.44 7.02 9.15
CA CYS A 15 -9.51 7.73 8.30
C CYS A 15 -8.20 7.91 9.06
N GLU A 16 -8.27 7.66 10.36
CA GLU A 16 -7.10 7.78 11.21
C GLU A 16 -6.27 6.50 11.17
N ASN A 17 -6.59 5.66 10.19
CA ASN A 17 -5.88 4.41 10.02
C ASN A 17 -4.49 4.68 9.44
N CYS A 18 -4.39 5.80 8.74
CA CYS A 18 -3.13 6.18 8.13
C CYS A 18 -3.05 7.71 8.10
N HIS A 19 -3.74 8.31 9.05
CA HIS A 19 -3.76 9.77 9.15
C HIS A 19 -3.87 10.19 10.62
N ALA A 20 -2.98 11.09 11.01
CA ALA A 20 -2.96 11.57 12.38
C ALA A 20 -3.85 12.82 12.49
N ASP A 21 -4.85 12.71 13.34
CA ASP A 21 -5.78 13.81 13.55
C ASP A 21 -6.11 14.45 12.20
N GLY A 22 -6.26 13.60 11.20
CA GLY A 22 -6.58 14.06 9.86
C GLY A 22 -5.53 15.05 9.36
N GLU A 23 -4.28 14.60 9.37
CA GLU A 23 -3.18 15.43 8.93
C GLU A 23 -2.16 14.58 8.14
N PRO A 24 -2.52 14.30 6.89
CA PRO A 24 -1.71 13.52 5.96
C PRO A 24 -0.27 13.98 6.05
N SER A 25 0.64 13.04 6.31
CA SER A 25 2.05 13.37 6.41
C SER A 25 2.49 14.16 5.19
N LYS A 26 3.66 14.78 5.31
CA LYS A 26 4.20 15.57 4.21
C LYS A 26 5.55 14.98 3.78
N ASP A 27 5.59 13.65 3.76
CA ASP A 27 6.80 12.95 3.37
C ASP A 27 6.43 11.62 2.73
N GLY A 28 5.79 10.77 3.52
CA GLY A 28 5.37 9.46 3.04
C GLY A 28 5.87 8.36 3.96
N ALA A 29 7.05 8.57 4.51
CA ALA A 29 7.65 7.60 5.42
C ALA A 29 6.73 7.40 6.62
N TYR A 30 6.27 8.52 7.19
CA TYR A 30 5.39 8.50 8.33
C TYR A 30 4.23 7.54 8.07
N GLU A 31 3.64 7.63 6.89
CA GLU A 31 2.52 6.76 6.55
C GLU A 31 3.01 5.32 6.38
N PHE A 32 4.05 5.17 5.59
CA PHE A 32 4.62 3.85 5.34
C PHE A 32 4.77 3.06 6.65
N GLU A 33 4.90 3.81 7.73
CA GLU A 33 5.05 3.19 9.04
C GLU A 33 3.73 2.55 9.48
N GLN A 34 2.65 3.28 9.27
CA GLN A 34 1.33 2.80 9.64
C GLN A 34 1.11 1.39 9.08
N CYS A 35 1.69 1.15 7.91
CA CYS A 35 1.57 -0.16 7.27
C CYS A 35 2.72 -1.04 7.76
N GLN A 36 2.95 -1.00 9.06
CA GLN A 36 4.02 -1.79 9.65
C GLN A 36 3.61 -2.24 11.07
N SER A 37 2.53 -2.99 11.13
CA SER A 37 2.04 -3.49 12.41
C SER A 37 1.10 -4.69 12.17
N CYS A 38 -0.10 -4.37 11.71
CA CYS A 38 -1.08 -5.41 11.44
C CYS A 38 -0.58 -6.26 10.26
N HIS A 39 0.45 -5.76 9.62
CA HIS A 39 1.04 -6.46 8.48
C HIS A 39 2.47 -6.87 8.81
N GLY A 40 3.39 -5.97 8.50
CA GLY A 40 4.80 -6.21 8.75
C GLY A 40 5.68 -5.40 7.80
N SER A 41 6.87 -5.93 7.54
CA SER A 41 7.81 -5.26 6.65
C SER A 41 7.96 -6.06 5.36
N LEU A 42 8.24 -5.33 4.29
CA LEU A 42 8.41 -5.96 2.98
C LEU A 42 9.54 -6.99 3.06
N ALA A 43 10.48 -6.73 3.96
CA ALA A 43 11.60 -7.63 4.14
C ALA A 43 11.12 -8.90 4.86
N GLU A 44 9.85 -8.89 5.22
CA GLU A 44 9.26 -10.02 5.91
C GLU A 44 8.05 -10.55 5.13
N MET A 45 8.09 -10.32 3.83
CA MET A 45 7.01 -10.75 2.96
C MET A 45 7.52 -11.72 1.88
N ASP A 46 6.63 -12.04 0.96
CA ASP A 46 6.98 -12.95 -0.13
C ASP A 46 8.28 -12.47 -0.79
N ASP A 47 8.72 -13.24 -1.77
CA ASP A 47 9.95 -12.92 -2.48
C ASP A 47 9.64 -11.87 -3.56
N ASN A 48 8.41 -11.38 -3.54
CA ASN A 48 7.98 -10.39 -4.50
C ASN A 48 7.98 -9.01 -3.84
N HIS A 49 7.71 -9.01 -2.54
CA HIS A 49 7.68 -7.77 -1.78
C HIS A 49 9.10 -7.42 -1.31
N LYS A 50 9.84 -8.47 -0.96
CA LYS A 50 11.20 -8.28 -0.49
C LYS A 50 11.97 -7.41 -1.47
N PRO A 51 12.20 -7.97 -2.66
CA PRO A 51 12.91 -7.31 -3.75
C PRO A 51 12.67 -5.82 -3.68
N HIS A 52 11.42 -5.42 -3.48
CA HIS A 52 11.10 -4.00 -3.40
C HIS A 52 11.51 -3.46 -2.03
N ASP A 53 11.11 -4.17 -1.00
CA ASP A 53 11.44 -3.78 0.36
C ASP A 53 12.63 -2.80 0.34
N GLY A 54 12.32 -1.54 0.61
CA GLY A 54 13.34 -0.52 0.62
C GLY A 54 13.49 0.13 -0.76
N LEU A 55 12.35 0.60 -1.27
CA LEU A 55 12.34 1.24 -2.57
C LEU A 55 11.10 2.15 -2.68
N LEU A 56 9.94 1.49 -2.71
CA LEU A 56 8.69 2.22 -2.81
C LEU A 56 7.77 1.81 -1.65
N MET A 57 6.87 2.71 -1.31
CA MET A 57 5.94 2.46 -0.22
C MET A 57 4.81 1.53 -0.68
N CYS A 58 4.00 1.12 0.29
CA CYS A 58 2.89 0.24 0.01
C CYS A 58 1.93 0.96 -0.94
N ALA A 59 1.25 1.97 -0.39
CA ALA A 59 0.31 2.74 -1.18
C ALA A 59 0.86 2.94 -2.59
N ASP A 60 2.09 3.46 -2.64
CA ASP A 60 2.74 3.70 -3.92
C ASP A 60 2.37 2.59 -4.90
N CYS A 61 2.17 1.40 -4.35
CA CYS A 61 1.81 0.25 -5.17
C CYS A 61 0.33 -0.05 -4.94
N HIS A 62 -0.03 -0.18 -3.66
CA HIS A 62 -1.40 -0.47 -3.30
C HIS A 62 -2.19 0.83 -3.19
N ALA A 63 -2.17 1.59 -4.27
CA ALA A 63 -2.89 2.86 -4.32
C ALA A 63 -4.21 2.72 -3.57
N PRO A 64 -4.17 3.16 -2.30
CA PRO A 64 -5.31 3.12 -1.41
C PRO A 64 -6.41 4.04 -1.93
N HIS A 65 -6.07 5.30 -2.16
CA HIS A 65 -7.05 6.25 -2.67
C HIS A 65 -7.15 6.12 -4.18
N GLU A 66 -7.45 4.90 -4.62
CA GLU A 66 -7.59 4.63 -6.04
C GLU A 66 -7.90 3.15 -6.27
N ALA A 67 -6.95 2.31 -5.88
CA ALA A 67 -7.12 0.87 -6.04
C ALA A 67 -8.33 0.41 -5.23
N LYS A 68 -8.81 -0.77 -5.58
CA LYS A 68 -9.97 -1.34 -4.89
C LYS A 68 -9.63 -2.74 -4.41
N VAL A 69 -9.98 -3.01 -3.16
CA VAL A 69 -9.73 -4.31 -2.57
C VAL A 69 -9.92 -5.39 -3.63
N GLY A 70 -8.93 -6.28 -3.72
CA GLY A 70 -8.98 -7.37 -4.68
C GLY A 70 -8.51 -6.90 -6.06
N GLU A 71 -7.62 -5.92 -6.05
CA GLU A 71 -7.09 -5.36 -7.29
C GLU A 71 -5.57 -5.46 -7.29
N LYS A 72 -5.07 -6.55 -7.85
CA LYS A 72 -3.64 -6.78 -7.92
C LYS A 72 -3.02 -5.76 -8.87
N PRO A 73 -2.18 -4.88 -8.29
CA PRO A 73 -1.49 -3.83 -9.01
C PRO A 73 -0.83 -4.40 -10.26
N THR A 74 -0.58 -3.55 -11.23
CA THR A 74 0.03 -3.99 -12.47
C THR A 74 1.49 -3.52 -12.53
N CYS A 75 2.34 -4.41 -13.04
CA CYS A 75 3.75 -4.12 -13.16
C CYS A 75 3.93 -3.09 -14.27
N ASP A 76 3.20 -3.31 -15.35
CA ASP A 76 3.27 -2.41 -16.50
C ASP A 76 3.30 -0.96 -16.01
N THR A 77 2.72 -0.76 -14.83
CA THR A 77 2.66 0.56 -14.24
C THR A 77 4.07 1.13 -14.09
N CYS A 78 4.99 0.28 -13.68
CA CYS A 78 6.37 0.68 -13.50
C CYS A 78 7.24 -0.12 -14.47
N HIS A 79 7.04 -1.43 -14.44
CA HIS A 79 7.80 -2.33 -15.31
C HIS A 79 7.02 -2.57 -16.60
N ASP A 80 7.32 -1.75 -17.59
CA ASP A 80 6.64 -1.87 -18.88
C ASP A 80 7.45 -2.80 -19.78
N ASP A 81 8.17 -3.71 -19.14
CA ASP A 81 8.99 -4.67 -19.88
C ASP A 81 8.25 -6.00 -19.99
N GLY A 82 6.96 -5.95 -19.67
CA GLY A 82 6.13 -7.13 -19.73
C GLY A 82 6.00 -7.79 -18.35
N ARG A 83 6.81 -7.30 -17.42
CA ARG A 83 6.80 -7.82 -16.06
C ARG A 83 5.38 -8.22 -15.67
N THR A 84 5.26 -9.43 -15.16
CA THR A 84 3.97 -9.95 -14.73
C THR A 84 4.01 -10.34 -13.25
N ALA A 85 2.83 -10.35 -12.64
CA ALA A 85 2.72 -10.70 -11.23
C ALA A 85 2.97 -12.20 -11.06
N LYS A 86 3.48 -12.56 -9.89
CA LYS A 86 3.77 -13.96 -9.60
C LYS A 86 3.06 -14.35 -8.30
N ALA A 1 -20.74 -3.30 -3.81
CA ALA A 1 -19.67 -4.23 -4.09
C ALA A 1 -18.51 -3.48 -4.74
N ASP A 2 -17.93 -2.57 -3.98
CA ASP A 2 -16.81 -1.79 -4.46
C ASP A 2 -16.43 -0.74 -3.41
N GLU A 3 -15.17 -0.78 -2.99
CA GLU A 3 -14.67 0.14 -2.00
C GLU A 3 -13.14 0.20 -2.04
N THR A 4 -12.63 1.43 -2.04
CA THR A 4 -11.19 1.63 -2.07
C THR A 4 -10.53 0.95 -0.87
N LEU A 5 -9.23 0.72 -1.00
CA LEU A 5 -8.47 0.07 0.05
C LEU A 5 -8.54 0.94 1.32
N ALA A 6 -8.39 2.24 1.11
CA ALA A 6 -8.44 3.19 2.21
C ALA A 6 -9.78 3.07 2.93
N GLU A 7 -10.81 2.71 2.16
CA GLU A 7 -12.14 2.57 2.70
C GLU A 7 -12.23 1.28 3.54
N PHE A 8 -11.80 0.18 2.92
CA PHE A 8 -11.83 -1.11 3.59
C PHE A 8 -11.14 -1.04 4.95
N HIS A 9 -10.07 -0.27 5.00
CA HIS A 9 -9.31 -0.10 6.23
C HIS A 9 -10.08 0.81 7.19
N VAL A 10 -10.77 1.78 6.61
CA VAL A 10 -11.55 2.72 7.40
C VAL A 10 -12.60 1.95 8.20
N GLU A 11 -13.41 1.20 7.49
CA GLU A 11 -14.46 0.40 8.12
C GLU A 11 -13.87 -0.45 9.25
N MET A 12 -12.56 -0.65 9.16
CA MET A 12 -11.86 -1.45 10.16
C MET A 12 -11.09 -0.55 11.14
N GLY A 13 -11.48 0.71 11.17
CA GLY A 13 -10.83 1.67 12.05
C GLY A 13 -11.35 3.09 11.79
N GLY A 14 -10.84 3.68 10.71
CA GLY A 14 -11.24 5.02 10.34
C GLY A 14 -10.19 5.69 9.45
N CYS A 15 -10.35 6.98 9.26
CA CYS A 15 -9.42 7.74 8.43
C CYS A 15 -8.10 7.89 9.20
N GLU A 16 -8.19 7.66 10.50
CA GLU A 16 -7.02 7.77 11.35
C GLU A 16 -6.21 6.46 11.31
N ASN A 17 -6.56 5.63 10.35
CA ASN A 17 -5.88 4.35 10.19
C ASN A 17 -4.50 4.59 9.60
N CYS A 18 -4.37 5.69 8.88
CA CYS A 18 -3.11 6.04 8.25
C CYS A 18 -3.00 7.57 8.23
N HIS A 19 -3.68 8.20 9.17
CA HIS A 19 -3.67 9.65 9.27
C HIS A 19 -3.75 10.06 10.74
N ALA A 20 -2.90 11.02 11.09
CA ALA A 20 -2.85 11.51 12.46
C ALA A 20 -3.68 12.79 12.56
N ASP A 21 -4.71 12.74 13.41
CA ASP A 21 -5.59 13.88 13.60
C ASP A 21 -5.93 14.49 12.24
N GLY A 22 -6.13 13.62 11.26
CA GLY A 22 -6.47 14.05 9.93
C GLY A 22 -5.42 15.01 9.38
N GLU A 23 -4.17 14.53 9.38
CA GLU A 23 -3.06 15.33 8.88
C GLU A 23 -2.11 14.46 8.05
N PRO A 24 -2.55 14.17 6.83
CA PRO A 24 -1.80 13.37 5.87
C PRO A 24 -0.35 13.82 5.84
N SER A 25 0.56 12.91 6.15
CA SER A 25 1.97 13.24 6.14
C SER A 25 2.34 13.95 4.84
N LYS A 26 3.44 14.70 4.90
CA LYS A 26 3.91 15.42 3.74
C LYS A 26 5.22 14.80 3.24
N ASP A 27 5.30 13.49 3.38
CA ASP A 27 6.49 12.76 2.94
C ASP A 27 6.07 11.43 2.32
N GLY A 28 5.46 10.60 3.15
CA GLY A 28 5.00 9.29 2.70
C GLY A 28 5.53 8.18 3.60
N ALA A 29 6.78 8.33 4.00
CA ALA A 29 7.42 7.35 4.86
C ALA A 29 6.59 7.19 6.13
N TYR A 30 6.07 8.32 6.62
CA TYR A 30 5.26 8.34 7.82
C TYR A 30 4.12 7.34 7.69
N GLU A 31 3.52 7.27 6.51
CA GLU A 31 2.43 6.35 6.28
C GLU A 31 2.94 4.90 6.29
N PHE A 32 4.00 4.68 5.55
CA PHE A 32 4.59 3.35 5.48
C PHE A 32 4.74 2.74 6.87
N GLU A 33 4.90 3.61 7.85
CA GLU A 33 5.06 3.16 9.23
C GLU A 33 3.76 2.52 9.72
N GLN A 34 2.65 3.14 9.37
CA GLN A 34 1.34 2.64 9.77
C GLN A 34 1.14 1.22 9.23
N CYS A 35 1.68 0.99 8.04
CA CYS A 35 1.56 -0.32 7.41
C CYS A 35 2.74 -1.18 7.87
N GLN A 36 2.99 -1.14 9.16
CA GLN A 36 4.08 -1.91 9.73
C GLN A 36 3.71 -2.42 11.12
N SER A 37 2.60 -3.14 11.17
CA SER A 37 2.12 -3.69 12.43
C SER A 37 1.17 -4.86 12.17
N CYS A 38 -0.03 -4.52 11.73
CA CYS A 38 -1.04 -5.52 11.44
C CYS A 38 -0.55 -6.36 10.26
N HIS A 39 0.49 -5.85 9.60
CA HIS A 39 1.06 -6.54 8.45
C HIS A 39 2.50 -6.92 8.75
N GLY A 40 3.40 -5.99 8.46
CA GLY A 40 4.82 -6.21 8.68
C GLY A 40 5.67 -5.40 7.70
N SER A 41 6.90 -5.84 7.52
CA SER A 41 7.82 -5.17 6.62
C SER A 41 7.97 -5.98 5.33
N LEU A 42 8.20 -5.25 4.24
CA LEU A 42 8.37 -5.88 2.95
C LEU A 42 9.49 -6.91 3.02
N ALA A 43 10.51 -6.57 3.80
CA ALA A 43 11.65 -7.46 3.97
C ALA A 43 11.21 -8.72 4.71
N GLU A 44 9.98 -8.67 5.21
CA GLU A 44 9.43 -9.80 5.94
C GLU A 44 8.24 -10.39 5.19
N MET A 45 8.20 -10.13 3.89
CA MET A 45 7.14 -10.63 3.05
C MET A 45 7.67 -11.60 2.00
N ASP A 46 6.78 -11.99 1.09
CA ASP A 46 7.15 -12.91 0.03
C ASP A 46 8.43 -12.41 -0.65
N ASP A 47 8.88 -13.20 -1.63
CA ASP A 47 10.08 -12.84 -2.37
C ASP A 47 9.72 -11.84 -3.47
N ASN A 48 8.48 -11.38 -3.43
CA ASN A 48 8.00 -10.42 -4.41
C ASN A 48 8.00 -9.02 -3.78
N HIS A 49 7.66 -8.99 -2.50
CA HIS A 49 7.62 -7.73 -1.78
C HIS A 49 9.03 -7.33 -1.32
N LYS A 50 9.83 -8.35 -1.07
CA LYS A 50 11.20 -8.13 -0.64
C LYS A 50 11.93 -7.25 -1.66
N PRO A 51 12.12 -7.83 -2.85
CA PRO A 51 12.78 -7.18 -3.96
C PRO A 51 12.53 -5.68 -3.91
N HIS A 52 11.31 -5.29 -3.57
CA HIS A 52 10.96 -3.88 -3.49
C HIS A 52 11.37 -3.34 -2.12
N ASP A 53 11.00 -4.09 -1.09
CA ASP A 53 11.32 -3.69 0.27
C ASP A 53 12.50 -2.72 0.25
N GLY A 54 12.21 -1.48 0.60
CA GLY A 54 13.23 -0.45 0.63
C GLY A 54 13.39 0.21 -0.74
N LEU A 55 12.26 0.63 -1.28
CA LEU A 55 12.25 1.28 -2.59
C LEU A 55 11.01 2.17 -2.71
N LEU A 56 9.86 1.52 -2.78
CA LEU A 56 8.60 2.23 -2.90
C LEU A 56 7.68 1.82 -1.75
N MET A 57 6.80 2.75 -1.38
CA MET A 57 5.87 2.50 -0.30
C MET A 57 4.73 1.58 -0.76
N CYS A 58 3.95 1.12 0.21
CA CYS A 58 2.84 0.24 -0.08
C CYS A 58 1.88 0.97 -1.03
N ALA A 59 1.25 2.00 -0.50
CA ALA A 59 0.31 2.79 -1.28
C ALA A 59 0.85 2.95 -2.70
N ASP A 60 2.09 3.43 -2.78
CA ASP A 60 2.74 3.65 -4.07
C ASP A 60 2.32 2.53 -5.02
N CYS A 61 2.09 1.35 -4.45
CA CYS A 61 1.69 0.20 -5.24
C CYS A 61 0.20 -0.06 -4.99
N HIS A 62 -0.13 -0.25 -3.72
CA HIS A 62 -1.49 -0.51 -3.33
C HIS A 62 -2.26 0.81 -3.22
N ALA A 63 -2.25 1.55 -4.31
CA ALA A 63 -2.94 2.83 -4.35
C ALA A 63 -4.25 2.73 -3.58
N PRO A 64 -4.20 3.16 -2.32
CA PRO A 64 -5.34 3.15 -1.41
C PRO A 64 -6.40 4.11 -1.93
N HIS A 65 -6.04 5.36 -2.11
CA HIS A 65 -6.99 6.36 -2.59
C HIS A 65 -7.11 6.25 -4.11
N GLU A 66 -7.47 5.07 -4.56
CA GLU A 66 -7.62 4.83 -5.99
C GLU A 66 -7.97 3.37 -6.25
N ALA A 67 -7.05 2.50 -5.83
CA ALA A 67 -7.24 1.07 -6.02
C ALA A 67 -8.41 0.60 -5.15
N LYS A 68 -8.94 -0.55 -5.51
CA LYS A 68 -10.06 -1.12 -4.78
C LYS A 68 -9.71 -2.55 -4.34
N VAL A 69 -9.99 -2.83 -3.09
CA VAL A 69 -9.71 -4.15 -2.54
C VAL A 69 -9.95 -5.21 -3.62
N GLY A 70 -8.92 -5.99 -3.87
CA GLY A 70 -9.01 -7.04 -4.87
C GLY A 70 -8.24 -6.65 -6.15
N GLU A 71 -7.90 -5.38 -6.23
CA GLU A 71 -7.18 -4.87 -7.38
C GLU A 71 -5.74 -5.39 -7.37
N LYS A 72 -5.29 -5.81 -8.54
CA LYS A 72 -3.94 -6.33 -8.68
C LYS A 72 -3.11 -5.35 -9.51
N PRO A 73 -2.28 -4.57 -8.79
CA PRO A 73 -1.40 -3.58 -9.37
C PRO A 73 -0.74 -4.14 -10.61
N THR A 74 -0.38 -3.27 -11.54
CA THR A 74 0.26 -3.70 -12.77
C THR A 74 1.74 -3.28 -12.78
N CYS A 75 2.60 -4.24 -13.09
CA CYS A 75 4.02 -3.98 -13.14
C CYS A 75 4.30 -3.01 -14.30
N ASP A 76 3.48 -3.13 -15.33
CA ASP A 76 3.62 -2.29 -16.51
C ASP A 76 3.49 -0.83 -16.08
N THR A 77 2.98 -0.62 -14.88
CA THR A 77 2.80 0.72 -14.36
C THR A 77 4.06 1.16 -13.60
N CYS A 78 5.19 0.60 -14.01
CA CYS A 78 6.46 0.93 -13.39
C CYS A 78 7.58 0.26 -14.20
N HIS A 79 7.38 -1.01 -14.49
CA HIS A 79 8.36 -1.76 -15.26
C HIS A 79 7.98 -1.74 -16.74
N ASP A 80 8.96 -2.09 -17.56
CA ASP A 80 8.73 -2.11 -19.00
C ASP A 80 7.33 -2.65 -19.30
N ASP A 81 7.03 -3.81 -18.73
CA ASP A 81 5.74 -4.42 -18.93
C ASP A 81 5.87 -5.93 -18.72
N GLY A 82 6.83 -6.52 -19.44
CA GLY A 82 7.06 -7.95 -19.35
C GLY A 82 6.83 -8.46 -17.93
N ARG A 83 7.33 -7.69 -16.98
CA ARG A 83 7.19 -8.05 -15.57
C ARG A 83 5.77 -8.54 -15.29
N THR A 84 5.70 -9.73 -14.70
CA THR A 84 4.41 -10.31 -14.37
C THR A 84 4.35 -10.65 -12.89
N ALA A 85 3.12 -10.74 -12.38
CA ALA A 85 2.90 -11.04 -10.98
C ALA A 85 3.12 -12.54 -10.76
N LYS A 86 3.72 -12.87 -9.62
CA LYS A 86 3.98 -14.25 -9.28
C LYS A 86 2.90 -14.76 -8.33
N ALA A 1 -15.08 -2.90 -8.97
CA ALA A 1 -16.34 -2.57 -8.34
C ALA A 1 -16.27 -2.92 -6.85
N ASP A 2 -15.25 -2.38 -6.21
CA ASP A 2 -15.06 -2.64 -4.78
C ASP A 2 -14.56 -1.35 -4.11
N GLU A 3 -14.87 -1.23 -2.84
CA GLU A 3 -14.45 -0.06 -2.07
C GLU A 3 -12.92 0.04 -2.05
N THR A 4 -12.45 1.28 -2.21
CA THR A 4 -11.02 1.53 -2.21
C THR A 4 -10.36 0.85 -1.01
N LEU A 5 -9.05 0.63 -1.14
CA LEU A 5 -8.29 0.00 -0.08
C LEU A 5 -8.42 0.83 1.20
N ALA A 6 -8.31 2.14 1.03
CA ALA A 6 -8.41 3.05 2.15
C ALA A 6 -9.74 2.83 2.87
N GLU A 7 -10.80 2.75 2.06
CA GLU A 7 -12.13 2.55 2.60
C GLU A 7 -12.18 1.24 3.41
N PHE A 8 -11.77 0.17 2.75
CA PHE A 8 -11.76 -1.14 3.39
C PHE A 8 -11.09 -1.08 4.76
N HIS A 9 -10.03 -0.30 4.83
CA HIS A 9 -9.29 -0.14 6.07
C HIS A 9 -10.09 0.73 7.04
N VAL A 10 -10.76 1.73 6.48
CA VAL A 10 -11.55 2.64 7.28
C VAL A 10 -12.60 1.84 8.06
N GLU A 11 -13.38 1.06 7.32
CA GLU A 11 -14.41 0.24 7.94
C GLU A 11 -13.82 -0.61 9.05
N MET A 12 -12.50 -0.79 8.99
CA MET A 12 -11.81 -1.58 9.99
C MET A 12 -11.11 -0.67 11.01
N GLY A 13 -11.55 0.57 11.05
CA GLY A 13 -10.97 1.54 11.97
C GLY A 13 -11.50 2.95 11.69
N GLY A 14 -10.95 3.56 10.65
CA GLY A 14 -11.37 4.90 10.28
C GLY A 14 -10.32 5.57 9.38
N CYS A 15 -10.46 6.87 9.22
CA CYS A 15 -9.54 7.63 8.40
C CYS A 15 -8.22 7.81 9.17
N GLU A 16 -8.30 7.53 10.47
CA GLU A 16 -7.14 7.65 11.33
C GLU A 16 -6.30 6.36 11.26
N ASN A 17 -6.62 5.53 10.28
CA ASN A 17 -5.91 4.28 10.09
C ASN A 17 -4.52 4.57 9.52
N CYS A 18 -4.41 5.70 8.85
CA CYS A 18 -3.15 6.09 8.24
C CYS A 18 -3.07 7.62 8.25
N HIS A 19 -3.77 8.21 9.22
CA HIS A 19 -3.79 9.66 9.35
C HIS A 19 -3.90 10.04 10.82
N ALA A 20 -3.00 10.93 11.23
CA ALA A 20 -2.98 11.38 12.61
C ALA A 20 -3.80 12.67 12.73
N ASP A 21 -4.80 12.61 13.59
CA ASP A 21 -5.67 13.76 13.81
C ASP A 21 -6.06 14.36 12.46
N GLY A 22 -6.25 13.48 11.49
CA GLY A 22 -6.62 13.91 10.15
C GLY A 22 -5.61 14.91 9.59
N GLU A 23 -4.36 14.48 9.58
CA GLU A 23 -3.28 15.32 9.07
C GLU A 23 -2.31 14.49 8.23
N PRO A 24 -2.70 14.26 6.98
CA PRO A 24 -1.94 13.50 6.00
C PRO A 24 -0.49 13.97 6.03
N SER A 25 0.42 13.06 6.36
CA SER A 25 1.83 13.40 6.41
C SER A 25 2.27 13.99 5.07
N LYS A 26 3.25 14.88 5.13
CA LYS A 26 3.77 15.51 3.94
C LYS A 26 5.18 14.96 3.65
N ASP A 27 5.28 13.65 3.70
CA ASP A 27 6.56 12.99 3.45
C ASP A 27 6.31 11.66 2.75
N GLY A 28 5.62 10.77 3.46
CA GLY A 28 5.31 9.46 2.92
C GLY A 28 5.82 8.35 3.85
N ALA A 29 6.92 8.64 4.53
CA ALA A 29 7.51 7.68 5.44
C ALA A 29 6.60 7.51 6.66
N TYR A 30 6.25 8.66 7.26
CA TYR A 30 5.40 8.67 8.42
C TYR A 30 4.22 7.73 8.21
N GLU A 31 3.60 7.81 7.05
CA GLU A 31 2.46 6.95 6.74
C GLU A 31 2.92 5.50 6.56
N PHE A 32 3.94 5.34 5.72
CA PHE A 32 4.47 4.01 5.45
C PHE A 32 4.67 3.23 6.76
N GLU A 33 4.83 3.97 7.83
CA GLU A 33 5.02 3.37 9.14
C GLU A 33 3.73 2.69 9.61
N GLN A 34 2.63 3.39 9.42
CA GLN A 34 1.33 2.88 9.81
C GLN A 34 1.13 1.46 9.28
N CYS A 35 1.68 1.23 8.09
CA CYS A 35 1.58 -0.07 7.46
C CYS A 35 2.76 -0.93 7.93
N GLN A 36 2.99 -0.90 9.23
CA GLN A 36 4.07 -1.67 9.82
C GLN A 36 3.67 -2.17 11.21
N SER A 37 2.56 -2.89 11.24
CA SER A 37 2.07 -3.43 12.50
C SER A 37 1.15 -4.63 12.23
N CYS A 38 -0.05 -4.33 11.77
CA CYS A 38 -1.01 -5.37 11.47
C CYS A 38 -0.48 -6.20 10.30
N HIS A 39 0.55 -5.66 9.65
CA HIS A 39 1.15 -6.34 8.52
C HIS A 39 2.61 -6.68 8.85
N GLY A 40 3.49 -5.73 8.56
CA GLY A 40 4.90 -5.92 8.82
C GLY A 40 5.75 -5.16 7.80
N SER A 41 6.93 -5.70 7.53
CA SER A 41 7.84 -5.10 6.57
C SER A 41 7.94 -5.95 5.31
N LEU A 42 8.26 -5.30 4.21
CA LEU A 42 8.39 -5.98 2.94
C LEU A 42 9.49 -7.03 3.04
N ALA A 43 10.45 -6.77 3.93
CA ALA A 43 11.56 -7.68 4.12
C ALA A 43 11.05 -8.93 4.85
N GLU A 44 9.79 -8.90 5.23
CA GLU A 44 9.18 -10.02 5.92
C GLU A 44 7.96 -10.53 5.14
N MET A 45 8.00 -10.31 3.84
CA MET A 45 6.92 -10.74 2.97
C MET A 45 7.42 -11.71 1.90
N ASP A 46 6.53 -12.02 0.97
CA ASP A 46 6.87 -12.92 -0.11
C ASP A 46 8.18 -12.47 -0.75
N ASP A 47 8.62 -13.24 -1.74
CA ASP A 47 9.86 -12.94 -2.44
C ASP A 47 9.58 -11.88 -3.52
N ASN A 48 8.35 -11.38 -3.51
CA ASN A 48 7.95 -10.37 -4.47
C ASN A 48 7.97 -8.99 -3.79
N HIS A 49 7.67 -8.99 -2.52
CA HIS A 49 7.64 -7.76 -1.74
C HIS A 49 9.06 -7.42 -1.26
N LYS A 50 9.80 -8.48 -0.96
CA LYS A 50 11.17 -8.32 -0.48
C LYS A 50 11.94 -7.43 -1.46
N PRO A 51 12.17 -7.99 -2.66
CA PRO A 51 12.88 -7.33 -3.74
C PRO A 51 12.64 -5.83 -3.67
N HIS A 52 11.38 -5.44 -3.52
CA HIS A 52 11.04 -4.03 -3.44
C HIS A 52 11.46 -3.47 -2.09
N ASP A 53 11.14 -4.22 -1.04
CA ASP A 53 11.48 -3.81 0.31
C ASP A 53 12.66 -2.84 0.26
N GLY A 54 12.35 -1.57 0.53
CA GLY A 54 13.38 -0.54 0.52
C GLY A 54 13.52 0.08 -0.87
N LEU A 55 12.39 0.47 -1.43
CA LEU A 55 12.38 1.07 -2.75
C LEU A 55 11.16 2.00 -2.87
N LEU A 56 9.99 1.38 -2.85
CA LEU A 56 8.75 2.13 -2.96
C LEU A 56 7.83 1.77 -1.79
N MET A 57 6.96 2.70 -1.45
CA MET A 57 6.03 2.49 -0.36
C MET A 57 4.88 1.58 -0.79
N CYS A 58 4.09 1.17 0.20
CA CYS A 58 2.96 0.29 -0.06
C CYS A 58 1.99 1.03 -0.99
N ALA A 59 1.35 2.05 -0.44
CA ALA A 59 0.40 2.83 -1.21
C ALA A 59 0.92 3.02 -2.63
N ASP A 60 2.14 3.52 -2.71
CA ASP A 60 2.77 3.75 -4.00
C ASP A 60 2.38 2.64 -4.96
N CYS A 61 2.18 1.45 -4.40
CA CYS A 61 1.79 0.30 -5.20
C CYS A 61 0.32 0.00 -4.93
N HIS A 62 -0.02 -0.09 -3.66
CA HIS A 62 -1.39 -0.37 -3.27
C HIS A 62 -2.16 0.95 -3.15
N ALA A 63 -2.14 1.71 -4.23
CA ALA A 63 -2.83 2.98 -4.26
C ALA A 63 -4.16 2.86 -3.52
N PRO A 64 -4.13 3.28 -2.24
CA PRO A 64 -5.27 3.25 -1.36
C PRO A 64 -6.35 4.18 -1.89
N HIS A 65 -6.01 5.45 -2.08
CA HIS A 65 -6.97 6.42 -2.57
C HIS A 65 -7.04 6.33 -4.10
N GLU A 66 -7.39 5.14 -4.57
CA GLU A 66 -7.50 4.91 -6.01
C GLU A 66 -7.81 3.43 -6.28
N ALA A 67 -6.87 2.59 -5.90
CA ALA A 67 -7.02 1.16 -6.10
C ALA A 67 -8.29 0.68 -5.37
N LYS A 68 -8.56 -0.61 -5.50
CA LYS A 68 -9.72 -1.20 -4.87
C LYS A 68 -9.39 -2.61 -4.40
N VAL A 69 -9.80 -2.91 -3.18
CA VAL A 69 -9.54 -4.21 -2.58
C VAL A 69 -9.70 -5.29 -3.66
N GLY A 70 -8.68 -6.13 -3.76
CA GLY A 70 -8.70 -7.21 -4.74
C GLY A 70 -8.26 -6.70 -6.12
N GLU A 71 -7.51 -5.62 -6.10
CA GLU A 71 -7.01 -5.02 -7.34
C GLU A 71 -5.50 -5.20 -7.45
N LYS A 72 -5.11 -6.34 -7.99
CA LYS A 72 -3.70 -6.64 -8.16
C LYS A 72 -3.06 -5.59 -9.06
N PRO A 73 -2.18 -4.78 -8.47
CA PRO A 73 -1.47 -3.72 -9.14
C PRO A 73 -0.85 -4.26 -10.43
N THR A 74 -0.59 -3.36 -11.37
CA THR A 74 -0.01 -3.77 -12.65
C THR A 74 1.47 -3.35 -12.72
N CYS A 75 2.31 -4.29 -13.11
CA CYS A 75 3.73 -4.03 -13.23
C CYS A 75 3.96 -3.14 -14.44
N ASP A 76 3.24 -3.44 -15.52
CA ASP A 76 3.35 -2.67 -16.74
C ASP A 76 3.44 -1.18 -16.39
N THR A 77 2.83 -0.83 -15.28
CA THR A 77 2.83 0.55 -14.83
C THR A 77 4.27 1.04 -14.61
N CYS A 78 5.06 0.18 -13.99
CA CYS A 78 6.46 0.51 -13.72
C CYS A 78 7.34 -0.35 -14.63
N HIS A 79 7.10 -1.65 -14.58
CA HIS A 79 7.86 -2.58 -15.39
C HIS A 79 7.12 -2.83 -16.71
N ASP A 80 7.47 -2.06 -17.72
CA ASP A 80 6.85 -2.20 -19.02
C ASP A 80 7.66 -3.17 -19.87
N ASP A 81 8.29 -4.13 -19.19
CA ASP A 81 9.09 -5.13 -19.87
C ASP A 81 8.33 -6.45 -19.92
N GLY A 82 7.03 -6.36 -19.68
CA GLY A 82 6.18 -7.54 -19.70
C GLY A 82 5.98 -8.09 -18.28
N ARG A 83 6.82 -7.62 -17.38
CA ARG A 83 6.76 -8.06 -16.00
C ARG A 83 5.30 -8.31 -15.59
N THR A 84 5.07 -9.48 -15.03
CA THR A 84 3.73 -9.85 -14.60
C THR A 84 3.76 -10.33 -13.15
N ALA A 85 2.60 -10.24 -12.50
CA ALA A 85 2.47 -10.66 -11.12
C ALA A 85 2.70 -12.17 -11.02
N LYS A 86 3.26 -12.58 -9.89
CA LYS A 86 3.53 -13.99 -9.66
C LYS A 86 3.67 -14.23 -8.16
N ALA A 1 -19.93 -4.37 -4.03
CA ALA A 1 -18.54 -4.72 -4.26
C ALA A 1 -17.85 -3.58 -4.99
N ASP A 2 -17.35 -2.63 -4.21
CA ASP A 2 -16.66 -1.48 -4.78
C ASP A 2 -16.29 -0.51 -3.66
N GLU A 3 -15.09 -0.67 -3.14
CA GLU A 3 -14.60 0.18 -2.06
C GLU A 3 -13.07 0.20 -2.06
N THR A 4 -12.53 1.41 -2.22
CA THR A 4 -11.09 1.58 -2.23
C THR A 4 -10.46 0.89 -1.03
N LEU A 5 -9.15 0.68 -1.12
CA LEU A 5 -8.42 0.02 -0.04
C LEU A 5 -8.52 0.88 1.22
N ALA A 6 -8.35 2.18 1.03
CA ALA A 6 -8.42 3.11 2.15
C ALA A 6 -9.75 2.93 2.89
N GLU A 7 -10.81 2.77 2.10
CA GLU A 7 -12.14 2.59 2.67
C GLU A 7 -12.18 1.31 3.50
N PHE A 8 -11.84 0.21 2.84
CA PHE A 8 -11.84 -1.09 3.50
C PHE A 8 -11.15 -1.02 4.86
N HIS A 9 -10.10 -0.21 4.90
CA HIS A 9 -9.34 -0.04 6.14
C HIS A 9 -10.13 0.84 7.10
N VAL A 10 -10.80 1.83 6.53
CA VAL A 10 -11.59 2.76 7.33
C VAL A 10 -12.64 1.97 8.13
N GLU A 11 -13.41 1.18 7.41
CA GLU A 11 -14.45 0.37 8.03
C GLU A 11 -13.86 -0.47 9.16
N MET A 12 -12.54 -0.63 9.12
CA MET A 12 -11.84 -1.39 10.13
C MET A 12 -11.07 -0.48 11.08
N GLY A 13 -11.50 0.78 11.13
CA GLY A 13 -10.85 1.75 11.99
C GLY A 13 -11.39 3.16 11.71
N GLY A 14 -10.88 3.75 10.64
CA GLY A 14 -11.30 5.09 10.25
C GLY A 14 -10.25 5.76 9.36
N CYS A 15 -10.43 7.05 9.16
CA CYS A 15 -9.51 7.81 8.34
C CYS A 15 -8.19 7.99 9.11
N GLU A 16 -8.28 7.76 10.41
CA GLU A 16 -7.11 7.89 11.28
C GLU A 16 -6.30 6.60 11.25
N ASN A 17 -6.64 5.74 10.29
CA ASN A 17 -5.94 4.47 10.15
C ASN A 17 -4.55 4.72 9.57
N CYS A 18 -4.43 5.82 8.85
CA CYS A 18 -3.16 6.19 8.23
C CYS A 18 -3.05 7.71 8.20
N HIS A 19 -3.76 8.34 9.13
CA HIS A 19 -3.76 9.79 9.22
C HIS A 19 -3.84 10.20 10.69
N ALA A 20 -2.76 10.82 11.16
CA ALA A 20 -2.70 11.28 12.54
C ALA A 20 -3.45 12.60 12.67
N ASP A 21 -4.52 12.56 13.44
CA ASP A 21 -5.33 13.75 13.65
C ASP A 21 -5.81 14.28 12.31
N GLY A 22 -5.93 13.36 11.35
CA GLY A 22 -6.38 13.74 10.02
C GLY A 22 -5.41 14.71 9.36
N GLU A 23 -4.13 14.40 9.47
CA GLU A 23 -3.09 15.24 8.90
C GLU A 23 -2.12 14.41 8.06
N PRO A 24 -2.51 14.15 6.82
CA PRO A 24 -1.76 13.38 5.86
C PRO A 24 -0.30 13.82 5.89
N SER A 25 0.60 12.88 6.14
CA SER A 25 2.02 13.19 6.19
C SER A 25 2.43 14.01 4.97
N LYS A 26 3.46 14.82 5.15
CA LYS A 26 3.95 15.66 4.06
C LYS A 26 5.19 15.00 3.46
N ASP A 27 5.24 13.68 3.55
CA ASP A 27 6.35 12.93 3.00
C ASP A 27 5.87 11.55 2.56
N GLY A 28 5.37 10.79 3.53
CA GLY A 28 4.88 9.45 3.26
C GLY A 28 5.51 8.42 4.20
N ALA A 29 6.78 8.64 4.48
CA ALA A 29 7.52 7.75 5.36
C ALA A 29 6.70 7.52 6.64
N TYR A 30 6.39 8.63 7.32
CA TYR A 30 5.62 8.58 8.54
C TYR A 30 4.39 7.72 8.35
N GLU A 31 3.71 7.89 7.22
CA GLU A 31 2.52 7.11 6.95
C GLU A 31 2.89 5.65 6.71
N PHE A 32 3.86 5.45 5.83
CA PHE A 32 4.31 4.11 5.51
C PHE A 32 4.49 3.27 6.76
N GLU A 33 4.80 3.95 7.85
CA GLU A 33 5.01 3.28 9.12
C GLU A 33 3.71 2.60 9.58
N GLN A 34 2.61 3.32 9.41
CA GLN A 34 1.31 2.80 9.79
C GLN A 34 1.12 1.39 9.24
N CYS A 35 1.65 1.18 8.03
CA CYS A 35 1.54 -0.12 7.39
C CYS A 35 2.70 -0.99 7.86
N GLN A 36 2.89 -1.02 9.17
CA GLN A 36 3.96 -1.80 9.77
C GLN A 36 3.55 -2.28 11.17
N SER A 37 2.51 -3.10 11.20
CA SER A 37 2.02 -3.63 12.46
C SER A 37 1.07 -4.79 12.20
N CYS A 38 -0.12 -4.45 11.72
CA CYS A 38 -1.12 -5.45 11.42
C CYS A 38 -0.64 -6.29 10.23
N HIS A 39 0.41 -5.80 9.59
CA HIS A 39 0.98 -6.48 8.44
C HIS A 39 2.42 -6.89 8.76
N GLY A 40 3.34 -5.98 8.47
CA GLY A 40 4.75 -6.24 8.70
C GLY A 40 5.63 -5.42 7.74
N SER A 41 6.83 -5.94 7.52
CA SER A 41 7.77 -5.29 6.63
C SER A 41 7.92 -6.09 5.34
N LEU A 42 8.21 -5.38 4.26
CA LEU A 42 8.39 -6.00 2.96
C LEU A 42 9.52 -7.04 3.05
N ALA A 43 10.46 -6.76 3.93
CA ALA A 43 11.60 -7.64 4.12
C ALA A 43 11.13 -8.92 4.83
N GLU A 44 9.86 -8.90 5.21
CA GLU A 44 9.27 -10.05 5.90
C GLU A 44 8.07 -10.57 5.11
N MET A 45 8.09 -10.32 3.81
CA MET A 45 7.01 -10.76 2.94
C MET A 45 7.53 -11.73 1.87
N ASP A 46 6.64 -12.04 0.94
CA ASP A 46 7.00 -12.95 -0.14
C ASP A 46 8.25 -12.43 -0.85
N ASP A 47 8.68 -13.19 -1.84
CA ASP A 47 9.87 -12.82 -2.60
C ASP A 47 9.49 -11.80 -3.67
N ASN A 48 8.23 -11.37 -3.61
CA ASN A 48 7.74 -10.39 -4.56
C ASN A 48 7.73 -9.00 -3.91
N HIS A 49 7.69 -9.01 -2.58
CA HIS A 49 7.68 -7.77 -1.82
C HIS A 49 9.10 -7.43 -1.37
N LYS A 50 9.80 -8.47 -0.94
CA LYS A 50 11.17 -8.30 -0.48
C LYS A 50 11.93 -7.41 -1.47
N PRO A 51 12.17 -7.97 -2.66
CA PRO A 51 12.87 -7.31 -3.75
C PRO A 51 12.64 -5.81 -3.67
N HIS A 52 11.39 -5.41 -3.48
CA HIS A 52 11.06 -4.00 -3.38
C HIS A 52 11.48 -3.46 -2.02
N ASP A 53 11.08 -4.19 -0.99
CA ASP A 53 11.40 -3.79 0.37
C ASP A 53 12.59 -2.82 0.35
N GLY A 54 12.27 -1.54 0.52
CA GLY A 54 13.30 -0.51 0.51
C GLY A 54 13.47 0.09 -0.88
N LEU A 55 12.35 0.54 -1.44
CA LEU A 55 12.36 1.14 -2.76
C LEU A 55 11.12 2.01 -2.93
N LEU A 56 9.96 1.37 -2.82
CA LEU A 56 8.69 2.09 -2.95
C LEU A 56 7.78 1.72 -1.77
N MET A 57 6.88 2.64 -1.47
CA MET A 57 5.94 2.44 -0.38
C MET A 57 4.79 1.53 -0.80
N CYS A 58 4.04 1.08 0.19
CA CYS A 58 2.91 0.20 -0.06
C CYS A 58 1.95 0.94 -1.01
N ALA A 59 1.32 1.96 -0.47
CA ALA A 59 0.38 2.75 -1.24
C ALA A 59 0.91 2.92 -2.68
N ASP A 60 2.14 3.41 -2.76
CA ASP A 60 2.77 3.62 -4.05
C ASP A 60 2.35 2.50 -5.01
N CYS A 61 2.14 1.33 -4.44
CA CYS A 61 1.73 0.18 -5.23
C CYS A 61 0.24 -0.09 -4.96
N HIS A 62 -0.07 -0.24 -3.68
CA HIS A 62 -1.44 -0.50 -3.27
C HIS A 62 -2.20 0.83 -3.15
N ALA A 63 -2.19 1.57 -4.24
CA ALA A 63 -2.88 2.86 -4.26
C ALA A 63 -4.20 2.75 -3.50
N PRO A 64 -4.16 3.18 -2.24
CA PRO A 64 -5.30 3.17 -1.34
C PRO A 64 -6.38 4.09 -1.87
N HIS A 65 -6.04 5.36 -2.09
CA HIS A 65 -7.00 6.31 -2.60
C HIS A 65 -7.10 6.19 -4.12
N GLU A 66 -7.40 4.97 -4.57
CA GLU A 66 -7.53 4.71 -5.99
C GLU A 66 -7.87 3.23 -6.22
N ALA A 67 -6.93 2.38 -5.84
CA ALA A 67 -7.12 0.95 -6.00
C ALA A 67 -8.36 0.51 -5.23
N LYS A 68 -8.77 -0.73 -5.48
CA LYS A 68 -9.94 -1.28 -4.82
C LYS A 68 -9.62 -2.68 -4.30
N VAL A 69 -10.03 -2.92 -3.06
CA VAL A 69 -9.79 -4.21 -2.43
C VAL A 69 -9.94 -5.32 -3.47
N GLY A 70 -8.94 -6.19 -3.52
CA GLY A 70 -8.96 -7.29 -4.46
C GLY A 70 -8.50 -6.84 -5.85
N GLU A 71 -7.53 -5.94 -5.85
CA GLU A 71 -7.00 -5.42 -7.10
C GLU A 71 -5.47 -5.48 -7.09
N LYS A 72 -4.94 -6.51 -7.73
CA LYS A 72 -3.50 -6.69 -7.80
C LYS A 72 -2.92 -5.72 -8.83
N PRO A 73 -2.10 -4.79 -8.33
CA PRO A 73 -1.45 -3.76 -9.11
C PRO A 73 -0.76 -4.41 -10.31
N THR A 74 -0.55 -3.63 -11.36
CA THR A 74 0.09 -4.15 -12.56
C THR A 74 1.53 -3.64 -12.65
N CYS A 75 2.42 -4.55 -13.00
CA CYS A 75 3.83 -4.21 -13.13
C CYS A 75 3.99 -3.25 -14.32
N ASP A 76 3.28 -3.56 -15.39
CA ASP A 76 3.32 -2.74 -16.59
C ASP A 76 3.28 -1.27 -16.19
N THR A 77 2.68 -1.01 -15.04
CA THR A 77 2.56 0.35 -14.55
C THR A 77 3.94 0.97 -14.36
N CYS A 78 4.84 0.16 -13.81
CA CYS A 78 6.21 0.62 -13.57
C CYS A 78 7.14 -0.15 -14.51
N HIS A 79 7.01 -1.47 -14.48
CA HIS A 79 7.83 -2.32 -15.32
C HIS A 79 7.11 -2.60 -16.64
N ASP A 80 7.37 -1.76 -17.61
CA ASP A 80 6.75 -1.91 -18.92
C ASP A 80 7.64 -2.78 -19.81
N ASP A 81 8.33 -3.72 -19.18
CA ASP A 81 9.21 -4.62 -19.89
C ASP A 81 8.56 -6.00 -20.00
N GLY A 82 7.25 -6.02 -19.77
CA GLY A 82 6.50 -7.26 -19.83
C GLY A 82 6.34 -7.88 -18.45
N ARG A 83 7.18 -7.42 -17.53
CA ARG A 83 7.14 -7.93 -16.17
C ARG A 83 5.70 -8.24 -15.76
N THR A 84 5.52 -9.44 -15.22
CA THR A 84 4.21 -9.88 -14.79
C THR A 84 4.25 -10.37 -13.34
N ALA A 85 3.10 -10.34 -12.70
CA ALA A 85 3.00 -10.78 -11.32
C ALA A 85 3.24 -12.29 -11.25
N LYS A 86 3.60 -12.73 -10.06
CA LYS A 86 3.85 -14.15 -9.84
C LYS A 86 3.21 -14.58 -8.52
N ALA A 1 -20.35 -1.11 -4.16
CA ALA A 1 -19.48 -1.91 -5.02
C ALA A 1 -18.06 -1.89 -4.46
N ASP A 2 -17.16 -2.50 -5.21
CA ASP A 2 -15.76 -2.56 -4.81
C ASP A 2 -15.35 -1.21 -4.22
N GLU A 3 -15.03 -1.23 -2.93
CA GLU A 3 -14.61 -0.02 -2.24
C GLU A 3 -13.10 0.09 -2.25
N THR A 4 -12.63 1.32 -2.11
CA THR A 4 -11.20 1.60 -2.10
C THR A 4 -10.54 0.90 -0.90
N LEU A 5 -9.22 0.74 -1.00
CA LEU A 5 -8.47 0.10 0.06
C LEU A 5 -8.55 0.96 1.33
N ALA A 6 -8.37 2.26 1.14
CA ALA A 6 -8.42 3.19 2.25
C ALA A 6 -9.75 3.02 2.99
N GLU A 7 -10.75 2.60 2.25
CA GLU A 7 -12.07 2.38 2.82
C GLU A 7 -12.10 1.11 3.67
N PHE A 8 -11.82 0.00 3.01
CA PHE A 8 -11.79 -1.28 3.69
C PHE A 8 -11.07 -1.18 5.03
N HIS A 9 -10.03 -0.37 5.05
CA HIS A 9 -9.25 -0.17 6.27
C HIS A 9 -10.03 0.71 7.24
N VAL A 10 -10.72 1.70 6.68
CA VAL A 10 -11.50 2.62 7.48
C VAL A 10 -12.52 1.82 8.30
N GLU A 11 -13.31 1.03 7.58
CA GLU A 11 -14.34 0.22 8.23
C GLU A 11 -13.72 -0.61 9.36
N MET A 12 -12.40 -0.78 9.27
CA MET A 12 -11.69 -1.54 10.28
C MET A 12 -10.94 -0.62 11.24
N GLY A 13 -11.37 0.63 11.26
CA GLY A 13 -10.75 1.62 12.13
C GLY A 13 -11.30 3.02 11.87
N GLY A 14 -10.80 3.62 10.80
CA GLY A 14 -11.22 4.96 10.42
C GLY A 14 -10.20 5.63 9.52
N CYS A 15 -10.38 6.93 9.33
CA CYS A 15 -9.48 7.71 8.50
C CYS A 15 -8.16 7.88 9.26
N GLU A 16 -8.23 7.66 10.56
CA GLU A 16 -7.05 7.79 11.40
C GLU A 16 -6.21 6.50 11.34
N ASN A 17 -6.56 5.65 10.39
CA ASN A 17 -5.86 4.38 10.22
C ASN A 17 -4.48 4.66 9.62
N CYS A 18 -4.39 5.77 8.91
CA CYS A 18 -3.14 6.16 8.27
C CYS A 18 -3.06 7.67 8.26
N HIS A 19 -3.75 8.29 9.21
CA HIS A 19 -3.76 9.74 9.31
C HIS A 19 -3.82 10.15 10.78
N ALA A 20 -2.98 11.11 11.14
CA ALA A 20 -2.93 11.60 12.50
C ALA A 20 -3.77 12.86 12.61
N ASP A 21 -4.75 12.81 13.49
CA ASP A 21 -5.64 13.95 13.71
C ASP A 21 -6.02 14.55 12.36
N GLY A 22 -6.21 13.67 11.39
CA GLY A 22 -6.58 14.11 10.04
C GLY A 22 -5.54 15.08 9.48
N GLU A 23 -4.30 14.60 9.43
CA GLU A 23 -3.21 15.41 8.92
C GLU A 23 -2.25 14.55 8.10
N PRO A 24 -2.66 14.27 6.86
CA PRO A 24 -1.91 13.46 5.92
C PRO A 24 -0.46 13.93 5.90
N SER A 25 0.46 13.02 6.17
CA SER A 25 1.88 13.36 6.17
C SER A 25 2.24 14.11 4.89
N LYS A 26 3.32 14.87 4.98
CA LYS A 26 3.78 15.65 3.83
C LYS A 26 5.06 15.03 3.29
N ASP A 27 5.16 13.72 3.42
CA ASP A 27 6.33 12.99 2.95
C ASP A 27 5.89 11.63 2.41
N GLY A 28 5.34 10.82 3.30
CA GLY A 28 4.88 9.49 2.93
C GLY A 28 5.49 8.43 3.84
N ALA A 29 6.71 8.70 4.28
CA ALA A 29 7.43 7.78 5.14
C ALA A 29 6.61 7.57 6.43
N TYR A 30 6.09 8.68 6.95
CA TYR A 30 5.31 8.65 8.16
C TYR A 30 4.17 7.65 8.02
N GLU A 31 3.48 7.70 6.88
CA GLU A 31 2.38 6.78 6.64
C GLU A 31 2.89 5.35 6.49
N PHE A 32 3.93 5.21 5.67
CA PHE A 32 4.51 3.90 5.43
C PHE A 32 4.74 3.16 6.75
N GLU A 33 4.87 3.93 7.82
CA GLU A 33 5.08 3.35 9.14
C GLU A 33 3.82 2.65 9.62
N GLN A 34 2.70 3.30 9.39
CA GLN A 34 1.41 2.75 9.79
C GLN A 34 1.23 1.35 9.23
N CYS A 35 1.74 1.16 8.02
CA CYS A 35 1.64 -0.13 7.36
C CYS A 35 2.82 -0.99 7.81
N GLN A 36 3.01 -1.05 9.12
CA GLN A 36 4.09 -1.83 9.69
C GLN A 36 3.72 -2.32 11.08
N SER A 37 2.68 -3.15 11.12
CA SER A 37 2.21 -3.71 12.38
C SER A 37 1.26 -4.87 12.11
N CYS A 38 0.05 -4.53 11.66
CA CYS A 38 -0.96 -5.53 11.36
C CYS A 38 -0.47 -6.36 10.18
N HIS A 39 0.56 -5.86 9.52
CA HIS A 39 1.14 -6.54 8.37
C HIS A 39 2.58 -6.95 8.68
N GLY A 40 3.50 -6.05 8.39
CA GLY A 40 4.90 -6.29 8.63
C GLY A 40 5.78 -5.48 7.68
N SER A 41 6.99 -5.98 7.47
CA SER A 41 7.92 -5.30 6.58
C SER A 41 8.03 -6.05 5.26
N LEU A 42 8.25 -5.29 4.20
CA LEU A 42 8.37 -5.87 2.87
C LEU A 42 9.46 -6.94 2.88
N ALA A 43 10.47 -6.71 3.70
CA ALA A 43 11.58 -7.64 3.82
C ALA A 43 11.11 -8.89 4.56
N GLU A 44 9.88 -8.82 5.05
CA GLU A 44 9.30 -9.94 5.78
C GLU A 44 8.02 -10.42 5.10
N MET A 45 7.96 -10.17 3.79
CA MET A 45 6.80 -10.57 3.01
C MET A 45 7.19 -11.61 1.96
N ASP A 46 6.23 -11.92 1.10
CA ASP A 46 6.45 -12.88 0.04
C ASP A 46 7.75 -12.53 -0.70
N ASP A 47 8.07 -13.37 -1.68
CA ASP A 47 9.28 -13.16 -2.47
C ASP A 47 8.99 -12.14 -3.57
N ASN A 48 7.81 -11.55 -3.49
CA ASN A 48 7.40 -10.56 -4.48
C ASN A 48 7.54 -9.16 -3.89
N HIS A 49 7.41 -9.10 -2.57
CA HIS A 49 7.52 -7.83 -1.87
C HIS A 49 8.98 -7.58 -1.48
N LYS A 50 9.65 -8.67 -1.10
CA LYS A 50 11.04 -8.58 -0.70
C LYS A 50 11.83 -7.84 -1.78
N PRO A 51 11.86 -8.44 -2.97
CA PRO A 51 12.56 -7.91 -4.12
C PRO A 51 12.64 -6.40 -4.03
N HIS A 52 11.54 -5.77 -3.65
CA HIS A 52 11.52 -4.32 -3.53
C HIS A 52 12.15 -3.91 -2.19
N ASP A 53 11.53 -4.39 -1.12
CA ASP A 53 12.01 -4.09 0.22
C ASP A 53 12.91 -2.85 0.16
N GLY A 54 12.28 -1.70 0.34
CA GLY A 54 13.01 -0.44 0.31
C GLY A 54 13.20 0.06 -1.12
N LEU A 55 12.09 0.32 -1.78
CA LEU A 55 12.11 0.79 -3.15
C LEU A 55 10.91 1.71 -3.40
N LEU A 56 9.76 1.26 -2.94
CA LEU A 56 8.53 2.02 -3.10
C LEU A 56 7.60 1.75 -1.92
N MET A 57 6.77 2.73 -1.64
CA MET A 57 5.83 2.61 -0.53
C MET A 57 4.67 1.67 -0.89
N CYS A 58 3.95 1.25 0.14
CA CYS A 58 2.83 0.36 -0.06
C CYS A 58 1.83 1.04 -0.99
N ALA A 59 1.15 2.05 -0.47
CA ALA A 59 0.17 2.79 -1.23
C ALA A 59 0.70 3.00 -2.66
N ASP A 60 1.91 3.55 -2.74
CA ASP A 60 2.53 3.80 -4.02
C ASP A 60 2.17 2.66 -4.99
N CYS A 61 2.04 1.47 -4.43
CA CYS A 61 1.71 0.30 -5.22
C CYS A 61 0.24 -0.05 -4.97
N HIS A 62 -0.13 0.00 -3.70
CA HIS A 62 -1.51 -0.31 -3.32
C HIS A 62 -2.31 0.99 -3.20
N ALA A 63 -2.31 1.74 -4.30
CA ALA A 63 -3.04 3.00 -4.33
C ALA A 63 -4.33 2.87 -3.53
N PRO A 64 -4.26 3.29 -2.27
CA PRO A 64 -5.36 3.25 -1.33
C PRO A 64 -6.48 4.17 -1.82
N HIS A 65 -6.15 5.43 -2.05
CA HIS A 65 -7.13 6.39 -2.52
C HIS A 65 -7.26 6.30 -4.05
N GLU A 66 -7.67 5.12 -4.50
CA GLU A 66 -7.83 4.88 -5.92
C GLU A 66 -8.12 3.41 -6.18
N ALA A 67 -7.18 2.57 -5.79
CA ALA A 67 -7.32 1.14 -5.98
C ALA A 67 -8.50 0.63 -5.14
N LYS A 68 -8.97 -0.55 -5.51
CA LYS A 68 -10.10 -1.15 -4.81
C LYS A 68 -9.70 -2.56 -4.34
N VAL A 69 -10.03 -2.84 -3.08
CA VAL A 69 -9.72 -4.13 -2.50
C VAL A 69 -9.87 -5.21 -3.57
N GLY A 70 -8.83 -6.03 -3.69
CA GLY A 70 -8.84 -7.10 -4.67
C GLY A 70 -8.42 -6.59 -6.04
N GLU A 71 -7.50 -5.63 -6.04
CA GLU A 71 -7.01 -5.06 -7.28
C GLU A 71 -5.50 -5.24 -7.39
N LYS A 72 -5.10 -6.35 -7.99
CA LYS A 72 -3.70 -6.65 -8.16
C LYS A 72 -3.06 -5.60 -9.07
N PRO A 73 -2.16 -4.81 -8.46
CA PRO A 73 -1.44 -3.75 -9.13
C PRO A 73 -0.82 -4.27 -10.42
N THR A 74 -0.52 -3.38 -11.34
CA THR A 74 0.08 -3.77 -12.60
C THR A 74 1.54 -3.32 -12.67
N CYS A 75 2.41 -4.27 -12.96
CA CYS A 75 3.83 -3.97 -13.07
C CYS A 75 4.04 -3.01 -14.24
N ASP A 76 3.13 -3.10 -15.21
CA ASP A 76 3.22 -2.25 -16.38
C ASP A 76 3.17 -0.78 -15.95
N THR A 77 2.77 -0.58 -14.70
CA THR A 77 2.69 0.75 -14.15
C THR A 77 4.07 1.23 -13.66
N CYS A 78 5.07 0.43 -13.99
CA CYS A 78 6.44 0.75 -13.59
C CYS A 78 7.39 -0.04 -14.49
N HIS A 79 7.23 -1.36 -14.46
CA HIS A 79 8.07 -2.22 -15.26
C HIS A 79 7.44 -2.41 -16.66
N ASP A 80 8.23 -2.09 -17.66
CA ASP A 80 7.78 -2.21 -19.04
C ASP A 80 8.65 -3.23 -19.78
N ASP A 81 9.08 -4.24 -19.05
CA ASP A 81 9.92 -5.28 -19.61
C ASP A 81 9.16 -6.61 -19.61
N GLY A 82 7.84 -6.50 -19.58
CA GLY A 82 6.99 -7.68 -19.58
C GLY A 82 6.73 -8.15 -18.15
N ARG A 83 7.48 -7.58 -17.22
CA ARG A 83 7.34 -7.95 -15.81
C ARG A 83 5.87 -8.25 -15.49
N THR A 84 5.66 -9.40 -14.87
CA THR A 84 4.32 -9.82 -14.50
C THR A 84 4.29 -10.32 -13.05
N ALA A 85 3.12 -10.27 -12.46
CA ALA A 85 2.94 -10.72 -11.10
C ALA A 85 3.18 -12.23 -11.02
N LYS A 86 3.57 -12.67 -9.83
CA LYS A 86 3.84 -14.08 -9.62
C LYS A 86 3.75 -14.39 -8.12
N ALA A 1 -18.44 1.11 -7.24
CA ALA A 1 -18.95 -0.22 -6.96
C ALA A 1 -18.05 -0.89 -5.92
N ASP A 2 -16.76 -0.92 -6.22
CA ASP A 2 -15.80 -1.53 -5.33
C ASP A 2 -15.34 -0.49 -4.29
N GLU A 3 -15.10 -0.98 -3.08
CA GLU A 3 -14.67 -0.11 -2.00
C GLU A 3 -13.14 0.02 -2.00
N THR A 4 -12.69 1.26 -2.04
CA THR A 4 -11.26 1.54 -2.05
C THR A 4 -10.58 0.86 -0.86
N LEU A 5 -9.28 0.66 -0.99
CA LEU A 5 -8.51 0.03 0.07
C LEU A 5 -8.57 0.90 1.32
N ALA A 6 -8.54 2.20 1.11
CA ALA A 6 -8.60 3.14 2.21
C ALA A 6 -9.90 2.94 2.98
N GLU A 7 -10.92 2.52 2.24
CA GLU A 7 -12.23 2.28 2.84
C GLU A 7 -12.20 1.03 3.72
N PHE A 8 -11.90 -0.09 3.08
CA PHE A 8 -11.84 -1.36 3.79
C PHE A 8 -11.12 -1.21 5.13
N HIS A 9 -10.07 -0.41 5.11
CA HIS A 9 -9.28 -0.16 6.31
C HIS A 9 -10.07 0.75 7.25
N VAL A 10 -10.75 1.72 6.66
CA VAL A 10 -11.54 2.66 7.44
C VAL A 10 -12.55 1.89 8.28
N GLU A 11 -13.36 1.10 7.60
CA GLU A 11 -14.38 0.30 8.27
C GLU A 11 -13.74 -0.53 9.39
N MET A 12 -12.44 -0.70 9.28
CA MET A 12 -11.70 -1.48 10.28
C MET A 12 -10.95 -0.55 11.25
N GLY A 13 -11.37 0.70 11.26
CA GLY A 13 -10.76 1.68 12.13
C GLY A 13 -11.31 3.09 11.86
N GLY A 14 -10.84 3.67 10.76
CA GLY A 14 -11.28 5.00 10.38
C GLY A 14 -10.26 5.67 9.46
N CYS A 15 -10.45 6.96 9.26
CA CYS A 15 -9.55 7.73 8.41
C CYS A 15 -8.22 7.91 9.15
N GLU A 16 -8.28 7.69 10.46
CA GLU A 16 -7.10 7.84 11.28
C GLU A 16 -6.27 6.55 11.24
N ASN A 17 -6.62 5.68 10.30
CA ASN A 17 -5.92 4.42 10.14
C ASN A 17 -4.53 4.69 9.54
N CYS A 18 -4.44 5.78 8.80
CA CYS A 18 -3.19 6.16 8.17
C CYS A 18 -3.11 7.68 8.13
N HIS A 19 -3.78 8.30 9.09
CA HIS A 19 -3.79 9.76 9.18
C HIS A 19 -3.84 10.18 10.65
N ALA A 20 -2.90 11.05 11.01
CA ALA A 20 -2.83 11.54 12.38
C ALA A 20 -3.65 12.83 12.49
N ASP A 21 -4.59 12.81 13.42
CA ASP A 21 -5.44 13.96 13.64
C ASP A 21 -5.92 14.50 12.30
N GLY A 22 -6.19 13.58 11.38
CA GLY A 22 -6.64 13.97 10.06
C GLY A 22 -5.70 14.98 9.41
N GLU A 23 -4.43 14.59 9.34
CA GLU A 23 -3.42 15.45 8.76
C GLU A 23 -2.36 14.61 8.03
N PRO A 24 -2.67 14.26 6.79
CA PRO A 24 -1.82 13.46 5.92
C PRO A 24 -0.38 13.93 6.07
N SER A 25 0.54 12.98 6.21
CA SER A 25 1.94 13.32 6.35
C SER A 25 2.40 14.20 5.18
N LYS A 26 3.40 15.02 5.46
CA LYS A 26 3.93 15.91 4.44
C LYS A 26 5.24 15.33 3.88
N ASP A 27 5.31 14.01 3.92
CA ASP A 27 6.49 13.32 3.43
C ASP A 27 6.06 12.00 2.77
N GLY A 28 5.50 11.13 3.58
CA GLY A 28 5.04 9.84 3.09
C GLY A 28 5.55 8.70 3.99
N ALA A 29 6.82 8.80 4.37
CA ALA A 29 7.43 7.80 5.22
C ALA A 29 6.55 7.59 6.47
N TYR A 30 6.31 8.70 7.18
CA TYR A 30 5.51 8.67 8.38
C TYR A 30 4.29 7.76 8.17
N GLU A 31 3.65 7.90 7.02
CA GLU A 31 2.49 7.09 6.73
C GLU A 31 2.89 5.63 6.50
N PHE A 32 3.86 5.45 5.61
CA PHE A 32 4.35 4.12 5.30
C PHE A 32 4.56 3.31 6.57
N GLU A 33 4.79 4.01 7.67
CA GLU A 33 5.02 3.37 8.95
C GLU A 33 3.74 2.68 9.42
N GLN A 34 2.62 3.37 9.24
CA GLN A 34 1.33 2.84 9.65
C GLN A 34 1.14 1.43 9.08
N CYS A 35 1.70 1.22 7.90
CA CYS A 35 1.60 -0.08 7.25
C CYS A 35 2.76 -0.95 7.73
N GLN A 36 2.94 -0.96 9.04
CA GLN A 36 3.99 -1.75 9.64
C GLN A 36 3.61 -2.17 11.06
N SER A 37 2.64 -3.07 11.12
CA SER A 37 2.16 -3.57 12.41
C SER A 37 1.21 -4.75 12.20
N CYS A 38 0.03 -4.43 11.70
CA CYS A 38 -0.98 -5.45 11.45
C CYS A 38 -0.52 -6.29 10.25
N HIS A 39 0.54 -5.81 9.61
CA HIS A 39 1.09 -6.51 8.45
C HIS A 39 2.52 -6.95 8.76
N GLY A 40 3.46 -6.08 8.45
CA GLY A 40 4.86 -6.36 8.69
C GLY A 40 5.76 -5.54 7.76
N SER A 41 6.93 -6.08 7.48
CA SER A 41 7.88 -5.41 6.61
C SER A 41 7.99 -6.16 5.28
N LEU A 42 8.23 -5.40 4.22
CA LEU A 42 8.37 -5.98 2.90
C LEU A 42 9.46 -7.05 2.92
N ALA A 43 10.47 -6.80 3.74
CA ALA A 43 11.59 -7.72 3.87
C ALA A 43 11.11 -8.98 4.60
N GLU A 44 9.87 -8.92 5.07
CA GLU A 44 9.30 -10.04 5.79
C GLU A 44 8.05 -10.54 5.08
N MET A 45 8.00 -10.29 3.77
CA MET A 45 6.88 -10.72 2.97
C MET A 45 7.31 -11.74 1.91
N ASP A 46 6.37 -12.04 1.02
CA ASP A 46 6.63 -13.00 -0.04
C ASP A 46 7.92 -12.61 -0.76
N ASP A 47 8.29 -13.43 -1.74
CA ASP A 47 9.50 -13.18 -2.51
C ASP A 47 9.19 -12.16 -3.62
N ASN A 48 8.00 -11.59 -3.54
CA ASN A 48 7.59 -10.61 -4.52
C ASN A 48 7.69 -9.21 -3.91
N HIS A 49 7.51 -9.15 -2.60
CA HIS A 49 7.58 -7.88 -1.89
C HIS A 49 9.03 -7.61 -1.46
N LYS A 50 9.72 -8.70 -1.11
CA LYS A 50 11.10 -8.60 -0.69
C LYS A 50 11.90 -7.83 -1.74
N PRO A 51 11.97 -8.42 -2.94
CA PRO A 51 12.67 -7.87 -4.08
C PRO A 51 12.74 -6.36 -3.96
N HIS A 52 11.62 -5.73 -3.59
CA HIS A 52 11.58 -4.29 -3.44
C HIS A 52 12.17 -3.89 -2.09
N ASP A 53 11.55 -4.40 -1.04
CA ASP A 53 12.00 -4.10 0.31
C ASP A 53 12.91 -2.87 0.28
N GLY A 54 12.29 -1.71 0.46
CA GLY A 54 13.02 -0.46 0.46
C GLY A 54 13.24 0.05 -0.97
N LEU A 55 12.13 0.37 -1.63
CA LEU A 55 12.18 0.86 -2.99
C LEU A 55 10.97 1.76 -3.25
N LEU A 56 9.81 1.28 -2.81
CA LEU A 56 8.58 2.02 -2.98
C LEU A 56 7.63 1.71 -1.83
N MET A 57 6.85 2.71 -1.46
CA MET A 57 5.88 2.54 -0.37
C MET A 57 4.74 1.61 -0.78
N CYS A 58 3.99 1.18 0.22
CA CYS A 58 2.86 0.29 -0.03
C CYS A 58 1.88 1.00 -0.97
N ALA A 59 1.21 2.00 -0.43
CA ALA A 59 0.25 2.77 -1.20
C ALA A 59 0.79 2.97 -2.62
N ASP A 60 1.99 3.50 -2.69
CA ASP A 60 2.63 3.75 -3.97
C ASP A 60 2.26 2.63 -4.94
N CYS A 61 2.11 1.44 -4.39
CA CYS A 61 1.75 0.28 -5.19
C CYS A 61 0.28 -0.05 -4.94
N HIS A 62 -0.09 -0.03 -3.66
CA HIS A 62 -1.45 -0.33 -3.26
C HIS A 62 -2.24 0.98 -3.11
N ALA A 63 -2.17 1.80 -4.15
CA ALA A 63 -2.86 3.07 -4.15
C ALA A 63 -4.22 2.90 -3.48
N PRO A 64 -4.27 3.25 -2.19
CA PRO A 64 -5.45 3.19 -1.36
C PRO A 64 -6.53 4.10 -1.92
N HIS A 65 -6.20 5.37 -2.08
CA HIS A 65 -7.15 6.33 -2.60
C HIS A 65 -7.22 6.20 -4.13
N GLU A 66 -7.60 5.01 -4.58
CA GLU A 66 -7.72 4.75 -6.00
C GLU A 66 -7.97 3.26 -6.24
N ALA A 67 -7.05 2.44 -5.76
CA ALA A 67 -7.16 1.01 -5.92
C ALA A 67 -8.31 0.50 -5.04
N LYS A 68 -8.95 -0.55 -5.52
CA LYS A 68 -10.07 -1.15 -4.80
C LYS A 68 -9.69 -2.57 -4.38
N VAL A 69 -9.97 -2.88 -3.12
CA VAL A 69 -9.68 -4.20 -2.58
C VAL A 69 -9.90 -5.25 -3.68
N GLY A 70 -8.91 -6.11 -3.83
CA GLY A 70 -8.98 -7.17 -4.83
C GLY A 70 -8.53 -6.66 -6.20
N GLU A 71 -7.51 -5.82 -6.16
CA GLU A 71 -6.97 -5.25 -7.39
C GLU A 71 -5.44 -5.38 -7.41
N LYS A 72 -4.96 -6.41 -8.09
CA LYS A 72 -3.54 -6.65 -8.19
C LYS A 72 -2.91 -5.60 -9.11
N PRO A 73 -2.05 -4.77 -8.51
CA PRO A 73 -1.34 -3.70 -9.18
C PRO A 73 -0.71 -4.24 -10.46
N THR A 74 -0.45 -3.35 -11.41
CA THR A 74 0.15 -3.75 -12.67
C THR A 74 1.62 -3.34 -12.72
N CYS A 75 2.47 -4.30 -13.05
CA CYS A 75 3.90 -4.04 -13.14
C CYS A 75 4.14 -3.06 -14.29
N ASP A 76 3.46 -3.31 -15.39
CA ASP A 76 3.59 -2.45 -16.56
C ASP A 76 3.65 -0.99 -16.12
N THR A 77 3.00 -0.72 -14.99
CA THR A 77 2.98 0.63 -14.45
C THR A 77 4.40 1.17 -14.29
N CYS A 78 5.27 0.30 -13.79
CA CYS A 78 6.66 0.67 -13.58
C CYS A 78 7.53 -0.19 -14.50
N HIS A 79 7.28 -1.49 -14.44
CA HIS A 79 8.04 -2.42 -15.27
C HIS A 79 7.25 -2.73 -16.55
N ASP A 80 7.53 -1.94 -17.58
CA ASP A 80 6.86 -2.11 -18.84
C ASP A 80 7.70 -3.02 -19.74
N ASP A 81 8.37 -3.97 -19.10
CA ASP A 81 9.22 -4.91 -19.82
C ASP A 81 8.52 -6.27 -19.89
N GLY A 82 7.21 -6.24 -19.63
CA GLY A 82 6.42 -7.46 -19.67
C GLY A 82 6.29 -8.06 -18.27
N ARG A 83 7.09 -7.54 -17.36
CA ARG A 83 7.08 -8.03 -15.98
C ARG A 83 5.65 -8.42 -15.58
N THR A 84 5.54 -9.64 -15.06
CA THR A 84 4.25 -10.14 -14.62
C THR A 84 4.28 -10.47 -13.14
N ALA A 85 3.09 -10.47 -12.54
CA ALA A 85 2.96 -10.75 -11.13
C ALA A 85 3.25 -12.24 -10.87
N LYS A 86 3.69 -12.53 -9.66
CA LYS A 86 4.00 -13.90 -9.29
C LYS A 86 3.05 -14.35 -8.18
N ALA A 1 -19.11 -2.16 -8.25
CA ALA A 1 -19.13 -1.28 -7.08
C ALA A 1 -18.08 -1.76 -6.08
N ASP A 2 -16.82 -1.68 -6.49
CA ASP A 2 -15.72 -2.10 -5.63
C ASP A 2 -15.34 -0.95 -4.70
N GLU A 3 -15.12 -1.29 -3.45
CA GLU A 3 -14.75 -0.30 -2.44
C GLU A 3 -13.23 -0.11 -2.44
N THR A 4 -12.82 1.11 -2.15
CA THR A 4 -11.41 1.46 -2.10
C THR A 4 -10.73 0.75 -0.91
N LEU A 5 -9.42 0.73 -0.95
CA LEU A 5 -8.64 0.09 0.10
C LEU A 5 -8.71 0.96 1.36
N ALA A 6 -8.51 2.25 1.15
CA ALA A 6 -8.54 3.20 2.25
C ALA A 6 -9.86 3.05 3.01
N GLU A 7 -10.89 2.64 2.28
CA GLU A 7 -12.21 2.46 2.86
C GLU A 7 -12.22 1.20 3.73
N PHE A 8 -11.96 0.07 3.10
CA PHE A 8 -11.94 -1.20 3.80
C PHE A 8 -11.22 -1.08 5.14
N HIS A 9 -10.16 -0.27 5.13
CA HIS A 9 -9.37 -0.07 6.33
C HIS A 9 -10.14 0.83 7.30
N VAL A 10 -10.82 1.82 6.73
CA VAL A 10 -11.61 2.75 7.53
C VAL A 10 -12.63 1.98 8.35
N GLU A 11 -13.43 1.17 7.65
CA GLU A 11 -14.45 0.38 8.30
C GLU A 11 -13.83 -0.45 9.44
N MET A 12 -12.52 -0.61 9.36
CA MET A 12 -11.80 -1.38 10.37
C MET A 12 -11.04 -0.45 11.32
N GLY A 13 -11.47 0.80 11.35
CA GLY A 13 -10.83 1.79 12.20
C GLY A 13 -11.38 3.19 11.92
N GLY A 14 -10.89 3.77 10.84
CA GLY A 14 -11.32 5.10 10.45
C GLY A 14 -10.28 5.77 9.53
N CYS A 15 -10.47 7.06 9.33
CA CYS A 15 -9.56 7.83 8.49
C CYS A 15 -8.24 8.00 9.24
N GLU A 16 -8.30 7.79 10.54
CA GLU A 16 -7.12 7.91 11.38
C GLU A 16 -6.30 6.62 11.33
N ASN A 17 -6.64 5.76 10.38
CA ASN A 17 -5.95 4.50 10.23
C ASN A 17 -4.57 4.75 9.63
N CYS A 18 -4.48 5.85 8.89
CA CYS A 18 -3.22 6.22 8.26
C CYS A 18 -3.13 7.74 8.21
N HIS A 19 -3.80 8.37 9.15
CA HIS A 19 -3.81 9.82 9.23
C HIS A 19 -3.85 10.26 10.69
N ALA A 20 -2.87 11.05 11.07
CA ALA A 20 -2.78 11.55 12.44
C ALA A 20 -3.61 12.83 12.56
N ASP A 21 -4.57 12.79 13.48
CA ASP A 21 -5.43 13.93 13.71
C ASP A 21 -5.82 14.56 12.37
N GLY A 22 -6.09 13.69 11.41
CA GLY A 22 -6.46 14.14 10.08
C GLY A 22 -5.41 15.08 9.50
N GLU A 23 -4.18 14.58 9.45
CA GLU A 23 -3.08 15.37 8.93
C GLU A 23 -2.15 14.49 8.08
N PRO A 24 -2.57 14.27 6.84
CA PRO A 24 -1.85 13.47 5.87
C PRO A 24 -0.38 13.85 5.88
N SER A 25 0.49 12.90 6.15
CA SER A 25 1.92 13.17 6.18
C SER A 25 2.34 13.91 4.91
N LYS A 26 3.45 14.64 5.02
CA LYS A 26 3.96 15.40 3.90
C LYS A 26 5.34 14.85 3.51
N ASP A 27 5.48 13.54 3.61
CA ASP A 27 6.73 12.89 3.27
C ASP A 27 6.45 11.53 2.63
N GLY A 28 5.82 10.66 3.42
CA GLY A 28 5.48 9.33 2.95
C GLY A 28 5.97 8.26 3.94
N ALA A 29 7.14 8.50 4.49
CA ALA A 29 7.73 7.57 5.44
C ALA A 29 6.76 7.38 6.61
N TYR A 30 6.50 8.48 7.31
CA TYR A 30 5.61 8.47 8.46
C TYR A 30 4.41 7.58 8.16
N GLU A 31 3.88 7.67 6.95
CA GLU A 31 2.74 6.86 6.57
C GLU A 31 3.16 5.38 6.41
N PHE A 32 4.18 5.18 5.59
CA PHE A 32 4.69 3.85 5.34
C PHE A 32 4.79 3.05 6.65
N GLU A 33 4.97 3.78 7.74
CA GLU A 33 5.09 3.16 9.04
C GLU A 33 3.75 2.53 9.45
N GLN A 34 2.68 3.27 9.18
CA GLN A 34 1.35 2.79 9.52
C GLN A 34 1.12 1.38 8.97
N CYS A 35 1.68 1.15 7.78
CA CYS A 35 1.54 -0.14 7.13
C CYS A 35 2.70 -1.03 7.61
N GLN A 36 2.90 -1.03 8.92
CA GLN A 36 3.96 -1.82 9.51
C GLN A 36 3.59 -2.24 10.94
N SER A 37 2.59 -3.11 11.02
CA SER A 37 2.13 -3.59 12.31
C SER A 37 1.16 -4.76 12.12
N CYS A 38 -0.03 -4.42 11.65
CA CYS A 38 -1.06 -5.43 11.41
C CYS A 38 -0.63 -6.28 10.22
N HIS A 39 0.43 -5.83 9.55
CA HIS A 39 0.95 -6.54 8.40
C HIS A 39 2.37 -7.01 8.68
N GLY A 40 3.32 -6.14 8.38
CA GLY A 40 4.73 -6.45 8.60
C GLY A 40 5.62 -5.60 7.70
N SER A 41 6.83 -6.09 7.48
CA SER A 41 7.79 -5.39 6.64
C SER A 41 7.94 -6.11 5.30
N LEU A 42 8.14 -5.31 4.27
CA LEU A 42 8.31 -5.85 2.92
C LEU A 42 9.44 -6.88 2.94
N ALA A 43 10.47 -6.58 3.72
CA ALA A 43 11.62 -7.46 3.82
C ALA A 43 11.20 -8.74 4.56
N GLU A 44 9.97 -8.73 5.06
CA GLU A 44 9.44 -9.87 5.78
C GLU A 44 8.19 -10.41 5.09
N MET A 45 8.12 -10.14 3.80
CA MET A 45 6.98 -10.58 3.01
C MET A 45 7.40 -11.60 1.95
N ASP A 46 6.47 -11.94 1.09
CA ASP A 46 6.74 -12.90 0.02
C ASP A 46 8.00 -12.49 -0.73
N ASP A 47 8.36 -13.29 -1.71
CA ASP A 47 9.55 -13.01 -2.51
C ASP A 47 9.19 -12.01 -3.60
N ASN A 48 7.98 -11.49 -3.51
CA ASN A 48 7.51 -10.51 -4.48
C ASN A 48 7.62 -9.10 -3.89
N HIS A 49 7.49 -9.04 -2.57
CA HIS A 49 7.56 -7.77 -1.87
C HIS A 49 9.01 -7.49 -1.47
N LYS A 50 9.70 -8.57 -1.11
CA LYS A 50 11.09 -8.47 -0.69
C LYS A 50 11.87 -7.68 -1.76
N PRO A 51 11.92 -8.26 -2.96
CA PRO A 51 12.59 -7.70 -4.11
C PRO A 51 12.68 -6.18 -3.96
N HIS A 52 11.58 -5.57 -3.58
CA HIS A 52 11.55 -4.12 -3.42
C HIS A 52 12.12 -3.75 -2.05
N ASP A 53 11.48 -4.26 -1.01
CA ASP A 53 11.92 -3.99 0.35
C ASP A 53 12.73 -2.69 0.37
N GLY A 54 12.02 -1.59 0.53
CA GLY A 54 12.66 -0.28 0.57
C GLY A 54 12.89 0.25 -0.84
N LEU A 55 11.79 0.45 -1.55
CA LEU A 55 11.86 0.96 -2.91
C LEU A 55 10.67 1.88 -3.17
N LEU A 56 9.49 1.39 -2.81
CA LEU A 56 8.27 2.15 -3.01
C LEU A 56 7.27 1.78 -1.90
N MET A 57 6.68 2.82 -1.32
CA MET A 57 5.70 2.61 -0.26
C MET A 57 4.58 1.68 -0.71
N CYS A 58 3.84 1.18 0.26
CA CYS A 58 2.74 0.28 -0.03
C CYS A 58 1.78 0.98 -1.01
N ALA A 59 1.09 1.99 -0.49
CA ALA A 59 0.15 2.74 -1.30
C ALA A 59 0.73 2.93 -2.71
N ASP A 60 1.99 3.35 -2.74
CA ASP A 60 2.66 3.57 -4.00
C ASP A 60 2.26 2.48 -5.00
N CYS A 61 1.97 1.31 -4.46
CA CYS A 61 1.57 0.18 -5.27
C CYS A 61 0.08 -0.09 -5.03
N HIS A 62 -0.26 -0.21 -3.76
CA HIS A 62 -1.64 -0.48 -3.38
C HIS A 62 -2.38 0.85 -3.22
N ALA A 63 -2.39 1.62 -4.29
CA ALA A 63 -3.07 2.90 -4.29
C ALA A 63 -4.39 2.79 -3.52
N PRO A 64 -4.33 3.20 -2.25
CA PRO A 64 -5.46 3.18 -1.33
C PRO A 64 -6.54 4.11 -1.85
N HIS A 65 -6.20 5.37 -2.06
CA HIS A 65 -7.18 6.33 -2.55
C HIS A 65 -7.30 6.21 -4.06
N GLU A 66 -7.71 5.03 -4.50
CA GLU A 66 -7.87 4.77 -5.92
C GLU A 66 -8.17 3.29 -6.16
N ALA A 67 -7.23 2.45 -5.74
CA ALA A 67 -7.38 1.02 -5.90
C ALA A 67 -8.57 0.54 -5.07
N LYS A 68 -8.94 -0.71 -5.29
CA LYS A 68 -10.05 -1.31 -4.56
C LYS A 68 -9.64 -2.69 -4.04
N VAL A 69 -9.97 -2.93 -2.78
CA VAL A 69 -9.63 -4.19 -2.15
C VAL A 69 -9.71 -5.31 -3.20
N GLY A 70 -8.64 -6.10 -3.25
CA GLY A 70 -8.57 -7.20 -4.20
C GLY A 70 -8.07 -6.72 -5.56
N GLU A 71 -7.13 -5.79 -5.52
CA GLU A 71 -6.57 -5.23 -6.74
C GLU A 71 -5.21 -5.87 -7.01
N LYS A 72 -4.93 -6.04 -8.30
CA LYS A 72 -3.67 -6.63 -8.72
C LYS A 72 -2.89 -5.62 -9.56
N PRO A 73 -2.08 -4.82 -8.87
CA PRO A 73 -1.25 -3.79 -9.45
C PRO A 73 -0.46 -4.38 -10.62
N THR A 74 -0.47 -3.68 -11.75
CA THR A 74 0.25 -4.14 -12.92
C THR A 74 1.69 -3.65 -12.90
N CYS A 75 2.59 -4.54 -13.28
CA CYS A 75 4.01 -4.21 -13.31
C CYS A 75 4.24 -3.16 -14.41
N ASP A 76 3.59 -3.40 -15.55
CA ASP A 76 3.71 -2.50 -16.68
C ASP A 76 3.70 -1.05 -16.18
N THR A 77 3.01 -0.85 -15.06
CA THR A 77 2.92 0.47 -14.47
C THR A 77 4.32 1.08 -14.29
N CYS A 78 5.23 0.24 -13.81
CA CYS A 78 6.60 0.68 -13.58
C CYS A 78 7.51 -0.15 -14.50
N HIS A 79 7.30 -1.46 -14.46
CA HIS A 79 8.11 -2.36 -15.27
C HIS A 79 7.37 -2.68 -16.57
N ASP A 80 7.63 -1.86 -17.58
CA ASP A 80 7.01 -2.05 -18.88
C ASP A 80 7.89 -2.92 -19.75
N ASP A 81 8.59 -3.85 -19.10
CA ASP A 81 9.48 -4.75 -19.82
C ASP A 81 8.83 -6.14 -19.91
N GLY A 82 7.52 -6.16 -19.67
CA GLY A 82 6.77 -7.40 -19.72
C GLY A 82 6.56 -7.98 -18.32
N ARG A 83 7.38 -7.50 -17.39
CA ARG A 83 7.29 -7.95 -16.01
C ARG A 83 5.84 -8.24 -15.65
N THR A 84 5.64 -9.38 -14.99
CA THR A 84 4.31 -9.78 -14.57
C THR A 84 4.32 -10.22 -13.11
N ALA A 85 3.14 -10.15 -12.50
CA ALA A 85 3.01 -10.55 -11.11
C ALA A 85 3.40 -12.02 -10.95
N LYS A 86 3.79 -12.37 -9.73
CA LYS A 86 4.18 -13.73 -9.44
C LYS A 86 3.02 -14.48 -8.78
N ALA A 1 -20.04 -2.27 -0.81
CA ALA A 1 -19.71 -2.86 -2.10
C ALA A 1 -18.29 -2.45 -2.50
N ASP A 2 -17.96 -2.71 -3.75
CA ASP A 2 -16.64 -2.38 -4.26
C ASP A 2 -16.22 -1.01 -3.71
N GLU A 3 -15.34 -1.05 -2.72
CA GLU A 3 -14.85 0.18 -2.11
C GLU A 3 -13.32 0.22 -2.16
N THR A 4 -12.79 1.43 -1.99
CA THR A 4 -11.36 1.62 -2.02
C THR A 4 -10.70 0.94 -0.82
N LEU A 5 -9.41 0.69 -0.95
CA LEU A 5 -8.66 0.04 0.11
C LEU A 5 -8.70 0.92 1.36
N ALA A 6 -8.62 2.23 1.13
CA ALA A 6 -8.65 3.18 2.22
C ALA A 6 -9.96 3.02 3.00
N GLU A 7 -11.02 2.76 2.26
CA GLU A 7 -12.33 2.58 2.87
C GLU A 7 -12.36 1.28 3.69
N PHE A 8 -11.95 0.20 3.04
CA PHE A 8 -11.94 -1.10 3.69
C PHE A 8 -11.22 -1.03 5.03
N HIS A 9 -10.16 -0.23 5.06
CA HIS A 9 -9.38 -0.06 6.27
C HIS A 9 -10.14 0.82 7.26
N VAL A 10 -10.82 1.81 6.71
CA VAL A 10 -11.59 2.74 7.52
C VAL A 10 -12.60 1.95 8.36
N GLU A 11 -13.41 1.15 7.67
CA GLU A 11 -14.41 0.35 8.34
C GLU A 11 -13.77 -0.48 9.45
N MET A 12 -12.46 -0.65 9.35
CA MET A 12 -11.72 -1.41 10.34
C MET A 12 -10.93 -0.49 11.27
N GLY A 13 -11.35 0.76 11.29
CA GLY A 13 -10.69 1.76 12.13
C GLY A 13 -11.25 3.16 11.88
N GLY A 14 -10.77 3.75 10.79
CA GLY A 14 -11.21 5.10 10.42
C GLY A 14 -10.21 5.75 9.47
N CYS A 15 -10.38 7.05 9.29
CA CYS A 15 -9.50 7.81 8.42
C CYS A 15 -8.17 8.01 9.12
N GLU A 16 -8.21 7.89 10.45
CA GLU A 16 -7.01 8.06 11.25
C GLU A 16 -6.21 6.75 11.29
N ASN A 17 -6.58 5.84 10.41
CA ASN A 17 -5.92 4.56 10.33
C ASN A 17 -4.51 4.74 9.74
N CYS A 18 -4.41 5.74 8.88
CA CYS A 18 -3.13 6.05 8.24
C CYS A 18 -2.97 7.56 8.19
N HIS A 19 -3.76 8.24 9.01
CA HIS A 19 -3.71 9.69 9.06
C HIS A 19 -3.70 10.15 10.52
N ALA A 20 -2.76 11.04 10.81
CA ALA A 20 -2.62 11.56 12.17
C ALA A 20 -3.47 12.83 12.31
N ASP A 21 -4.40 12.78 13.25
CA ASP A 21 -5.27 13.91 13.49
C ASP A 21 -5.69 14.52 12.15
N GLY A 22 -5.99 13.66 11.20
CA GLY A 22 -6.39 14.10 9.87
C GLY A 22 -5.34 15.03 9.26
N GLU A 23 -4.12 14.54 9.23
CA GLU A 23 -3.01 15.31 8.67
C GLU A 23 -2.09 14.40 7.86
N PRO A 24 -2.48 14.16 6.61
CA PRO A 24 -1.76 13.34 5.67
C PRO A 24 -0.29 13.70 5.69
N SER A 25 0.56 12.72 5.97
CA SER A 25 1.99 12.96 6.03
C SER A 25 2.45 13.70 4.76
N LYS A 26 3.54 14.44 4.91
CA LYS A 26 4.08 15.20 3.79
C LYS A 26 5.46 14.64 3.43
N ASP A 27 5.59 13.33 3.53
CA ASP A 27 6.84 12.66 3.22
C ASP A 27 6.55 11.28 2.64
N GLY A 28 5.92 10.45 3.47
CA GLY A 28 5.58 9.10 3.05
C GLY A 28 6.17 8.07 4.01
N ALA A 29 7.29 8.43 4.62
CA ALA A 29 7.96 7.55 5.55
C ALA A 29 7.06 7.34 6.77
N TYR A 30 6.66 8.46 7.38
CA TYR A 30 5.81 8.43 8.55
C TYR A 30 4.59 7.55 8.29
N GLU A 31 3.97 7.73 7.13
CA GLU A 31 2.81 6.95 6.77
C GLU A 31 3.20 5.48 6.56
N PHE A 32 4.24 5.30 5.75
CA PHE A 32 4.72 3.96 5.45
C PHE A 32 4.84 3.12 6.73
N GLU A 33 4.98 3.80 7.85
CA GLU A 33 5.08 3.13 9.13
C GLU A 33 3.74 2.51 9.52
N GLN A 34 2.68 3.28 9.30
CA GLN A 34 1.35 2.82 9.63
C GLN A 34 1.12 1.42 9.06
N CYS A 35 1.67 1.18 7.88
CA CYS A 35 1.54 -0.10 7.22
C CYS A 35 2.70 -1.00 7.67
N GLN A 36 2.92 -1.00 8.98
CA GLN A 36 3.99 -1.80 9.55
C GLN A 36 3.64 -2.22 10.97
N SER A 37 2.57 -3.00 11.07
CA SER A 37 2.11 -3.49 12.36
C SER A 37 1.16 -4.67 12.17
N CYS A 38 -0.04 -4.35 11.71
CA CYS A 38 -1.06 -5.37 11.49
C CYS A 38 -0.61 -6.23 10.29
N HIS A 39 0.43 -5.77 9.63
CA HIS A 39 0.97 -6.48 8.48
C HIS A 39 2.41 -6.93 8.77
N GLY A 40 3.33 -6.03 8.47
CA GLY A 40 4.74 -6.31 8.69
C GLY A 40 5.63 -5.50 7.74
N SER A 41 6.80 -6.04 7.47
CA SER A 41 7.75 -5.38 6.58
C SER A 41 7.86 -6.15 5.27
N LEU A 42 8.12 -5.40 4.20
CA LEU A 42 8.25 -6.01 2.89
C LEU A 42 9.34 -7.09 2.94
N ALA A 43 10.35 -6.84 3.75
CA ALA A 43 11.45 -7.77 3.89
C ALA A 43 10.96 -9.02 4.61
N GLU A 44 9.73 -8.94 5.09
CA GLU A 44 9.13 -10.06 5.80
C GLU A 44 7.94 -10.62 5.01
N MET A 45 7.95 -10.32 3.72
CA MET A 45 6.89 -10.79 2.84
C MET A 45 7.43 -11.72 1.75
N ASP A 46 6.56 -12.08 0.83
CA ASP A 46 6.94 -12.97 -0.26
C ASP A 46 8.25 -12.46 -0.89
N ASP A 47 8.73 -13.22 -1.86
CA ASP A 47 9.96 -12.86 -2.55
C ASP A 47 9.64 -11.83 -3.64
N ASN A 48 8.39 -11.38 -3.63
CA ASN A 48 7.95 -10.39 -4.61
C ASN A 48 7.91 -9.01 -3.95
N HIS A 49 7.63 -9.02 -2.66
CA HIS A 49 7.57 -7.78 -1.90
C HIS A 49 8.96 -7.39 -1.42
N LYS A 50 9.76 -8.41 -1.11
CA LYS A 50 11.11 -8.18 -0.64
C LYS A 50 11.85 -7.29 -1.64
N PRO A 51 12.07 -7.84 -2.83
CA PRO A 51 12.74 -7.16 -3.93
C PRO A 51 12.51 -5.67 -3.84
N HIS A 52 11.28 -5.28 -3.55
CA HIS A 52 10.95 -3.87 -3.43
C HIS A 52 11.35 -3.35 -2.05
N ASP A 53 10.97 -4.11 -1.04
CA ASP A 53 11.28 -3.74 0.33
C ASP A 53 12.48 -2.79 0.34
N GLY A 54 12.17 -1.51 0.54
CA GLY A 54 13.20 -0.48 0.57
C GLY A 54 13.35 0.18 -0.80
N LEU A 55 12.23 0.66 -1.31
CA LEU A 55 12.22 1.32 -2.61
C LEU A 55 10.98 2.19 -2.74
N LEU A 56 9.83 1.53 -2.71
CA LEU A 56 8.55 2.22 -2.82
C LEU A 56 7.64 1.79 -1.68
N MET A 57 6.76 2.70 -1.29
CA MET A 57 5.82 2.43 -0.21
C MET A 57 4.70 1.50 -0.68
N CYS A 58 3.87 1.11 0.27
CA CYS A 58 2.76 0.22 -0.03
C CYS A 58 1.80 0.95 -0.96
N ALA A 59 1.13 1.95 -0.41
CA ALA A 59 0.18 2.74 -1.18
C ALA A 59 0.73 2.94 -2.60
N ASP A 60 1.96 3.42 -2.66
CA ASP A 60 2.61 3.67 -3.93
C ASP A 60 2.21 2.57 -4.92
N CYS A 61 1.98 1.38 -4.38
CA CYS A 61 1.58 0.25 -5.20
C CYS A 61 0.10 -0.03 -4.95
N HIS A 62 -0.22 -0.22 -3.68
CA HIS A 62 -1.60 -0.50 -3.29
C HIS A 62 -2.37 0.81 -3.15
N ALA A 63 -2.33 1.60 -4.21
CA ALA A 63 -3.02 2.88 -4.22
C ALA A 63 -4.36 2.74 -3.51
N PRO A 64 -4.37 3.14 -2.23
CA PRO A 64 -5.54 3.09 -1.37
C PRO A 64 -6.62 4.01 -1.92
N HIS A 65 -6.28 5.27 -2.11
CA HIS A 65 -7.23 6.23 -2.63
C HIS A 65 -7.34 6.08 -4.15
N GLU A 66 -7.64 4.86 -4.57
CA GLU A 66 -7.77 4.57 -5.98
C GLU A 66 -8.11 3.09 -6.20
N ALA A 67 -7.20 2.24 -5.76
CA ALA A 67 -7.38 0.81 -5.89
C ALA A 67 -8.55 0.36 -5.00
N LYS A 68 -9.24 -0.68 -5.45
CA LYS A 68 -10.37 -1.20 -4.70
C LYS A 68 -10.04 -2.62 -4.22
N VAL A 69 -10.38 -2.87 -2.96
CA VAL A 69 -10.12 -4.17 -2.37
C VAL A 69 -10.30 -5.26 -3.44
N GLY A 70 -9.31 -6.13 -3.51
CA GLY A 70 -9.35 -7.21 -4.48
C GLY A 70 -8.79 -6.77 -5.83
N GLU A 71 -7.77 -5.94 -5.77
CA GLU A 71 -7.14 -5.42 -6.97
C GLU A 71 -5.65 -5.74 -6.98
N LYS A 72 -5.21 -6.36 -8.07
CA LYS A 72 -3.81 -6.73 -8.20
C LYS A 72 -3.13 -5.75 -9.16
N PRO A 73 -2.28 -4.89 -8.59
CA PRO A 73 -1.53 -3.90 -9.31
C PRO A 73 -0.86 -4.52 -10.53
N THR A 74 -0.53 -3.72 -11.52
CA THR A 74 0.10 -4.22 -12.73
C THR A 74 1.53 -3.70 -12.83
N CYS A 75 2.46 -4.62 -13.07
CA CYS A 75 3.85 -4.25 -13.20
C CYS A 75 4.00 -3.30 -14.39
N ASP A 76 3.06 -3.41 -15.31
CA ASP A 76 3.08 -2.56 -16.50
C ASP A 76 2.86 -1.11 -16.08
N THR A 77 2.50 -0.94 -14.81
CA THR A 77 2.26 0.40 -14.27
C THR A 77 3.55 0.99 -13.71
N CYS A 78 4.66 0.35 -14.07
CA CYS A 78 5.96 0.80 -13.61
C CYS A 78 7.03 0.15 -14.49
N HIS A 79 6.97 -1.17 -14.54
CA HIS A 79 7.94 -1.93 -15.34
C HIS A 79 7.38 -2.13 -16.76
N ASP A 80 8.23 -1.83 -17.72
CA ASP A 80 7.84 -1.97 -19.12
C ASP A 80 8.81 -2.91 -19.83
N ASP A 81 9.26 -3.92 -19.09
CA ASP A 81 10.20 -4.89 -19.63
C ASP A 81 9.53 -6.27 -19.64
N GLY A 82 8.21 -6.26 -19.65
CA GLY A 82 7.45 -7.50 -19.67
C GLY A 82 7.14 -7.98 -18.24
N ARG A 83 7.87 -7.40 -17.29
CA ARG A 83 7.69 -7.74 -15.90
C ARG A 83 6.22 -8.05 -15.61
N THR A 84 5.99 -9.22 -15.01
CA THR A 84 4.65 -9.64 -14.67
C THR A 84 4.60 -10.23 -13.27
N ALA A 85 3.42 -10.19 -12.68
CA ALA A 85 3.23 -10.72 -11.34
C ALA A 85 3.43 -12.24 -11.35
N LYS A 86 3.81 -12.76 -10.20
CA LYS A 86 4.04 -14.19 -10.07
C LYS A 86 2.89 -14.82 -9.27
N ALA A 1 -14.45 -0.02 -8.44
CA ALA A 1 -15.84 -0.24 -8.08
C ALA A 1 -15.92 -0.61 -6.60
N ASP A 2 -15.20 -1.68 -6.25
CA ASP A 2 -15.18 -2.16 -4.88
C ASP A 2 -14.67 -1.04 -3.97
N GLU A 3 -15.15 -1.06 -2.74
CA GLU A 3 -14.74 -0.06 -1.76
C GLU A 3 -13.22 0.08 -1.75
N THR A 4 -12.78 1.31 -1.96
CA THR A 4 -11.35 1.61 -1.99
C THR A 4 -10.65 0.92 -0.81
N LEU A 5 -9.35 0.76 -0.95
CA LEU A 5 -8.55 0.12 0.08
C LEU A 5 -8.59 0.97 1.34
N ALA A 6 -8.57 2.28 1.15
CA ALA A 6 -8.60 3.21 2.26
C ALA A 6 -9.91 3.02 3.03
N GLU A 7 -10.94 2.61 2.30
CA GLU A 7 -12.24 2.39 2.91
C GLU A 7 -12.22 1.12 3.77
N PHE A 8 -11.96 0.00 3.11
CA PHE A 8 -11.90 -1.27 3.80
C PHE A 8 -11.17 -1.15 5.13
N HIS A 9 -10.10 -0.36 5.11
CA HIS A 9 -9.31 -0.15 6.31
C HIS A 9 -10.08 0.75 7.29
N VAL A 10 -10.75 1.74 6.73
CA VAL A 10 -11.53 2.67 7.54
C VAL A 10 -12.54 1.89 8.36
N GLU A 11 -13.36 1.11 7.66
CA GLU A 11 -14.38 0.31 8.31
C GLU A 11 -13.76 -0.54 9.42
N MET A 12 -12.45 -0.73 9.32
CA MET A 12 -11.73 -1.51 10.31
C MET A 12 -11.00 -0.60 11.31
N GLY A 13 -11.44 0.65 11.34
CA GLY A 13 -10.84 1.62 12.24
C GLY A 13 -11.38 3.03 11.96
N GLY A 14 -10.85 3.62 10.91
CA GLY A 14 -11.27 4.96 10.52
C GLY A 14 -10.24 5.61 9.58
N CYS A 15 -10.38 6.92 9.42
CA CYS A 15 -9.48 7.66 8.55
C CYS A 15 -8.15 7.82 9.28
N GLU A 16 -8.18 7.55 10.58
CA GLU A 16 -6.99 7.67 11.39
C GLU A 16 -6.15 6.39 11.30
N ASN A 17 -6.52 5.55 10.33
CA ASN A 17 -5.82 4.29 10.13
C ASN A 17 -4.45 4.58 9.52
N CYS A 18 -4.37 5.70 8.82
CA CYS A 18 -3.12 6.09 8.18
C CYS A 18 -3.04 7.62 8.19
N HIS A 19 -3.71 8.21 9.17
CA HIS A 19 -3.72 9.66 9.30
C HIS A 19 -3.77 10.05 10.78
N ALA A 20 -2.96 11.02 11.14
CA ALA A 20 -2.91 11.48 12.52
C ALA A 20 -3.76 12.74 12.65
N ASP A 21 -4.77 12.65 13.50
CA ASP A 21 -5.66 13.77 13.75
C ASP A 21 -6.02 14.42 12.40
N GLY A 22 -6.21 13.56 11.40
CA GLY A 22 -6.57 14.03 10.08
C GLY A 22 -5.53 15.03 9.55
N GLU A 23 -4.30 14.57 9.47
CA GLU A 23 -3.21 15.41 8.99
C GLU A 23 -2.24 14.58 8.15
N PRO A 24 -2.67 14.26 6.93
CA PRO A 24 -1.91 13.49 5.97
C PRO A 24 -0.48 13.98 5.94
N SER A 25 0.46 13.09 6.27
CA SER A 25 1.87 13.46 6.29
C SER A 25 2.24 14.13 4.96
N LYS A 26 3.29 14.93 5.02
CA LYS A 26 3.77 15.63 3.84
C LYS A 26 5.10 15.03 3.40
N ASP A 27 5.19 13.70 3.50
CA ASP A 27 6.39 13.00 3.11
C ASP A 27 6.02 11.64 2.50
N GLY A 28 5.40 10.82 3.33
CA GLY A 28 4.98 9.50 2.89
C GLY A 28 5.53 8.41 3.81
N ALA A 29 6.76 8.63 4.27
CA ALA A 29 7.41 7.68 5.15
C ALA A 29 6.55 7.49 6.41
N TYR A 30 6.11 8.64 6.96
CA TYR A 30 5.29 8.63 8.16
C TYR A 30 4.14 7.65 7.99
N GLU A 31 3.49 7.68 6.83
CA GLU A 31 2.37 6.80 6.57
C GLU A 31 2.86 5.35 6.46
N PHE A 32 3.89 5.16 5.65
CA PHE A 32 4.46 3.85 5.45
C PHE A 32 4.65 3.12 6.78
N GLU A 33 4.82 3.91 7.83
CA GLU A 33 5.01 3.36 9.16
C GLU A 33 3.73 2.69 9.64
N GLN A 34 2.62 3.35 9.38
CA GLN A 34 1.33 2.81 9.79
C GLN A 34 1.14 1.39 9.23
N CYS A 35 1.65 1.19 8.03
CA CYS A 35 1.55 -0.10 7.37
C CYS A 35 2.73 -0.96 7.84
N GLN A 36 2.94 -0.99 9.15
CA GLN A 36 4.02 -1.77 9.72
C GLN A 36 3.64 -2.27 11.11
N SER A 37 2.61 -3.10 11.14
CA SER A 37 2.13 -3.66 12.40
C SER A 37 1.18 -4.83 12.13
N CYS A 38 -0.01 -4.49 11.66
CA CYS A 38 -1.01 -5.50 11.36
C CYS A 38 -0.52 -6.33 10.17
N HIS A 39 0.52 -5.80 9.53
CA HIS A 39 1.10 -6.49 8.37
C HIS A 39 2.54 -6.89 8.69
N GLY A 40 3.45 -5.97 8.40
CA GLY A 40 4.87 -6.22 8.65
C GLY A 40 5.74 -5.41 7.70
N SER A 41 6.93 -5.92 7.45
CA SER A 41 7.87 -5.25 6.57
C SER A 41 7.98 -6.02 5.24
N LEU A 42 8.21 -5.27 4.18
CA LEU A 42 8.33 -5.86 2.86
C LEU A 42 9.43 -6.93 2.89
N ALA A 43 10.46 -6.66 3.69
CA ALA A 43 11.57 -7.59 3.82
C ALA A 43 11.11 -8.83 4.58
N GLU A 44 9.88 -8.76 5.06
CA GLU A 44 9.30 -9.88 5.81
C GLU A 44 8.03 -10.38 5.12
N MET A 45 7.97 -10.15 3.81
CA MET A 45 6.82 -10.57 3.02
C MET A 45 7.23 -11.61 1.98
N ASP A 46 6.28 -11.93 1.12
CA ASP A 46 6.52 -12.90 0.07
C ASP A 46 7.81 -12.54 -0.68
N ASP A 47 8.15 -13.37 -1.65
CA ASP A 47 9.35 -13.14 -2.44
C ASP A 47 9.04 -12.15 -3.55
N ASN A 48 7.86 -11.56 -3.47
CA ASN A 48 7.44 -10.58 -4.45
C ASN A 48 7.57 -9.17 -3.87
N HIS A 49 7.41 -9.09 -2.56
CA HIS A 49 7.51 -7.81 -1.87
C HIS A 49 8.97 -7.57 -1.46
N LYS A 50 9.65 -8.67 -1.10
CA LYS A 50 11.03 -8.59 -0.69
C LYS A 50 11.83 -7.86 -1.77
N PRO A 51 11.84 -8.45 -2.96
CA PRO A 51 12.54 -7.94 -4.12
C PRO A 51 12.65 -6.42 -4.02
N HIS A 52 11.57 -5.77 -3.62
CA HIS A 52 11.57 -4.33 -3.49
C HIS A 52 12.19 -3.93 -2.15
N ASP A 53 11.55 -4.39 -1.08
CA ASP A 53 12.02 -4.09 0.26
C ASP A 53 12.92 -2.86 0.22
N GLY A 54 12.31 -1.70 0.36
CA GLY A 54 13.05 -0.45 0.34
C GLY A 54 13.24 0.05 -1.10
N LEU A 55 12.13 0.39 -1.73
CA LEU A 55 12.16 0.87 -3.09
C LEU A 55 10.96 1.78 -3.34
N LEU A 56 9.80 1.30 -2.90
CA LEU A 56 8.57 2.06 -3.06
C LEU A 56 7.64 1.77 -1.88
N MET A 57 6.77 2.74 -1.61
CA MET A 57 5.83 2.60 -0.51
C MET A 57 4.67 1.69 -0.89
N CYS A 58 3.94 1.24 0.12
CA CYS A 58 2.81 0.36 -0.09
C CYS A 58 1.83 1.06 -1.03
N ALA A 59 1.19 2.09 -0.50
CA ALA A 59 0.23 2.86 -1.29
C ALA A 59 0.76 3.05 -2.71
N ASP A 60 1.98 3.55 -2.78
CA ASP A 60 2.62 3.78 -4.07
C ASP A 60 2.23 2.66 -5.03
N CYS A 61 2.03 1.47 -4.46
CA CYS A 61 1.67 0.31 -5.25
C CYS A 61 0.20 -0.01 -4.98
N HIS A 62 -0.16 0.03 -3.71
CA HIS A 62 -1.53 -0.25 -3.30
C HIS A 62 -2.29 1.06 -3.14
N ALA A 63 -2.22 1.88 -4.18
CA ALA A 63 -2.91 3.16 -4.16
C ALA A 63 -4.27 3.00 -3.49
N PRO A 64 -4.30 3.35 -2.19
CA PRO A 64 -5.48 3.28 -1.37
C PRO A 64 -6.55 4.22 -1.90
N HIS A 65 -6.20 5.50 -2.04
CA HIS A 65 -7.14 6.48 -2.53
C HIS A 65 -7.22 6.38 -4.07
N GLU A 66 -7.62 5.21 -4.53
CA GLU A 66 -7.75 4.97 -5.96
C GLU A 66 -8.04 3.49 -6.23
N ALA A 67 -7.19 2.64 -5.68
CA ALA A 67 -7.34 1.21 -5.86
C ALA A 67 -8.59 0.74 -5.11
N LYS A 68 -8.95 -0.52 -5.34
CA LYS A 68 -10.12 -1.09 -4.70
C LYS A 68 -9.77 -2.50 -4.19
N VAL A 69 -10.20 -2.78 -2.97
CA VAL A 69 -9.94 -4.07 -2.36
C VAL A 69 -10.05 -5.16 -3.43
N GLY A 70 -9.04 -6.01 -3.48
CA GLY A 70 -9.01 -7.09 -4.44
C GLY A 70 -8.46 -6.61 -5.79
N GLU A 71 -7.47 -5.74 -5.70
CA GLU A 71 -6.85 -5.20 -6.90
C GLU A 71 -5.37 -5.58 -6.95
N LYS A 72 -4.97 -6.09 -8.10
CA LYS A 72 -3.57 -6.49 -8.29
C LYS A 72 -2.89 -5.50 -9.23
N PRO A 73 -2.05 -4.65 -8.65
CA PRO A 73 -1.29 -3.64 -9.35
C PRO A 73 -0.62 -4.25 -10.56
N THR A 74 -0.32 -3.42 -11.56
CA THR A 74 0.32 -3.90 -12.77
C THR A 74 1.78 -3.44 -12.83
N CYS A 75 2.65 -4.39 -13.09
CA CYS A 75 4.07 -4.09 -13.18
C CYS A 75 4.31 -3.23 -14.43
N ASP A 76 3.63 -3.59 -15.50
CA ASP A 76 3.74 -2.86 -16.75
C ASP A 76 3.75 -1.37 -16.46
N THR A 77 3.11 -1.00 -15.36
CA THR A 77 3.03 0.39 -14.96
C THR A 77 4.43 0.96 -14.70
N CYS A 78 5.24 0.16 -14.01
CA CYS A 78 6.60 0.57 -13.69
C CYS A 78 7.55 -0.24 -14.58
N HIS A 79 7.39 -1.55 -14.54
CA HIS A 79 8.23 -2.43 -15.33
C HIS A 79 7.54 -2.74 -16.66
N ASP A 80 7.88 -1.94 -17.66
CA ASP A 80 7.30 -2.12 -18.99
C ASP A 80 8.19 -3.06 -19.80
N ASP A 81 8.78 -4.01 -19.10
CA ASP A 81 9.66 -4.98 -19.75
C ASP A 81 8.96 -6.34 -19.81
N GLY A 82 7.65 -6.30 -19.63
CA GLY A 82 6.86 -7.52 -19.66
C GLY A 82 6.63 -8.06 -18.24
N ARG A 83 7.47 -7.58 -17.32
CA ARG A 83 7.38 -8.01 -15.94
C ARG A 83 5.92 -8.25 -15.55
N THR A 84 5.67 -9.42 -14.98
CA THR A 84 4.34 -9.79 -14.57
C THR A 84 4.35 -10.31 -13.12
N ALA A 85 3.19 -10.22 -12.48
CA ALA A 85 3.06 -10.67 -11.11
C ALA A 85 3.42 -12.15 -11.03
N LYS A 86 3.75 -12.59 -9.82
CA LYS A 86 4.11 -13.98 -9.60
C LYS A 86 3.22 -14.56 -8.50
N ALA A 1 -16.15 -2.15 -9.30
CA ALA A 1 -17.18 -1.76 -8.36
C ALA A 1 -16.84 -2.31 -6.97
N ASP A 2 -15.66 -1.95 -6.51
CA ASP A 2 -15.19 -2.40 -5.20
C ASP A 2 -14.77 -1.19 -4.38
N GLU A 3 -14.98 -1.29 -3.07
CA GLU A 3 -14.63 -0.22 -2.16
C GLU A 3 -13.12 -0.04 -2.12
N THR A 4 -12.72 1.23 -2.06
CA THR A 4 -11.30 1.56 -2.01
C THR A 4 -10.62 0.85 -0.84
N LEU A 5 -9.30 0.79 -0.91
CA LEU A 5 -8.52 0.15 0.13
C LEU A 5 -8.58 1.00 1.40
N ALA A 6 -8.42 2.31 1.21
CA ALA A 6 -8.45 3.23 2.33
C ALA A 6 -9.80 3.11 3.05
N GLU A 7 -10.82 2.79 2.27
CA GLU A 7 -12.16 2.65 2.82
C GLU A 7 -12.26 1.36 3.64
N PHE A 8 -11.76 0.28 3.05
CA PHE A 8 -11.79 -1.02 3.72
C PHE A 8 -11.07 -0.96 5.07
N HIS A 9 -10.05 -0.11 5.12
CA HIS A 9 -9.27 0.05 6.33
C HIS A 9 -10.02 0.98 7.29
N VAL A 10 -10.93 1.75 6.74
CA VAL A 10 -11.71 2.69 7.53
C VAL A 10 -12.80 1.92 8.29
N GLU A 11 -13.56 1.13 7.54
CA GLU A 11 -14.62 0.34 8.13
C GLU A 11 -14.10 -0.45 9.33
N MET A 12 -12.81 -0.76 9.28
CA MET A 12 -12.17 -1.51 10.35
C MET A 12 -11.43 -0.57 11.31
N GLY A 13 -11.78 0.70 11.22
CA GLY A 13 -11.15 1.71 12.07
C GLY A 13 -11.69 3.10 11.75
N GLY A 14 -11.02 3.77 10.82
CA GLY A 14 -11.42 5.10 10.41
C GLY A 14 -10.37 5.74 9.50
N CYS A 15 -10.48 7.05 9.35
CA CYS A 15 -9.55 7.78 8.50
C CYS A 15 -8.25 7.96 9.27
N GLU A 16 -8.32 7.74 10.57
CA GLU A 16 -7.16 7.88 11.43
C GLU A 16 -6.35 6.57 11.44
N ASN A 17 -6.68 5.72 10.48
CA ASN A 17 -5.99 4.44 10.36
C ASN A 17 -4.58 4.67 9.80
N CYS A 18 -4.44 5.76 9.07
CA CYS A 18 -3.16 6.11 8.49
C CYS A 18 -3.04 7.63 8.44
N HIS A 19 -3.80 8.27 9.32
CA HIS A 19 -3.80 9.73 9.39
C HIS A 19 -3.88 10.16 10.86
N ALA A 20 -2.99 11.08 11.22
CA ALA A 20 -2.96 11.59 12.58
C ALA A 20 -3.83 12.85 12.67
N ASP A 21 -4.86 12.73 13.50
CA ASP A 21 -5.78 13.85 13.69
C ASP A 21 -6.07 14.51 12.34
N GLY A 22 -6.19 13.67 11.32
CA GLY A 22 -6.46 14.15 9.97
C GLY A 22 -5.36 15.12 9.51
N GLU A 23 -4.15 14.60 9.46
CA GLU A 23 -3.01 15.41 9.03
C GLU A 23 -2.04 14.56 8.22
N PRO A 24 -2.50 14.14 7.03
CA PRO A 24 -1.75 13.33 6.11
C PRO A 24 -0.30 13.82 6.05
N SER A 25 0.64 12.93 6.35
CA SER A 25 2.05 13.29 6.33
C SER A 25 2.39 14.01 5.02
N LYS A 26 3.52 14.70 5.05
CA LYS A 26 3.96 15.44 3.88
C LYS A 26 5.26 14.82 3.36
N ASP A 27 5.33 13.51 3.45
CA ASP A 27 6.50 12.78 2.99
C ASP A 27 6.07 11.40 2.47
N GLY A 28 5.51 10.61 3.37
CA GLY A 28 5.06 9.28 3.02
C GLY A 28 5.65 8.23 3.96
N ALA A 29 6.90 8.45 4.33
CA ALA A 29 7.59 7.53 5.24
C ALA A 29 6.75 7.35 6.50
N TYR A 30 6.15 8.45 6.95
CA TYR A 30 5.32 8.44 8.15
C TYR A 30 4.19 7.44 7.97
N GLU A 31 3.55 7.46 6.81
CA GLU A 31 2.45 6.54 6.55
C GLU A 31 2.96 5.11 6.47
N PHE A 32 4.02 4.94 5.69
CA PHE A 32 4.61 3.62 5.52
C PHE A 32 4.78 2.92 6.87
N GLU A 33 4.91 3.72 7.91
CA GLU A 33 5.09 3.19 9.25
C GLU A 33 3.78 2.55 9.74
N GLN A 34 2.68 3.22 9.43
CA GLN A 34 1.37 2.73 9.82
C GLN A 34 1.15 1.31 9.29
N CYS A 35 1.69 1.08 8.10
CA CYS A 35 1.55 -0.22 7.47
C CYS A 35 2.71 -1.11 7.95
N GLN A 36 2.92 -1.10 9.25
CA GLN A 36 3.98 -1.89 9.85
C GLN A 36 3.56 -2.37 11.24
N SER A 37 2.50 -3.17 11.27
CA SER A 37 2.00 -3.71 12.52
C SER A 37 1.05 -4.88 12.25
N CYS A 38 -0.13 -4.54 11.76
CA CYS A 38 -1.13 -5.55 11.45
C CYS A 38 -0.64 -6.36 10.24
N HIS A 39 0.41 -5.85 9.63
CA HIS A 39 0.98 -6.51 8.46
C HIS A 39 2.43 -6.92 8.76
N GLY A 40 3.33 -5.99 8.49
CA GLY A 40 4.75 -6.24 8.72
C GLY A 40 5.62 -5.39 7.79
N SER A 41 6.78 -5.93 7.46
CA SER A 41 7.71 -5.23 6.58
C SER A 41 7.87 -6.01 5.28
N LEU A 42 8.19 -5.27 4.22
CA LEU A 42 8.38 -5.87 2.92
C LEU A 42 9.49 -6.93 3.00
N ALA A 43 10.40 -6.70 3.93
CA ALA A 43 11.51 -7.62 4.12
C ALA A 43 11.02 -8.87 4.84
N GLU A 44 9.73 -8.86 5.18
CA GLU A 44 9.13 -9.99 5.85
C GLU A 44 7.94 -10.52 5.04
N MET A 45 8.00 -10.30 3.74
CA MET A 45 6.94 -10.75 2.85
C MET A 45 7.49 -11.70 1.78
N ASP A 46 6.63 -12.03 0.84
CA ASP A 46 7.02 -12.92 -0.24
C ASP A 46 8.32 -12.42 -0.88
N ASP A 47 8.78 -13.17 -1.87
CA ASP A 47 10.00 -12.80 -2.57
C ASP A 47 9.69 -11.77 -3.64
N ASN A 48 8.45 -11.29 -3.62
CA ASN A 48 8.02 -10.29 -4.58
C ASN A 48 8.00 -8.91 -3.90
N HIS A 49 7.71 -8.93 -2.61
CA HIS A 49 7.66 -7.69 -1.85
C HIS A 49 9.06 -7.34 -1.35
N LYS A 50 9.81 -8.37 -1.02
CA LYS A 50 11.18 -8.17 -0.53
C LYS A 50 11.94 -7.28 -1.51
N PRO A 51 12.19 -7.83 -2.70
CA PRO A 51 12.90 -7.18 -3.77
C PRO A 51 12.65 -5.68 -3.70
N HIS A 52 11.39 -5.28 -3.53
CA HIS A 52 11.06 -3.87 -3.44
C HIS A 52 11.47 -3.32 -2.08
N ASP A 53 11.08 -4.04 -1.04
CA ASP A 53 11.41 -3.63 0.32
C ASP A 53 12.58 -2.65 0.28
N GLY A 54 12.25 -1.39 0.51
CA GLY A 54 13.26 -0.34 0.51
C GLY A 54 13.42 0.26 -0.89
N LEU A 55 12.29 0.68 -1.44
CA LEU A 55 12.29 1.28 -2.77
C LEU A 55 11.06 2.17 -2.93
N LEU A 56 9.90 1.52 -2.92
CA LEU A 56 8.65 2.24 -3.05
C LEU A 56 7.72 1.88 -1.89
N MET A 57 6.85 2.81 -1.55
CA MET A 57 5.91 2.60 -0.46
C MET A 57 4.79 1.67 -0.88
N CYS A 58 4.00 1.25 0.10
CA CYS A 58 2.88 0.35 -0.15
C CYS A 58 1.91 1.06 -1.10
N ALA A 59 1.24 2.07 -0.57
CA ALA A 59 0.29 2.83 -1.35
C ALA A 59 0.82 3.00 -2.77
N ASP A 60 2.06 3.48 -2.86
CA ASP A 60 2.69 3.69 -4.15
C ASP A 60 2.29 2.57 -5.11
N CYS A 61 2.06 1.40 -4.52
CA CYS A 61 1.66 0.25 -5.31
C CYS A 61 0.19 -0.05 -5.03
N HIS A 62 -0.14 -0.11 -3.75
CA HIS A 62 -1.50 -0.39 -3.33
C HIS A 62 -2.27 0.94 -3.20
N ALA A 63 -2.27 1.69 -4.28
CA ALA A 63 -2.95 2.98 -4.30
C ALA A 63 -4.26 2.86 -3.53
N PRO A 64 -4.22 3.27 -2.26
CA PRO A 64 -5.33 3.25 -1.34
C PRO A 64 -6.42 4.20 -1.84
N HIS A 65 -6.06 5.46 -2.03
CA HIS A 65 -7.01 6.45 -2.51
C HIS A 65 -7.13 6.36 -4.03
N GLU A 66 -7.55 5.20 -4.48
CA GLU A 66 -7.72 4.97 -5.91
C GLU A 66 -8.05 3.50 -6.19
N ALA A 67 -7.13 2.63 -5.79
CA ALA A 67 -7.32 1.20 -5.98
C ALA A 67 -8.54 0.74 -5.18
N LYS A 68 -8.78 -0.56 -5.23
CA LYS A 68 -9.90 -1.14 -4.51
C LYS A 68 -9.53 -2.54 -4.03
N VAL A 69 -9.90 -2.83 -2.79
CA VAL A 69 -9.61 -4.12 -2.21
C VAL A 69 -9.72 -5.21 -3.28
N GLY A 70 -8.68 -6.04 -3.35
CA GLY A 70 -8.65 -7.11 -4.33
C GLY A 70 -8.12 -6.60 -5.68
N GLU A 71 -7.16 -5.71 -5.61
CA GLU A 71 -6.58 -5.14 -6.81
C GLU A 71 -5.20 -5.76 -7.07
N LYS A 72 -4.93 -6.00 -8.34
CA LYS A 72 -3.66 -6.59 -8.74
C LYS A 72 -2.88 -5.59 -9.61
N PRO A 73 -2.08 -4.75 -8.94
CA PRO A 73 -1.27 -3.73 -9.55
C PRO A 73 -0.54 -4.32 -10.75
N THR A 74 -0.57 -3.61 -11.87
CA THR A 74 0.10 -4.08 -13.07
C THR A 74 1.56 -3.62 -13.09
N CYS A 75 2.44 -4.58 -13.32
CA CYS A 75 3.87 -4.29 -13.37
C CYS A 75 4.12 -3.35 -14.55
N ASP A 76 3.46 -3.64 -15.65
CA ASP A 76 3.61 -2.83 -16.85
C ASP A 76 3.62 -1.35 -16.47
N THR A 77 2.95 -1.07 -15.36
CA THR A 77 2.87 0.30 -14.87
C THR A 77 4.27 0.88 -14.66
N CYS A 78 5.15 0.05 -14.10
CA CYS A 78 6.51 0.47 -13.85
C CYS A 78 7.44 -0.37 -14.73
N HIS A 79 7.24 -1.68 -14.67
CA HIS A 79 8.05 -2.59 -15.45
C HIS A 79 7.34 -2.90 -16.77
N ASP A 80 7.64 -2.09 -17.77
CA ASP A 80 7.05 -2.26 -19.09
C ASP A 80 7.93 -3.17 -19.93
N ASP A 81 8.57 -4.13 -19.26
CA ASP A 81 9.45 -5.07 -19.93
C ASP A 81 8.78 -6.44 -19.97
N GLY A 82 7.47 -6.44 -19.78
CA GLY A 82 6.71 -7.67 -19.78
C GLY A 82 6.47 -8.18 -18.36
N ARG A 83 7.23 -7.62 -17.44
CA ARG A 83 7.11 -8.02 -16.04
C ARG A 83 5.65 -8.33 -15.69
N THR A 84 5.45 -9.48 -15.08
CA THR A 84 4.12 -9.91 -14.69
C THR A 84 4.10 -10.36 -13.23
N ALA A 85 2.92 -10.30 -12.65
CA ALA A 85 2.76 -10.70 -11.26
C ALA A 85 2.96 -12.21 -11.14
N LYS A 86 3.46 -12.62 -9.99
CA LYS A 86 3.70 -14.04 -9.73
C LYS A 86 3.35 -14.35 -8.28
#